data_8W0J
#
_entry.id   8W0J
#
_cell.length_a   139.073
_cell.length_b   139.073
_cell.length_c   544.504
_cell.angle_alpha   90.00
_cell.angle_beta   90.00
_cell.angle_gamma   120.00
#
_symmetry.space_group_name_H-M   'P 61 2 2'
#
loop_
_entity.id
_entity.type
_entity.pdbx_description
1 polymer 'Acetyl-coenzyme A synthetase 2'
2 non-polymer "5'-O-{(S)-hydroxy[(prop-2-yn-1-yl)oxy]phosphoryl}adenosine"
3 non-polymer GLYCEROL
4 non-polymer 'TRIETHYLENE GLYCOL'
5 non-polymer 'SULFATE ION'
6 non-polymer 'CHLORIDE ION'
7 water water
#
_entity_poly.entity_id   1
_entity_poly.type   'polypeptide(L)'
_entity_poly.pdbx_seq_one_letter_code
;MHHHHHHHHENLYFQGPTEQTHNVVHEANGVKLRETPKEFFERQPNKGHIHDVNQYKQMYEQSIKDPQGFFGPLAKELLS
WDHDFHTVKSGTLKNGDAAWFLGGELNASYNCVDRHAFANPDKPALICEADDEKDSHILTYGDLLREVSKVAGVLQSWGI
KKGDTVAVYLPMNAQAIIAMLAIARLGAAHSVIFAGFSAGSIKDRVNDASCKALITCDEGKRGGRTTNIKKLCDEALVDC
PTVEKVLVYKRTNNPEIHLTEGRDYYWDVETAKFPGYLPPVSVNSEDPLFLLYTSGSTGTPKGVVHSTAGYLLGAALSTK
YIFDIHPEDILFTAGDVGWITGHTYALYGPLLLGVPTIIFEGTPAYPDYGRFWQIVEKHKATHFYVAPTALRLLRKAGEQ
EIAKYDLSSLRTLGSVGEPISPDIWEWYNEFVGKNQCHISDTYWQTESGSHLIAPLAGVVPNKPGSASYPFFGIDAALID
PVTGVEIEGNDAEGVLAIKDHWPSMARTVYKNHTKYMDTYMNPYPGYYFTGDGAARDHDGYYWIRGRVDDVVNVSGHRLS
TAEIEAALIEDKKVSEAAVVGIHDDITGQAVIAYVALKEGNSDEDSEGLRKELVLQVRKTIGPFAAPKSVIIVQDLPKTR
SGKIMRRILRKVSSNEADQLGDISTLSNPQSVEGIISAFGAQFGKK
;
_entity_poly.pdbx_strand_id   A,B,C
#
loop_
_chem_comp.id
_chem_comp.type
_chem_comp.name
_chem_comp.formula
CL non-polymer 'CHLORIDE ION' 'Cl -1'
GOL non-polymer GLYCEROL 'C3 H8 O3'
PGE non-polymer 'TRIETHYLENE GLYCOL' 'C6 H14 O4'
SO4 non-polymer 'SULFATE ION' 'O4 S -2'
YHT non-polymer 5'-O-{(S)-hydroxy[(prop-2-yn-1-yl)oxy]phosphoryl}adenosine 'C13 H16 N5 O7 P'
#
# COMPACT_ATOMS: atom_id res chain seq x y z
N GLU A 19 10.45 -55.39 -1.25
CA GLU A 19 10.67 -56.50 -0.32
C GLU A 19 9.74 -56.40 0.90
N GLN A 20 9.61 -57.51 1.64
CA GLN A 20 8.85 -57.50 2.88
C GLN A 20 9.71 -57.16 4.08
N THR A 21 11.00 -57.51 4.05
CA THR A 21 11.94 -57.24 5.14
C THR A 21 12.76 -56.00 4.84
N HIS A 22 13.11 -55.28 5.90
CA HIS A 22 13.90 -54.06 5.79
C HIS A 22 15.30 -54.31 6.34
N ASN A 23 16.31 -53.89 5.58
CA ASN A 23 17.70 -54.01 5.98
C ASN A 23 18.28 -52.72 6.55
N VAL A 24 17.58 -51.60 6.35
CA VAL A 24 18.01 -50.29 6.83
C VAL A 24 17.00 -49.71 7.81
N VAL A 25 15.72 -49.75 7.46
CA VAL A 25 14.67 -49.11 8.27
C VAL A 25 14.17 -50.19 9.23
N HIS A 26 14.87 -50.33 10.36
CA HIS A 26 14.52 -51.34 11.34
C HIS A 26 13.25 -51.01 12.10
N GLU A 27 12.89 -49.72 12.19
CA GLU A 27 11.63 -49.36 12.83
C GLU A 27 10.44 -50.07 12.20
N ALA A 28 10.51 -50.37 10.90
CA ALA A 28 9.34 -50.80 10.14
C ALA A 28 9.16 -52.30 10.09
N ASN A 29 10.13 -53.08 10.55
CA ASN A 29 10.03 -54.53 10.45
C ASN A 29 8.89 -55.04 11.31
N GLY A 30 8.01 -55.86 10.71
CA GLY A 30 6.96 -56.52 11.47
C GLY A 30 6.01 -55.55 12.14
N VAL A 31 5.68 -54.45 11.46
CA VAL A 31 4.79 -53.42 11.99
C VAL A 31 3.49 -53.49 11.21
N LYS A 32 2.41 -53.88 11.90
CA LYS A 32 1.11 -53.95 11.27
C LYS A 32 0.52 -52.56 11.05
N LEU A 33 -0.06 -52.35 9.88
CA LEU A 33 -0.79 -51.12 9.60
C LEU A 33 -1.99 -51.00 10.53
N ARG A 34 -2.33 -49.76 10.87
CA ARG A 34 -3.44 -49.48 11.79
C ARG A 34 -4.47 -48.64 11.03
N GLU A 35 -5.48 -49.31 10.49
CA GLU A 35 -6.50 -48.63 9.71
C GLU A 35 -7.31 -47.70 10.61
N THR A 36 -7.86 -46.65 10.01
CA THR A 36 -8.69 -45.74 10.77
C THR A 36 -9.90 -46.49 11.32
N PRO A 37 -10.20 -46.39 12.61
CA PRO A 37 -11.36 -47.11 13.15
C PRO A 37 -12.66 -46.64 12.52
N LYS A 38 -13.64 -47.55 12.48
CA LYS A 38 -14.91 -47.23 11.84
C LYS A 38 -15.64 -46.11 12.57
N GLU A 39 -15.47 -46.01 13.89
CA GLU A 39 -16.19 -44.99 14.63
C GLU A 39 -15.77 -43.59 14.20
N PHE A 40 -14.55 -43.44 13.68
CA PHE A 40 -14.12 -42.14 13.16
C PHE A 40 -15.11 -41.64 12.13
N PHE A 41 -15.51 -42.51 11.21
CA PHE A 41 -16.42 -42.10 10.15
C PHE A 41 -17.86 -41.94 10.65
N GLU A 42 -18.27 -42.75 11.63
CA GLU A 42 -19.58 -42.55 12.23
CA GLU A 42 -19.59 -42.55 12.23
C GLU A 42 -19.68 -41.17 12.89
N ARG A 43 -18.57 -40.68 13.44
CA ARG A 43 -18.54 -39.37 14.10
C ARG A 43 -18.26 -38.23 13.14
N GLN A 44 -17.96 -38.53 11.88
CA GLN A 44 -17.62 -37.49 10.91
C GLN A 44 -18.87 -36.72 10.50
N PRO A 45 -18.85 -35.39 10.55
CA PRO A 45 -20.09 -34.64 10.33
C PRO A 45 -20.56 -34.63 8.89
N ASN A 46 -19.66 -34.80 7.93
CA ASN A 46 -20.01 -34.76 6.52
C ASN A 46 -19.15 -35.76 5.76
N LYS A 47 -19.41 -35.90 4.48
CA LYS A 47 -18.50 -36.64 3.62
C LYS A 47 -17.09 -36.10 3.81
N GLY A 48 -16.13 -37.00 3.98
CA GLY A 48 -14.76 -36.58 4.19
C GLY A 48 -14.25 -35.75 3.03
N HIS A 49 -13.27 -34.91 3.32
CA HIS A 49 -12.72 -34.01 2.30
C HIS A 49 -11.98 -34.78 1.21
N ILE A 50 -11.49 -35.98 1.51
CA ILE A 50 -10.81 -36.82 0.53
C ILE A 50 -11.49 -38.18 0.49
N HIS A 51 -11.65 -38.71 -0.72
CA HIS A 51 -12.43 -39.91 -0.94
C HIS A 51 -11.71 -41.14 -0.38
N ASP A 52 -10.45 -41.33 -0.75
CA ASP A 52 -9.67 -42.46 -0.29
C ASP A 52 -8.20 -42.15 -0.51
N VAL A 53 -7.34 -43.11 -0.18
CA VAL A 53 -5.91 -42.89 -0.32
C VAL A 53 -5.51 -42.71 -1.78
N ASN A 54 -6.27 -43.30 -2.70
CA ASN A 54 -5.93 -43.13 -4.12
C ASN A 54 -6.20 -41.71 -4.59
N GLN A 55 -7.32 -41.12 -4.19
CA GLN A 55 -7.54 -39.71 -4.51
C GLN A 55 -6.43 -38.86 -3.90
N TYR A 56 -5.98 -39.20 -2.69
CA TYR A 56 -4.90 -38.46 -2.08
C TYR A 56 -3.63 -38.55 -2.92
N LYS A 57 -3.28 -39.75 -3.38
CA LYS A 57 -2.07 -39.90 -4.19
C LYS A 57 -2.16 -39.06 -5.46
N GLN A 58 -3.34 -39.06 -6.09
CA GLN A 58 -3.52 -38.25 -7.29
C GLN A 58 -3.37 -36.76 -6.99
N MET A 59 -4.01 -36.29 -5.92
CA MET A 59 -3.89 -34.88 -5.57
C MET A 59 -2.45 -34.54 -5.22
N TYR A 60 -1.76 -35.45 -4.51
CA TYR A 60 -0.37 -35.20 -4.17
C TYR A 60 0.49 -35.06 -5.43
N GLU A 61 0.38 -36.02 -6.34
CA GLU A 61 1.20 -35.98 -7.55
C GLU A 61 0.97 -34.69 -8.32
N GLN A 62 -0.26 -34.18 -8.33
CA GLN A 62 -0.50 -32.92 -9.01
C GLN A 62 0.14 -31.76 -8.27
N SER A 63 0.08 -31.78 -6.93
CA SER A 63 0.67 -30.69 -6.16
C SER A 63 2.19 -30.62 -6.34
N ILE A 64 2.81 -31.68 -6.86
CA ILE A 64 4.23 -31.70 -7.15
C ILE A 64 4.51 -31.38 -8.61
N LYS A 65 3.81 -32.06 -9.53
CA LYS A 65 4.06 -31.87 -10.96
C LYS A 65 3.47 -30.57 -11.49
N ASP A 66 2.34 -30.13 -10.94
CA ASP A 66 1.59 -28.99 -11.47
C ASP A 66 1.12 -28.10 -10.33
N PRO A 67 2.05 -27.46 -9.62
CA PRO A 67 1.62 -26.62 -8.48
C PRO A 67 0.67 -25.52 -8.90
N GLN A 68 0.81 -24.99 -10.12
CA GLN A 68 -0.06 -23.91 -10.57
C GLN A 68 -1.51 -24.36 -10.60
N GLY A 69 -1.77 -25.52 -11.21
CA GLY A 69 -3.13 -26.00 -11.34
C GLY A 69 -3.72 -26.54 -10.07
N PHE A 70 -2.88 -26.93 -9.10
CA PHE A 70 -3.35 -27.48 -7.84
C PHE A 70 -3.61 -26.40 -6.81
N PHE A 71 -2.61 -25.56 -6.54
CA PHE A 71 -2.74 -24.58 -5.47
C PHE A 71 -3.51 -23.34 -5.89
N GLY A 72 -3.60 -23.05 -7.18
CA GLY A 72 -4.33 -21.91 -7.65
C GLY A 72 -5.79 -21.96 -7.25
N PRO A 73 -6.48 -23.03 -7.63
CA PRO A 73 -7.89 -23.17 -7.22
C PRO A 73 -8.08 -23.21 -5.72
N LEU A 74 -7.20 -23.91 -4.99
CA LEU A 74 -7.35 -24.01 -3.55
C LEU A 74 -7.17 -22.66 -2.87
N ALA A 75 -6.23 -21.85 -3.36
CA ALA A 75 -6.06 -20.52 -2.82
C ALA A 75 -7.32 -19.68 -3.00
N LYS A 76 -8.02 -19.88 -4.11
CA LYS A 76 -9.26 -19.16 -4.34
C LYS A 76 -10.39 -19.68 -3.44
N GLU A 77 -10.41 -21.00 -3.21
CA GLU A 77 -11.47 -21.58 -2.38
C GLU A 77 -11.34 -21.17 -0.92
N LEU A 78 -10.12 -21.28 -0.37
CA LEU A 78 -9.93 -21.18 1.07
C LEU A 78 -9.63 -19.77 1.55
N LEU A 79 -9.23 -18.86 0.66
CA LEU A 79 -8.85 -17.51 1.06
C LEU A 79 -9.68 -16.48 0.32
N SER A 80 -9.93 -15.36 0.99
CA SER A 80 -10.65 -14.23 0.42
C SER A 80 -9.62 -13.19 0.00
N TRP A 81 -9.73 -12.73 -1.24
CA TRP A 81 -8.71 -11.90 -1.86
C TRP A 81 -9.23 -10.48 -2.10
N ASP A 82 -8.36 -9.51 -1.85
CA ASP A 82 -8.63 -8.12 -2.19
C ASP A 82 -8.14 -7.78 -3.59
N HIS A 83 -7.15 -8.51 -4.06
CA HIS A 83 -6.64 -8.37 -5.41
C HIS A 83 -6.22 -9.75 -5.91
N ASP A 84 -6.58 -10.07 -7.14
CA ASP A 84 -6.24 -11.38 -7.69
C ASP A 84 -4.72 -11.51 -7.84
N PHE A 85 -4.27 -12.76 -7.90
CA PHE A 85 -2.88 -13.05 -8.21
C PHE A 85 -2.75 -13.49 -9.67
N HIS A 86 -1.63 -13.15 -10.27
CA HIS A 86 -1.38 -13.47 -11.68
C HIS A 86 -0.45 -14.65 -11.88
N THR A 87 0.33 -15.03 -10.86
CA THR A 87 1.26 -16.13 -10.93
C THR A 87 1.19 -16.90 -9.63
N VAL A 88 1.02 -18.22 -9.72
CA VAL A 88 0.87 -19.01 -8.50
C VAL A 88 2.20 -19.18 -7.78
N LYS A 89 3.29 -19.39 -8.53
CA LYS A 89 4.53 -19.87 -7.95
C LYS A 89 5.71 -19.25 -8.67
N SER A 90 6.72 -18.82 -7.90
CA SER A 90 7.91 -18.20 -8.45
C SER A 90 9.11 -18.55 -7.58
N GLY A 91 10.30 -18.40 -8.16
CA GLY A 91 11.54 -18.57 -7.43
C GLY A 91 11.98 -20.03 -7.32
N THR A 92 13.18 -20.20 -6.79
CA THR A 92 13.77 -21.52 -6.58
C THR A 92 14.47 -21.54 -5.23
N LEU A 93 14.59 -22.74 -4.67
CA LEU A 93 15.31 -22.89 -3.40
C LEU A 93 16.75 -22.41 -3.52
N LYS A 94 17.43 -22.76 -4.63
CA LYS A 94 18.86 -22.47 -4.74
C LYS A 94 19.14 -20.97 -4.73
N ASN A 95 18.17 -20.15 -5.16
CA ASN A 95 18.31 -18.70 -5.17
C ASN A 95 17.57 -18.03 -4.02
N GLY A 96 16.87 -18.79 -3.18
CA GLY A 96 16.21 -18.17 -2.03
C GLY A 96 15.30 -17.02 -2.38
N ASP A 97 14.56 -17.13 -3.49
CA ASP A 97 13.63 -16.10 -3.92
C ASP A 97 12.23 -16.68 -4.10
N ALA A 98 11.83 -17.60 -3.22
CA ALA A 98 10.53 -18.24 -3.35
C ALA A 98 9.40 -17.24 -3.12
N ALA A 99 8.35 -17.36 -3.92
CA ALA A 99 7.19 -16.49 -3.82
C ALA A 99 5.97 -17.22 -4.35
N TRP A 100 4.80 -16.96 -3.73
CA TRP A 100 3.55 -17.59 -4.12
C TRP A 100 2.44 -16.56 -4.22
N PHE A 101 1.60 -16.71 -5.23
CA PHE A 101 0.41 -15.87 -5.41
C PHE A 101 0.82 -14.42 -5.61
N LEU A 102 1.74 -14.21 -6.55
CA LEU A 102 2.28 -12.89 -6.83
C LEU A 102 1.22 -11.98 -7.44
N GLY A 103 1.24 -10.71 -7.03
CA GLY A 103 0.25 -9.74 -7.43
C GLY A 103 -1.00 -9.73 -6.56
N GLY A 104 -1.25 -10.78 -5.80
CA GLY A 104 -2.45 -10.84 -4.99
C GLY A 104 -2.31 -10.02 -3.73
N GLU A 105 -3.45 -9.51 -3.26
CA GLU A 105 -3.54 -8.80 -1.99
C GLU A 105 -4.66 -9.40 -1.15
N LEU A 106 -4.45 -9.39 0.16
CA LEU A 106 -5.40 -9.92 1.12
C LEU A 106 -5.05 -9.38 2.50
N ASN A 107 -5.82 -9.78 3.51
CA ASN A 107 -5.52 -9.42 4.89
C ASN A 107 -5.79 -10.62 5.78
N ALA A 108 -4.85 -10.89 6.70
CA ALA A 108 -4.94 -12.08 7.53
C ALA A 108 -6.11 -12.00 8.50
N SER A 109 -6.30 -10.84 9.17
CA SER A 109 -7.36 -10.74 10.14
C SER A 109 -8.73 -10.77 9.48
N TYR A 110 -8.83 -10.32 8.22
CA TYR A 110 -10.11 -10.41 7.52
C TYR A 110 -10.48 -11.87 7.29
N ASN A 111 -9.53 -12.69 6.84
CA ASN A 111 -9.81 -14.09 6.55
C ASN A 111 -10.02 -14.91 7.81
N CYS A 112 -9.52 -14.44 8.96
CA CYS A 112 -9.67 -15.16 10.21
C CYS A 112 -10.86 -14.72 11.04
N VAL A 113 -11.38 -13.51 10.81
CA VAL A 113 -12.42 -12.94 11.67
C VAL A 113 -13.55 -12.35 10.85
N ASP A 114 -13.28 -11.25 10.13
CA ASP A 114 -14.35 -10.49 9.51
C ASP A 114 -15.31 -11.36 8.71
N ARG A 115 -14.78 -12.17 7.80
CA ARG A 115 -15.64 -12.89 6.87
C ARG A 115 -16.54 -13.88 7.59
N HIS A 116 -16.05 -14.47 8.69
CA HIS A 116 -16.89 -15.36 9.48
C HIS A 116 -17.89 -14.58 10.34
N ALA A 117 -17.50 -13.41 10.85
CA ALA A 117 -18.42 -12.61 11.65
C ALA A 117 -19.60 -12.14 10.81
N PHE A 118 -19.34 -11.73 9.56
CA PHE A 118 -20.43 -11.31 8.69
C PHE A 118 -21.39 -12.46 8.42
N ALA A 119 -20.85 -13.67 8.23
CA ALA A 119 -21.70 -14.82 7.93
C ALA A 119 -22.57 -15.19 9.12
N ASN A 120 -21.98 -15.26 10.30
CA ASN A 120 -22.67 -15.66 11.53
C ASN A 120 -21.94 -15.08 12.73
N PRO A 121 -22.29 -13.87 13.18
CA PRO A 121 -21.50 -13.23 14.24
C PRO A 121 -21.54 -13.96 15.58
N ASP A 122 -22.55 -14.79 15.82
CA ASP A 122 -22.73 -15.44 17.11
C ASP A 122 -22.02 -16.78 17.23
N LYS A 123 -21.41 -17.27 16.16
CA LYS A 123 -20.67 -18.53 16.24
C LYS A 123 -19.46 -18.38 17.15
N PRO A 124 -19.20 -19.35 18.04
CA PRO A 124 -18.02 -19.24 18.90
C PRO A 124 -16.75 -19.24 18.07
N ALA A 125 -15.77 -18.43 18.49
CA ALA A 125 -14.48 -18.35 17.82
C ALA A 125 -13.34 -18.72 18.77
N LEU A 126 -13.20 -18.03 19.90
CA LEU A 126 -12.18 -18.33 20.90
C LEU A 126 -12.88 -18.92 22.11
N ILE A 127 -12.67 -20.22 22.34
CA ILE A 127 -13.13 -20.88 23.56
C ILE A 127 -11.98 -20.80 24.56
N CYS A 128 -12.01 -19.80 25.43
CA CYS A 128 -10.90 -19.49 26.30
C CYS A 128 -11.11 -20.19 27.64
N GLU A 129 -10.26 -21.15 27.95
CA GLU A 129 -10.25 -21.82 29.24
C GLU A 129 -9.09 -21.25 30.04
N ALA A 130 -9.41 -20.45 31.05
CA ALA A 130 -8.38 -19.79 31.83
C ALA A 130 -7.67 -20.81 32.73
N ASP A 131 -6.52 -20.39 33.27
CA ASP A 131 -5.80 -21.23 34.22
C ASP A 131 -6.74 -21.78 35.29
N ASP A 132 -7.58 -20.92 35.85
CA ASP A 132 -8.60 -21.33 36.80
C ASP A 132 -9.95 -21.23 36.10
N GLU A 133 -10.68 -22.35 36.06
CA GLU A 133 -11.85 -22.43 35.18
C GLU A 133 -12.89 -21.36 35.47
N LYS A 134 -12.96 -20.87 36.71
CA LYS A 134 -13.93 -19.84 37.02
C LYS A 134 -13.77 -18.61 36.11
N ASP A 135 -12.59 -18.39 35.55
CA ASP A 135 -12.33 -17.23 34.72
C ASP A 135 -12.46 -17.52 33.22
N SER A 136 -13.00 -18.68 32.86
CA SER A 136 -13.14 -19.04 31.46
C SER A 136 -14.32 -18.28 30.83
N HIS A 137 -14.25 -18.15 29.51
CA HIS A 137 -15.24 -17.39 28.76
C HIS A 137 -15.12 -17.77 27.29
N ILE A 138 -16.12 -17.37 26.50
CA ILE A 138 -16.17 -17.67 25.08
C ILE A 138 -16.37 -16.36 24.31
N LEU A 139 -15.52 -16.12 23.31
CA LEU A 139 -15.67 -15.00 22.42
C LEU A 139 -16.24 -15.48 21.09
N THR A 140 -17.33 -14.87 20.64
CA THR A 140 -17.85 -15.14 19.31
C THR A 140 -17.01 -14.44 18.26
N TYR A 141 -17.28 -14.75 16.99
CA TYR A 141 -16.59 -14.06 15.90
C TYR A 141 -16.96 -12.58 15.87
N GLY A 142 -18.22 -12.26 16.21
CA GLY A 142 -18.61 -10.87 16.36
C GLY A 142 -17.84 -10.18 17.48
N ASP A 143 -17.73 -10.84 18.63
CA ASP A 143 -16.95 -10.28 19.73
C ASP A 143 -15.50 -10.07 19.31
N LEU A 144 -14.93 -11.07 18.65
CA LEU A 144 -13.52 -10.99 18.27
C LEU A 144 -13.29 -9.86 17.28
N LEU A 145 -14.22 -9.67 16.34
CA LEU A 145 -14.05 -8.58 15.37
C LEU A 145 -13.98 -7.24 16.08
N ARG A 146 -14.85 -7.00 17.07
CA ARG A 146 -14.88 -5.71 17.74
C ARG A 146 -13.60 -5.48 18.55
N GLU A 147 -13.16 -6.49 19.29
CA GLU A 147 -11.96 -6.32 20.11
C GLU A 147 -10.72 -6.18 19.26
N VAL A 148 -10.62 -6.95 18.17
CA VAL A 148 -9.49 -6.82 17.27
C VAL A 148 -9.50 -5.43 16.62
N SER A 149 -10.69 -4.94 16.27
CA SER A 149 -10.79 -3.61 15.68
C SER A 149 -10.35 -2.53 16.66
N LYS A 150 -10.79 -2.63 17.92
CA LYS A 150 -10.44 -1.61 18.91
C LYS A 150 -8.93 -1.60 19.19
N VAL A 151 -8.32 -2.78 19.37
CA VAL A 151 -6.88 -2.82 19.60
C VAL A 151 -6.13 -2.30 18.38
N ALA A 152 -6.58 -2.67 17.18
CA ALA A 152 -5.98 -2.12 15.97
C ALA A 152 -6.13 -0.61 15.93
N GLY A 153 -7.27 -0.09 16.41
CA GLY A 153 -7.45 1.35 16.47
C GLY A 153 -6.43 2.03 17.36
N VAL A 154 -6.14 1.43 18.51
CA VAL A 154 -5.11 1.97 19.40
C VAL A 154 -3.76 1.98 18.71
N LEU A 155 -3.36 0.84 18.15
CA LEU A 155 -2.07 0.76 17.48
C LEU A 155 -2.00 1.76 16.33
N GLN A 156 -3.09 1.92 15.59
CA GLN A 156 -3.08 2.87 14.48
C GLN A 156 -2.88 4.30 14.97
N SER A 157 -3.63 4.69 16.01
CA SER A 157 -3.45 6.04 16.56
C SER A 157 -2.05 6.24 17.14
N TRP A 158 -1.32 5.16 17.42
CA TRP A 158 0.06 5.24 17.87
C TRP A 158 1.05 5.34 16.72
N GLY A 159 0.58 5.26 15.48
CA GLY A 159 1.44 5.39 14.32
C GLY A 159 1.89 4.07 13.73
N ILE A 160 1.41 2.94 14.24
CA ILE A 160 1.75 1.65 13.65
C ILE A 160 1.13 1.57 12.26
N LYS A 161 1.90 1.06 11.30
CA LYS A 161 1.46 1.01 9.92
C LYS A 161 2.14 -0.16 9.23
N LYS A 162 1.67 -0.44 8.02
CA LYS A 162 2.25 -1.47 7.18
C LYS A 162 3.77 -1.39 7.22
N GLY A 163 4.41 -2.53 7.49
CA GLY A 163 5.84 -2.63 7.56
C GLY A 163 6.43 -2.56 8.94
N ASP A 164 5.69 -2.06 9.92
CA ASP A 164 6.19 -2.05 11.29
C ASP A 164 6.14 -3.47 11.89
N THR A 165 6.93 -3.66 12.95
CA THR A 165 6.88 -4.88 13.75
C THR A 165 6.45 -4.54 15.17
N VAL A 166 5.58 -5.39 15.74
CA VAL A 166 5.05 -5.19 17.07
C VAL A 166 5.27 -6.47 17.87
N ALA A 167 5.88 -6.34 19.05
CA ALA A 167 6.14 -7.47 19.92
C ALA A 167 4.93 -7.76 20.80
N VAL A 168 4.75 -9.05 21.10
CA VAL A 168 3.72 -9.50 22.03
C VAL A 168 4.40 -10.35 23.09
N TYR A 169 4.10 -10.07 24.36
CA TYR A 169 4.62 -10.83 25.50
C TYR A 169 3.42 -11.13 26.39
N LEU A 170 2.71 -12.20 26.08
CA LEU A 170 1.45 -12.54 26.72
C LEU A 170 1.37 -14.05 26.94
N PRO A 171 0.64 -14.49 27.99
CA PRO A 171 0.36 -15.94 28.11
C PRO A 171 -0.63 -16.42 27.07
N MET A 172 -0.95 -17.71 27.09
CA MET A 172 -1.82 -18.33 26.09
C MET A 172 -3.27 -18.05 26.46
N ASN A 173 -3.79 -16.93 26.00
CA ASN A 173 -5.17 -16.56 26.32
C ASN A 173 -5.72 -15.70 25.18
N ALA A 174 -6.91 -15.13 25.39
CA ALA A 174 -7.59 -14.38 24.34
C ALA A 174 -6.80 -13.16 23.91
N GLN A 175 -6.17 -12.47 24.86
CA GLN A 175 -5.46 -11.24 24.52
C GLN A 175 -4.30 -11.49 23.58
N ALA A 176 -3.62 -12.64 23.71
CA ALA A 176 -2.53 -12.95 22.79
C ALA A 176 -3.06 -13.07 21.36
N ILE A 177 -4.17 -13.80 21.18
CA ILE A 177 -4.75 -13.95 19.86
C ILE A 177 -5.25 -12.61 19.34
N ILE A 178 -5.95 -11.85 20.18
CA ILE A 178 -6.44 -10.54 19.76
C ILE A 178 -5.28 -9.65 19.34
N ALA A 179 -4.21 -9.64 20.12
CA ALA A 179 -3.07 -8.79 19.80
C ALA A 179 -2.48 -9.15 18.44
N MET A 180 -2.30 -10.45 18.18
CA MET A 180 -1.73 -10.87 16.91
C MET A 180 -2.61 -10.45 15.75
N LEU A 181 -3.94 -10.64 15.88
CA LEU A 181 -4.85 -10.32 14.79
C LEU A 181 -4.98 -8.81 14.59
N ALA A 182 -4.89 -8.03 15.65
CA ALA A 182 -4.95 -6.58 15.50
C ALA A 182 -3.72 -6.07 14.76
N ILE A 183 -2.55 -6.64 15.03
CA ILE A 183 -1.33 -6.23 14.34
C ILE A 183 -1.43 -6.56 12.85
N ALA A 184 -1.86 -7.78 12.53
CA ALA A 184 -1.98 -8.17 11.13
C ALA A 184 -3.08 -7.42 10.42
N ARG A 185 -4.03 -6.85 11.16
CA ARG A 185 -5.10 -6.09 10.54
C ARG A 185 -4.57 -4.80 9.91
N LEU A 186 -3.51 -4.25 10.48
CA LEU A 186 -2.91 -3.01 9.98
C LEU A 186 -1.83 -3.25 8.94
N GLY A 187 -1.54 -4.50 8.60
CA GLY A 187 -0.44 -4.81 7.71
C GLY A 187 0.91 -4.88 8.39
N ALA A 188 0.97 -4.73 9.70
CA ALA A 188 2.20 -4.91 10.44
C ALA A 188 2.44 -6.39 10.69
N ALA A 189 3.65 -6.70 11.18
CA ALA A 189 4.05 -8.06 11.49
C ALA A 189 4.22 -8.20 12.99
N HIS A 190 3.57 -9.19 13.58
CA HIS A 190 3.73 -9.44 15.00
C HIS A 190 4.93 -10.35 15.24
N SER A 191 5.60 -10.13 16.37
CA SER A 191 6.68 -10.97 16.84
C SER A 191 6.31 -11.44 18.25
N VAL A 192 5.76 -12.64 18.35
CA VAL A 192 5.29 -13.15 19.63
C VAL A 192 6.47 -13.77 20.39
N ILE A 193 6.61 -13.37 21.65
CA ILE A 193 7.70 -13.83 22.51
C ILE A 193 7.10 -14.68 23.64
N PHE A 194 7.44 -15.98 23.63
CA PHE A 194 6.91 -16.91 24.62
C PHE A 194 7.03 -16.37 26.03
N ALA A 195 5.95 -16.52 26.80
CA ALA A 195 5.86 -15.91 28.13
C ALA A 195 6.87 -16.48 29.12
N GLY A 196 7.48 -17.62 28.82
CA GLY A 196 8.50 -18.16 29.68
C GLY A 196 9.88 -17.56 29.50
N PHE A 197 10.05 -16.61 28.57
CA PHE A 197 11.36 -16.05 28.30
C PHE A 197 11.76 -15.05 29.37
N SER A 198 13.06 -14.95 29.61
CA SER A 198 13.62 -14.00 30.56
C SER A 198 13.68 -12.61 29.94
N ALA A 199 14.08 -11.63 30.76
CA ALA A 199 14.20 -10.26 30.27
C ALA A 199 15.22 -10.17 29.14
N GLY A 200 16.34 -10.88 29.25
CA GLY A 200 17.37 -10.81 28.22
C GLY A 200 16.90 -11.35 26.88
N SER A 201 16.10 -12.42 26.90
CA SER A 201 15.57 -12.96 25.65
C SER A 201 14.56 -12.00 25.03
N ILE A 202 13.73 -11.36 25.86
CA ILE A 202 12.85 -10.32 25.36
C ILE A 202 13.65 -9.21 24.70
N LYS A 203 14.66 -8.71 25.43
CA LYS A 203 15.49 -7.63 24.91
C LYS A 203 16.05 -7.96 23.54
N ASP A 204 16.65 -9.14 23.40
CA ASP A 204 17.27 -9.52 22.14
C ASP A 204 16.27 -9.50 21.00
N ARG A 205 15.11 -10.12 21.20
CA ARG A 205 14.14 -10.22 20.12
C ARG A 205 13.59 -8.85 19.74
N VAL A 206 13.25 -8.03 20.72
CA VAL A 206 12.69 -6.71 20.44
C VAL A 206 13.71 -5.85 19.68
N ASN A 207 14.98 -5.92 20.07
CA ASN A 207 15.98 -5.06 19.45
C ASN A 207 16.28 -5.49 18.02
N ASP A 208 16.37 -6.80 17.77
CA ASP A 208 16.62 -7.26 16.41
C ASP A 208 15.52 -6.85 15.46
N ALA A 209 14.28 -6.84 15.93
CA ALA A 209 13.13 -6.47 15.12
C ALA A 209 12.83 -4.98 15.16
N SER A 210 13.44 -4.24 16.08
CA SER A 210 13.23 -2.79 16.19
C SER A 210 11.75 -2.47 16.34
N CYS A 211 11.09 -3.21 17.22
CA CYS A 211 9.65 -3.06 17.38
C CYS A 211 9.30 -1.66 17.88
N LYS A 212 8.25 -1.07 17.31
CA LYS A 212 7.80 0.24 17.75
C LYS A 212 6.89 0.17 18.97
N ALA A 213 6.24 -0.98 19.21
CA ALA A 213 5.31 -1.10 20.30
C ALA A 213 5.31 -2.51 20.84
N LEU A 214 4.84 -2.66 22.07
CA LEU A 214 4.75 -3.94 22.76
C LEU A 214 3.37 -4.07 23.39
N ILE A 215 2.82 -5.29 23.32
CA ILE A 215 1.57 -5.63 24.00
C ILE A 215 1.87 -6.71 25.03
N THR A 216 1.46 -6.47 26.27
CA THR A 216 1.74 -7.39 27.37
C THR A 216 0.63 -7.24 28.39
N CYS A 217 0.86 -7.77 29.60
CA CYS A 217 -0.11 -7.68 30.68
C CYS A 217 0.62 -7.52 32.00
N ASP A 218 -0.14 -7.19 33.04
CA ASP A 218 0.47 -6.87 34.33
C ASP A 218 1.06 -8.11 34.99
N GLU A 219 0.27 -9.18 35.10
CA GLU A 219 0.73 -10.42 35.68
C GLU A 219 0.03 -11.58 34.98
N GLY A 220 0.57 -12.79 35.19
CA GLY A 220 0.00 -13.98 34.59
C GLY A 220 -0.45 -14.99 35.62
N LYS A 221 -1.27 -15.95 35.19
CA LYS A 221 -1.73 -17.05 36.05
C LYS A 221 -1.32 -18.37 35.40
N ARG A 222 -0.55 -19.16 36.14
CA ARG A 222 -0.03 -20.44 35.67
C ARG A 222 -0.01 -21.43 36.82
N GLY A 223 -0.71 -22.54 36.65
CA GLY A 223 -0.79 -23.55 37.70
C GLY A 223 -1.32 -23.00 39.01
N GLY A 224 -2.16 -21.98 38.94
CA GLY A 224 -2.68 -21.33 40.12
C GLY A 224 -1.74 -20.31 40.74
N ARG A 225 -0.49 -20.24 40.30
CA ARG A 225 0.48 -19.32 40.87
C ARG A 225 0.64 -18.11 39.96
N THR A 226 0.97 -16.97 40.56
CA THR A 226 1.11 -15.71 39.84
C THR A 226 2.51 -15.56 39.24
N THR A 227 2.55 -15.10 37.99
CA THR A 227 3.80 -14.89 37.26
C THR A 227 4.01 -13.41 36.98
N ASN A 228 5.28 -12.99 37.01
CA ASN A 228 5.65 -11.58 36.86
C ASN A 228 5.96 -11.29 35.39
N ILE A 229 4.98 -10.77 34.66
CA ILE A 229 5.12 -10.52 33.24
C ILE A 229 5.55 -9.09 32.96
N LYS A 230 4.76 -8.12 33.43
CA LYS A 230 5.14 -6.72 33.23
C LYS A 230 6.51 -6.42 33.82
N LYS A 231 6.85 -7.06 34.94
CA LYS A 231 8.13 -6.81 35.59
C LYS A 231 9.29 -7.12 34.64
N LEU A 232 9.23 -8.28 33.97
CA LEU A 232 10.29 -8.65 33.05
C LEU A 232 10.33 -7.72 31.84
N CYS A 233 9.18 -7.22 31.39
CA CYS A 233 9.17 -6.26 30.30
C CYS A 233 9.89 -4.98 30.68
N ASP A 234 9.53 -4.40 31.84
CA ASP A 234 10.23 -3.20 32.28
C ASP A 234 11.73 -3.44 32.35
N GLU A 235 12.14 -4.62 32.82
CA GLU A 235 13.56 -4.94 32.92
C GLU A 235 14.23 -4.96 31.54
N ALA A 236 13.55 -5.55 30.55
CA ALA A 236 14.12 -5.60 29.21
C ALA A 236 14.06 -4.25 28.53
N LEU A 237 12.96 -3.51 28.73
CA LEU A 237 12.73 -2.29 27.97
C LEU A 237 13.70 -1.17 28.32
N VAL A 238 14.42 -1.29 29.44
CA VAL A 238 15.45 -0.29 29.75
C VAL A 238 16.44 -0.19 28.60
N ASP A 239 16.58 -1.24 27.80
CA ASP A 239 17.54 -1.33 26.71
C ASP A 239 16.86 -1.57 25.36
N CYS A 240 15.62 -1.12 25.20
CA CYS A 240 14.87 -1.27 23.96
C CYS A 240 14.43 0.11 23.50
N PRO A 241 15.34 0.90 22.93
CA PRO A 241 15.01 2.29 22.59
C PRO A 241 13.96 2.43 21.50
N THR A 242 13.76 1.42 20.65
CA THR A 242 12.77 1.56 19.57
C THR A 242 11.33 1.46 20.05
N VAL A 243 11.09 0.91 21.24
CA VAL A 243 9.73 0.72 21.74
C VAL A 243 9.21 2.06 22.23
N GLU A 244 8.21 2.60 21.52
CA GLU A 244 7.65 3.90 21.83
C GLU A 244 6.50 3.83 22.83
N LYS A 245 5.67 2.79 22.75
CA LYS A 245 4.50 2.68 23.61
C LYS A 245 4.20 1.22 23.92
N VAL A 246 3.61 0.99 25.09
CA VAL A 246 3.28 -0.35 25.57
C VAL A 246 1.81 -0.39 25.96
N LEU A 247 1.12 -1.43 25.54
CA LEU A 247 -0.27 -1.68 25.92
C LEU A 247 -0.31 -2.81 26.93
N VAL A 248 -0.92 -2.55 28.09
CA VAL A 248 -0.87 -3.46 29.24
C VAL A 248 -2.29 -3.93 29.52
N TYR A 249 -2.51 -5.24 29.42
CA TYR A 249 -3.80 -5.82 29.81
C TYR A 249 -3.82 -6.12 31.30
N LYS A 250 -4.96 -5.82 31.93
CA LYS A 250 -5.13 -6.07 33.35
C LYS A 250 -5.60 -7.51 33.54
N ARG A 251 -4.63 -8.42 33.57
CA ARG A 251 -4.93 -9.83 33.79
C ARG A 251 -5.27 -10.10 35.25
N THR A 252 -4.50 -9.51 36.17
CA THR A 252 -4.79 -9.61 37.60
C THR A 252 -5.31 -8.32 38.18
N ASN A 253 -5.19 -7.20 37.47
CA ASN A 253 -5.60 -5.89 37.96
C ASN A 253 -4.93 -5.56 39.29
N ASN A 254 -3.73 -6.09 39.50
CA ASN A 254 -2.96 -5.80 40.70
C ASN A 254 -2.51 -4.34 40.67
N PRO A 255 -3.02 -3.48 41.55
CA PRO A 255 -2.68 -2.05 41.45
C PRO A 255 -1.22 -1.75 41.76
N GLU A 256 -0.48 -2.69 42.33
CA GLU A 256 0.91 -2.46 42.68
C GLU A 256 1.86 -2.62 41.49
N ILE A 257 1.34 -2.94 40.30
CA ILE A 257 2.16 -3.09 39.11
C ILE A 257 2.32 -1.72 38.46
N HIS A 258 3.57 -1.27 38.35
CA HIS A 258 3.87 0.07 37.90
C HIS A 258 3.79 0.18 36.38
N LEU A 259 3.20 1.28 35.92
CA LEU A 259 3.22 1.68 34.52
C LEU A 259 4.05 2.94 34.37
N THR A 260 4.92 2.95 33.36
CA THR A 260 5.83 4.08 33.16
C THR A 260 5.12 5.19 32.40
N GLU A 261 5.02 6.36 33.02
CA GLU A 261 4.34 7.48 32.41
C GLU A 261 4.88 7.75 31.02
N GLY A 262 3.98 7.98 30.06
CA GLY A 262 4.36 8.32 28.71
C GLY A 262 4.69 7.15 27.81
N ARG A 263 4.88 5.96 28.36
CA ARG A 263 5.17 4.77 27.58
C ARG A 263 4.09 3.71 27.72
N ASP A 264 3.64 3.44 28.95
CA ASP A 264 2.71 2.36 29.23
C ASP A 264 1.28 2.89 29.31
N TYR A 265 0.36 2.16 28.69
CA TYR A 265 -1.05 2.51 28.69
C TYR A 265 -1.87 1.24 28.87
N TYR A 266 -3.04 1.40 29.50
CA TYR A 266 -3.87 0.24 29.83
C TYR A 266 -4.75 -0.17 28.66
N TRP A 267 -4.77 -1.48 28.39
CA TRP A 267 -5.60 -2.05 27.32
C TRP A 267 -7.04 -1.55 27.41
N ASP A 268 -7.67 -1.69 28.57
CA ASP A 268 -9.08 -1.35 28.71
C ASP A 268 -9.31 0.15 28.50
N VAL A 269 -8.43 0.99 29.02
CA VAL A 269 -8.60 2.43 28.90
C VAL A 269 -8.51 2.86 27.45
N GLU A 270 -7.47 2.40 26.74
CA GLU A 270 -7.22 2.88 25.39
C GLU A 270 -8.22 2.31 24.40
N THR A 271 -8.52 1.01 24.50
CA THR A 271 -9.46 0.42 23.57
C THR A 271 -10.84 1.03 23.70
N ALA A 272 -11.17 1.62 24.86
CA ALA A 272 -12.46 2.25 25.05
C ALA A 272 -12.65 3.50 24.19
N LYS A 273 -11.55 4.06 23.69
CA LYS A 273 -11.61 5.30 22.91
C LYS A 273 -11.95 5.06 21.44
N PHE A 274 -12.00 3.81 20.99
CA PHE A 274 -12.09 3.51 19.57
C PHE A 274 -13.24 2.55 19.27
N PRO A 275 -13.77 2.59 18.05
CA PRO A 275 -14.96 1.80 17.72
C PRO A 275 -14.64 0.35 17.41
N GLY A 276 -15.70 -0.46 17.40
CA GLY A 276 -15.64 -1.88 17.18
C GLY A 276 -15.51 -2.32 15.75
N TYR A 277 -15.25 -1.40 14.82
CA TYR A 277 -14.84 -1.78 13.48
C TYR A 277 -13.72 -0.86 13.00
N LEU A 278 -12.73 -1.47 12.35
CA LEU A 278 -11.62 -0.74 11.75
C LEU A 278 -11.34 -1.43 10.42
N PRO A 279 -11.21 -0.67 9.32
CA PRO A 279 -10.93 -1.30 8.03
C PRO A 279 -9.64 -2.07 8.08
N PRO A 280 -9.62 -3.32 7.63
CA PRO A 280 -8.34 -4.03 7.51
C PRO A 280 -7.54 -3.50 6.34
N VAL A 281 -6.22 -3.60 6.47
CA VAL A 281 -5.27 -3.03 5.51
C VAL A 281 -4.84 -4.13 4.55
N SER A 282 -5.06 -3.91 3.26
CA SER A 282 -4.66 -4.90 2.26
C SER A 282 -3.13 -4.95 2.17
N VAL A 283 -2.60 -6.17 2.11
CA VAL A 283 -1.17 -6.39 1.98
C VAL A 283 -0.92 -7.33 0.80
N ASN A 284 0.33 -7.34 0.35
CA ASN A 284 0.70 -8.23 -0.73
C ASN A 284 0.84 -9.66 -0.22
N SER A 285 0.64 -10.62 -1.13
CA SER A 285 0.79 -12.02 -0.76
C SER A 285 2.12 -12.26 -0.06
N GLU A 286 3.17 -11.56 -0.46
CA GLU A 286 4.51 -11.79 0.05
C GLU A 286 4.95 -10.74 1.07
N ASP A 287 4.07 -9.85 1.50
CA ASP A 287 4.42 -8.99 2.62
C ASP A 287 4.52 -9.84 3.88
N PRO A 288 5.45 -9.53 4.79
CA PRO A 288 5.64 -10.39 5.97
C PRO A 288 4.43 -10.35 6.88
N LEU A 289 3.93 -11.53 7.24
CA LEU A 289 2.84 -11.64 8.21
C LEU A 289 3.34 -11.60 9.64
N PHE A 290 4.42 -12.33 9.95
CA PHE A 290 4.92 -12.33 11.31
C PHE A 290 6.37 -12.79 11.36
N LEU A 291 7.03 -12.44 12.48
CA LEU A 291 8.35 -12.93 12.84
C LEU A 291 8.22 -13.84 14.05
N LEU A 292 8.87 -14.99 14.00
CA LEU A 292 8.90 -15.91 15.14
C LEU A 292 10.35 -16.32 15.36
N TYR A 293 10.93 -15.89 16.49
CA TYR A 293 12.34 -16.10 16.69
C TYR A 293 12.59 -17.54 17.13
N THR A 294 13.48 -18.20 16.40
CA THR A 294 13.82 -19.60 16.59
C THR A 294 15.28 -19.76 16.96
N SER A 295 15.59 -20.81 17.72
CA SER A 295 16.97 -21.15 18.05
C SER A 295 17.51 -22.17 17.07
N GLY A 296 18.78 -22.02 16.70
CA GLY A 296 19.44 -22.90 15.75
C GLY A 296 20.77 -23.36 16.30
N SER A 297 21.77 -23.38 15.40
CA SER A 297 23.12 -23.79 15.77
C SER A 297 24.06 -22.60 15.90
N THR A 298 23.54 -21.45 16.31
CA THR A 298 24.26 -20.19 16.16
C THR A 298 24.63 -19.52 17.48
N GLY A 299 23.79 -19.63 18.48
CA GLY A 299 24.01 -18.89 19.71
C GLY A 299 23.03 -17.74 19.82
N THR A 300 22.90 -16.94 18.75
CA THR A 300 21.88 -15.90 18.77
C THR A 300 20.60 -16.36 18.05
N PRO A 301 19.42 -16.09 18.63
CA PRO A 301 18.17 -16.48 17.97
C PRO A 301 17.96 -15.73 16.66
N LYS A 302 17.39 -16.43 15.69
CA LYS A 302 17.14 -15.90 14.34
C LYS A 302 15.64 -15.76 14.13
N GLY A 303 15.22 -14.59 13.65
CA GLY A 303 13.81 -14.33 13.44
C GLY A 303 13.29 -14.88 12.13
N VAL A 304 12.64 -16.04 12.19
CA VAL A 304 12.04 -16.63 10.99
C VAL A 304 10.86 -15.76 10.54
N VAL A 305 10.85 -15.41 9.26
CA VAL A 305 9.85 -14.52 8.67
C VAL A 305 8.94 -15.35 7.77
N HIS A 306 7.62 -15.14 7.91
CA HIS A 306 6.63 -15.81 7.07
C HIS A 306 5.82 -14.80 6.28
N SER A 307 5.54 -15.16 5.02
CA SER A 307 4.68 -14.37 4.15
C SER A 307 3.24 -14.46 4.66
N THR A 308 2.34 -13.76 3.96
CA THR A 308 0.92 -13.77 4.33
C THR A 308 0.14 -14.86 3.59
N ALA A 309 0.09 -14.77 2.25
CA ALA A 309 -0.76 -15.70 1.50
C ALA A 309 -0.28 -17.14 1.63
N GLY A 310 0.99 -17.37 1.34
CA GLY A 310 1.51 -18.73 1.37
C GLY A 310 1.33 -19.38 2.73
N TYR A 311 1.66 -18.65 3.80
CA TYR A 311 1.53 -19.22 5.14
C TYR A 311 0.08 -19.54 5.46
N LEU A 312 -0.83 -18.60 5.19
CA LEU A 312 -2.23 -18.81 5.52
C LEU A 312 -2.79 -20.01 4.77
N LEU A 313 -2.51 -20.10 3.47
CA LEU A 313 -3.03 -21.24 2.71
C LEU A 313 -2.52 -22.55 3.31
N GLY A 314 -1.24 -22.62 3.62
CA GLY A 314 -0.70 -23.82 4.25
C GLY A 314 -1.42 -24.16 5.53
N ALA A 315 -1.74 -23.13 6.33
CA ALA A 315 -2.46 -23.38 7.57
C ALA A 315 -3.84 -23.95 7.28
N ALA A 316 -4.62 -23.25 6.44
CA ALA A 316 -5.97 -23.72 6.13
C ALA A 316 -5.93 -25.10 5.49
N LEU A 317 -5.00 -25.31 4.57
CA LEU A 317 -4.97 -26.55 3.82
C LEU A 317 -4.66 -27.75 4.73
N SER A 318 -3.62 -27.63 5.56
CA SER A 318 -3.25 -28.73 6.44
C SER A 318 -4.31 -28.94 7.51
N THR A 319 -4.77 -27.86 8.15
CA THR A 319 -5.81 -27.99 9.16
C THR A 319 -7.01 -28.72 8.60
N LYS A 320 -7.38 -28.44 7.36
CA LYS A 320 -8.58 -29.02 6.79
C LYS A 320 -8.37 -30.50 6.43
N TYR A 321 -7.27 -30.80 5.74
CA TYR A 321 -7.10 -32.12 5.14
C TYR A 321 -6.39 -33.11 6.06
N ILE A 322 -5.39 -32.67 6.82
CA ILE A 322 -4.68 -33.61 7.68
C ILE A 322 -5.50 -33.92 8.92
N PHE A 323 -6.12 -32.92 9.52
CA PHE A 323 -6.95 -33.12 10.70
C PHE A 323 -8.41 -33.45 10.37
N ASP A 324 -8.84 -33.25 9.13
CA ASP A 324 -10.24 -33.44 8.74
C ASP A 324 -11.16 -32.52 9.55
N ILE A 325 -10.96 -31.22 9.39
CA ILE A 325 -11.76 -30.22 10.10
C ILE A 325 -12.92 -29.80 9.22
N HIS A 326 -14.12 -29.82 9.79
CA HIS A 326 -15.33 -29.36 9.13
C HIS A 326 -15.90 -28.17 9.89
N PRO A 327 -16.85 -27.44 9.32
CA PRO A 327 -17.42 -26.30 10.05
C PRO A 327 -18.04 -26.67 11.38
N GLU A 328 -18.49 -27.91 11.53
CA GLU A 328 -19.14 -28.35 12.76
C GLU A 328 -18.15 -28.73 13.86
N ASP A 329 -16.85 -28.70 13.57
CA ASP A 329 -15.86 -29.26 14.47
C ASP A 329 -15.35 -28.22 15.45
N ILE A 330 -14.56 -28.68 16.42
CA ILE A 330 -14.01 -27.86 17.49
C ILE A 330 -12.60 -28.37 17.77
N LEU A 331 -11.62 -27.49 17.67
CA LEU A 331 -10.21 -27.86 17.75
C LEU A 331 -9.65 -27.44 19.10
N PHE A 332 -8.97 -28.36 19.78
CA PHE A 332 -8.23 -28.07 20.99
C PHE A 332 -6.75 -28.35 20.69
N THR A 333 -6.02 -27.31 20.34
CA THR A 333 -4.57 -27.38 20.20
C THR A 333 -3.96 -26.98 21.54
N ALA A 334 -3.46 -27.97 22.29
CA ALA A 334 -2.85 -27.72 23.60
C ALA A 334 -1.42 -27.20 23.42
N GLY A 335 -1.31 -26.07 22.73
CA GLY A 335 -0.03 -25.43 22.51
C GLY A 335 0.01 -24.01 23.02
N ASP A 336 1.09 -23.29 22.70
CA ASP A 336 1.27 -21.90 23.14
C ASP A 336 1.71 -21.08 21.95
N VAL A 337 1.05 -19.94 21.72
CA VAL A 337 1.37 -19.09 20.58
C VAL A 337 2.80 -18.58 20.61
N GLY A 338 3.50 -18.70 21.74
CA GLY A 338 4.92 -18.41 21.74
C GLY A 338 5.73 -19.29 20.81
N TRP A 339 5.13 -20.36 20.32
CA TRP A 339 5.77 -21.31 19.43
C TRP A 339 4.91 -21.49 18.20
N ILE A 340 5.51 -22.08 17.16
CA ILE A 340 4.85 -22.12 15.85
C ILE A 340 3.56 -22.92 15.91
N THR A 341 3.48 -23.92 16.79
CA THR A 341 2.28 -24.76 16.83
C THR A 341 1.05 -23.94 17.21
N GLY A 342 1.21 -23.00 18.15
CA GLY A 342 0.11 -22.13 18.49
C GLY A 342 -0.23 -21.17 17.36
N HIS A 343 0.79 -20.63 16.69
CA HIS A 343 0.56 -19.76 15.54
C HIS A 343 -0.37 -20.41 14.53
N THR A 344 -0.02 -21.62 14.10
CA THR A 344 -0.66 -22.21 12.93
C THR A 344 -1.90 -23.03 13.27
N TYR A 345 -1.93 -23.71 14.41
CA TYR A 345 -2.99 -24.67 14.69
C TYR A 345 -3.81 -24.35 15.93
N ALA A 346 -3.47 -23.31 16.67
CA ALA A 346 -4.39 -22.74 17.65
C ALA A 346 -5.05 -21.46 17.17
N LEU A 347 -4.42 -20.73 16.25
CA LEU A 347 -4.94 -19.45 15.78
C LEU A 347 -5.30 -19.52 14.30
N TYR A 348 -4.32 -19.51 13.39
CA TYR A 348 -4.60 -19.22 11.98
C TYR A 348 -5.38 -20.35 11.31
N GLY A 349 -4.90 -21.58 11.41
CA GLY A 349 -5.56 -22.71 10.81
C GLY A 349 -7.05 -22.76 11.11
N PRO A 350 -7.41 -22.88 12.39
CA PRO A 350 -8.85 -23.02 12.72
C PRO A 350 -9.66 -21.78 12.44
N LEU A 351 -9.11 -20.59 12.69
CA LEU A 351 -9.89 -19.38 12.43
C LEU A 351 -10.09 -19.13 10.94
N LEU A 352 -9.10 -19.48 10.11
CA LEU A 352 -9.30 -19.37 8.67
C LEU A 352 -10.49 -20.20 8.22
N LEU A 353 -10.62 -21.42 8.76
CA LEU A 353 -11.72 -22.31 8.39
C LEU A 353 -13.02 -21.96 9.11
N GLY A 354 -12.99 -21.02 10.05
CA GLY A 354 -14.20 -20.54 10.68
C GLY A 354 -14.76 -21.42 11.79
N VAL A 355 -13.92 -22.24 12.43
CA VAL A 355 -14.38 -23.13 13.49
C VAL A 355 -13.95 -22.57 14.84
N PRO A 356 -14.53 -23.04 15.94
CA PRO A 356 -14.02 -22.63 17.24
C PRO A 356 -12.69 -23.30 17.56
N THR A 357 -11.84 -22.56 18.26
CA THR A 357 -10.54 -23.03 18.71
C THR A 357 -10.41 -22.78 20.20
N ILE A 358 -9.85 -23.74 20.92
CA ILE A 358 -9.77 -23.69 22.38
C ILE A 358 -8.41 -23.14 22.77
N ILE A 359 -8.42 -22.01 23.48
CA ILE A 359 -7.22 -21.33 23.95
C ILE A 359 -7.11 -21.62 25.44
N PHE A 360 -6.17 -22.49 25.82
CA PHE A 360 -6.03 -22.94 27.20
C PHE A 360 -4.83 -22.25 27.84
N GLU A 361 -5.12 -21.50 28.91
CA GLU A 361 -4.12 -20.66 29.56
C GLU A 361 -3.25 -21.42 30.56
N GLY A 362 -3.73 -22.55 31.08
CA GLY A 362 -3.09 -23.22 32.19
C GLY A 362 -2.23 -24.40 31.77
N THR A 363 -2.05 -25.32 32.71
CA THR A 363 -1.22 -26.51 32.56
C THR A 363 -2.08 -27.77 32.57
N PRO A 364 -1.56 -28.89 32.07
CA PRO A 364 -2.31 -30.16 32.15
C PRO A 364 -2.43 -30.73 33.55
N ALA A 365 -1.78 -30.12 34.54
CA ALA A 365 -1.79 -30.63 35.91
C ALA A 365 -2.70 -29.83 36.85
N TYR A 366 -3.18 -28.67 36.42
CA TYR A 366 -3.93 -27.80 37.31
C TYR A 366 -5.39 -27.73 36.90
N PRO A 367 -6.34 -27.91 37.83
CA PRO A 367 -6.14 -28.22 39.25
C PRO A 367 -5.78 -29.70 39.46
N ASP A 368 -5.92 -30.54 38.45
CA ASP A 368 -5.47 -31.93 38.49
C ASP A 368 -5.17 -32.39 37.08
N TYR A 369 -4.71 -33.64 36.96
CA TYR A 369 -4.22 -34.16 35.69
C TYR A 369 -5.34 -34.58 34.73
N GLY A 370 -6.59 -34.22 35.01
CA GLY A 370 -7.68 -34.43 34.08
C GLY A 370 -8.12 -33.18 33.37
N ARG A 371 -7.36 -32.09 33.48
CA ARG A 371 -7.80 -30.79 32.96
C ARG A 371 -8.05 -30.85 31.47
N PHE A 372 -7.09 -31.40 30.71
CA PHE A 372 -7.27 -31.56 29.28
C PHE A 372 -8.61 -32.21 28.96
N TRP A 373 -8.93 -33.28 29.69
CA TRP A 373 -10.13 -34.06 29.40
C TRP A 373 -11.38 -33.38 29.90
N GLN A 374 -11.29 -32.69 31.04
CA GLN A 374 -12.38 -31.82 31.48
C GLN A 374 -12.71 -30.78 30.41
N ILE A 375 -11.69 -30.22 29.78
CA ILE A 375 -11.91 -29.23 28.73
C ILE A 375 -12.57 -29.88 27.51
N VAL A 376 -12.04 -31.02 27.06
CA VAL A 376 -12.59 -31.68 25.89
C VAL A 376 -14.05 -32.03 26.10
N GLU A 377 -14.37 -32.61 27.26
CA GLU A 377 -15.76 -32.98 27.55
C GLU A 377 -16.65 -31.75 27.65
N LYS A 378 -16.16 -30.69 28.31
CA LYS A 378 -16.97 -29.50 28.52
C LYS A 378 -17.46 -28.92 27.21
N HIS A 379 -16.57 -28.82 26.22
CA HIS A 379 -16.87 -28.15 24.96
C HIS A 379 -17.05 -29.12 23.80
N LYS A 380 -17.12 -30.42 24.08
CA LYS A 380 -17.36 -31.43 23.05
C LYS A 380 -16.38 -31.29 21.89
N ALA A 381 -15.11 -31.10 22.23
CA ALA A 381 -14.08 -30.94 21.21
C ALA A 381 -14.02 -32.18 20.33
N THR A 382 -13.82 -31.95 19.02
CA THR A 382 -13.72 -33.03 18.05
C THR A 382 -12.29 -33.35 17.65
N HIS A 383 -11.36 -32.44 17.90
CA HIS A 383 -9.97 -32.60 17.48
C HIS A 383 -9.05 -32.18 18.60
N PHE A 384 -8.06 -33.01 18.91
CA PHE A 384 -7.12 -32.74 19.98
C PHE A 384 -5.69 -32.89 19.48
N TYR A 385 -4.84 -31.94 19.87
CA TYR A 385 -3.50 -31.79 19.31
C TYR A 385 -2.55 -31.48 20.44
N VAL A 386 -1.56 -32.35 20.69
CA VAL A 386 -0.73 -32.24 21.88
C VAL A 386 0.68 -32.75 21.59
N ALA A 387 1.60 -32.42 22.51
CA ALA A 387 3.00 -32.83 22.41
C ALA A 387 3.23 -34.12 23.18
N PRO A 388 4.03 -35.05 22.65
CA PRO A 388 4.30 -36.30 23.38
C PRO A 388 4.83 -36.10 24.79
N THR A 389 5.53 -35.00 25.09
CA THR A 389 6.00 -34.80 26.45
C THR A 389 4.84 -34.79 27.43
N ALA A 390 3.73 -34.16 27.05
CA ALA A 390 2.55 -34.15 27.90
C ALA A 390 1.96 -35.54 28.03
N LEU A 391 1.92 -36.31 26.94
CA LEU A 391 1.37 -37.66 27.01
C LEU A 391 2.17 -38.53 27.96
N ARG A 392 3.50 -38.37 27.99
CA ARG A 392 4.31 -39.09 28.96
C ARG A 392 3.95 -38.70 30.38
N LEU A 393 3.71 -37.41 30.61
CA LEU A 393 3.34 -36.94 31.94
C LEU A 393 2.00 -37.54 32.38
N LEU A 394 0.99 -37.45 31.52
CA LEU A 394 -0.33 -37.95 31.88
C LEU A 394 -0.33 -39.47 32.03
N ARG A 395 0.50 -40.18 31.24
CA ARG A 395 0.63 -41.62 31.45
C ARG A 395 1.28 -41.93 32.79
N LYS A 396 2.21 -41.08 33.24
CA LYS A 396 2.91 -41.32 34.50
C LYS A 396 2.09 -40.90 35.71
N ALA A 397 1.28 -39.84 35.59
CA ALA A 397 0.64 -39.21 36.74
C ALA A 397 -0.87 -39.14 36.69
N GLY A 398 -1.50 -39.21 35.51
CA GLY A 398 -2.92 -38.91 35.44
C GLY A 398 -3.74 -39.90 34.65
N GLU A 399 -3.25 -41.14 34.52
CA GLU A 399 -4.02 -42.15 33.81
C GLU A 399 -5.37 -42.40 34.49
N GLN A 400 -5.40 -42.31 35.82
CA GLN A 400 -6.62 -42.59 36.56
C GLN A 400 -7.71 -41.55 36.33
N GLU A 401 -7.35 -40.36 35.83
CA GLU A 401 -8.32 -39.30 35.62
C GLU A 401 -9.16 -39.49 34.36
N ILE A 402 -8.64 -40.22 33.37
CA ILE A 402 -9.30 -40.27 32.07
C ILE A 402 -10.68 -40.89 32.18
N ALA A 403 -10.83 -41.91 33.03
CA ALA A 403 -12.12 -42.58 33.12
C ALA A 403 -13.20 -41.70 33.72
N LYS A 404 -12.85 -40.53 34.26
CA LYS A 404 -13.84 -39.62 34.82
C LYS A 404 -14.57 -38.81 33.74
N TYR A 405 -14.11 -38.84 32.50
CA TYR A 405 -14.57 -37.90 31.50
C TYR A 405 -15.08 -38.61 30.26
N ASP A 406 -16.11 -38.03 29.65
CA ASP A 406 -16.65 -38.51 28.38
C ASP A 406 -15.83 -37.87 27.24
N LEU A 407 -15.07 -38.70 26.52
CA LEU A 407 -14.24 -38.22 25.42
C LEU A 407 -14.73 -38.70 24.07
N SER A 408 -16.02 -39.03 23.98
CA SER A 408 -16.58 -39.61 22.75
C SER A 408 -16.79 -38.57 21.65
N SER A 409 -16.54 -37.29 21.93
CA SER A 409 -16.66 -36.29 20.87
C SER A 409 -15.42 -36.21 20.01
N LEU A 410 -14.29 -36.75 20.48
CA LEU A 410 -13.05 -36.72 19.72
C LEU A 410 -13.09 -37.76 18.60
N ARG A 411 -12.48 -37.40 17.46
CA ARG A 411 -12.20 -38.39 16.42
C ARG A 411 -10.81 -38.25 15.82
N THR A 412 -10.13 -37.11 15.98
CA THR A 412 -8.77 -36.92 15.50
C THR A 412 -7.86 -36.58 16.68
N LEU A 413 -6.76 -37.31 16.80
CA LEU A 413 -5.78 -37.11 17.85
C LEU A 413 -4.43 -36.84 17.20
N GLY A 414 -3.93 -35.64 17.36
CA GLY A 414 -2.67 -35.24 16.75
C GLY A 414 -1.53 -35.23 17.76
N SER A 415 -0.33 -35.52 17.27
CA SER A 415 0.90 -35.42 18.04
C SER A 415 1.87 -34.55 17.26
N VAL A 416 2.65 -33.73 17.97
CA VAL A 416 3.44 -32.70 17.31
C VAL A 416 4.69 -32.37 18.12
N GLY A 417 5.76 -32.03 17.40
CA GLY A 417 6.90 -31.33 17.98
C GLY A 417 8.07 -32.19 18.35
N GLU A 418 7.91 -33.51 18.33
CA GLU A 418 8.95 -34.43 18.77
C GLU A 418 8.48 -35.84 18.41
N PRO A 419 9.41 -36.81 18.36
CA PRO A 419 9.01 -38.18 18.02
C PRO A 419 8.04 -38.72 19.05
N ILE A 420 7.06 -39.47 18.57
CA ILE A 420 6.11 -40.18 19.41
C ILE A 420 6.50 -41.65 19.40
N SER A 421 6.83 -42.20 20.57
CA SER A 421 7.24 -43.58 20.62
C SER A 421 6.04 -44.49 20.37
N PRO A 422 6.26 -45.66 19.77
CA PRO A 422 5.13 -46.59 19.56
C PRO A 422 4.34 -46.87 20.83
N ASP A 423 5.01 -46.97 21.98
CA ASP A 423 4.29 -47.19 23.23
C ASP A 423 3.38 -46.01 23.56
N ILE A 424 3.91 -44.79 23.48
CA ILE A 424 3.07 -43.62 23.72
C ILE A 424 1.98 -43.54 22.67
N TRP A 425 2.29 -43.90 21.43
CA TRP A 425 1.28 -43.93 20.38
C TRP A 425 0.13 -44.85 20.80
N GLU A 426 0.46 -46.04 21.31
CA GLU A 426 -0.57 -46.97 21.74
C GLU A 426 -1.34 -46.43 22.94
N TRP A 427 -0.64 -45.83 23.89
CA TRP A 427 -1.31 -45.26 25.07
C TRP A 427 -2.26 -44.16 24.65
N TYR A 428 -1.80 -43.24 23.80
CA TYR A 428 -2.65 -42.21 23.23
C TYR A 428 -3.86 -42.82 22.53
N ASN A 429 -3.62 -43.87 21.72
CA ASN A 429 -4.68 -44.46 20.93
C ASN A 429 -5.74 -45.11 21.81
N GLU A 430 -5.32 -45.79 22.88
CA GLU A 430 -6.24 -46.57 23.70
C GLU A 430 -6.90 -45.72 24.78
N PHE A 431 -6.12 -44.99 25.56
CA PHE A 431 -6.68 -44.34 26.75
C PHE A 431 -7.40 -43.03 26.42
N VAL A 432 -6.95 -42.28 25.43
CA VAL A 432 -7.65 -41.06 25.04
C VAL A 432 -8.64 -41.34 23.91
N GLY A 433 -8.23 -42.08 22.90
CA GLY A 433 -9.06 -42.30 21.73
C GLY A 433 -9.96 -43.52 21.83
N LYS A 434 -9.67 -44.41 22.77
CA LYS A 434 -10.46 -45.62 22.99
C LYS A 434 -10.42 -46.55 21.77
N ASN A 435 -9.29 -46.59 21.07
CA ASN A 435 -9.17 -47.38 19.85
C ASN A 435 -10.26 -47.01 18.83
N GLN A 436 -10.72 -45.75 18.87
CA GLN A 436 -11.79 -45.29 18.00
C GLN A 436 -11.45 -44.02 17.23
N CYS A 437 -10.29 -43.42 17.47
CA CYS A 437 -9.91 -42.18 16.83
C CYS A 437 -8.80 -42.42 15.83
N HIS A 438 -8.65 -41.47 14.90
CA HIS A 438 -7.50 -41.46 14.01
C HIS A 438 -6.40 -40.63 14.65
N ILE A 439 -5.16 -41.11 14.52
CA ILE A 439 -3.99 -40.45 15.09
C ILE A 439 -3.16 -39.86 13.97
N SER A 440 -2.84 -38.57 14.10
CA SER A 440 -2.06 -37.85 13.11
C SER A 440 -0.76 -37.40 13.75
N ASP A 441 0.29 -38.20 13.57
CA ASP A 441 1.64 -37.80 13.93
C ASP A 441 2.13 -36.81 12.87
N THR A 442 2.16 -35.53 13.21
CA THR A 442 2.49 -34.48 12.26
C THR A 442 3.94 -34.05 12.45
N TYR A 443 4.75 -34.23 11.40
CA TYR A 443 6.13 -33.76 11.40
C TYR A 443 6.20 -32.45 10.63
N TRP A 444 6.88 -31.46 11.20
CA TRP A 444 7.09 -30.18 10.55
C TRP A 444 8.00 -29.34 11.44
N GLN A 445 8.19 -28.07 11.07
CA GLN A 445 9.11 -27.18 11.75
C GLN A 445 8.57 -25.76 11.73
N THR A 446 9.15 -24.92 12.60
CA THR A 446 8.87 -23.50 12.56
C THR A 446 9.04 -22.96 11.14
N GLU A 447 10.14 -23.32 10.48
CA GLU A 447 10.46 -22.74 9.19
C GLU A 447 9.59 -23.27 8.06
N SER A 448 8.85 -24.36 8.27
CA SER A 448 7.98 -24.89 7.24
C SER A 448 6.57 -24.32 7.28
N GLY A 449 6.22 -23.60 8.34
CA GLY A 449 4.92 -22.96 8.41
C GLY A 449 3.77 -23.88 8.74
N SER A 450 3.74 -25.07 8.12
CA SER A 450 2.65 -26.01 8.32
C SER A 450 3.18 -27.43 8.14
N HIS A 451 2.27 -28.40 8.23
CA HIS A 451 2.66 -29.79 8.21
C HIS A 451 3.44 -30.15 6.95
N LEU A 452 4.47 -30.96 7.12
CA LEU A 452 5.27 -31.52 6.04
C LEU A 452 4.94 -32.99 5.79
N ILE A 453 4.90 -33.80 6.84
CA ILE A 453 4.65 -35.24 6.73
C ILE A 453 3.67 -35.63 7.82
N ALA A 454 2.55 -36.25 7.44
CA ALA A 454 1.50 -36.56 8.40
C ALA A 454 0.48 -37.53 7.84
N PRO A 455 -0.14 -38.38 8.67
CA PRO A 455 -1.22 -39.25 8.19
C PRO A 455 -2.53 -38.49 8.16
N LEU A 456 -3.07 -38.27 6.95
CA LEU A 456 -4.35 -37.58 6.82
C LEU A 456 -5.45 -38.36 7.51
N ALA A 457 -6.24 -37.66 8.32
CA ALA A 457 -7.29 -38.30 9.11
C ALA A 457 -8.31 -38.97 8.20
N GLY A 458 -8.61 -40.24 8.49
CA GLY A 458 -9.58 -40.99 7.72
C GLY A 458 -9.11 -41.44 6.35
N VAL A 459 -7.82 -41.31 6.05
CA VAL A 459 -7.31 -41.62 4.72
C VAL A 459 -6.09 -42.52 4.78
N VAL A 460 -5.11 -42.16 5.60
CA VAL A 460 -3.80 -42.81 5.61
C VAL A 460 -3.77 -43.82 6.75
N PRO A 461 -3.54 -45.11 6.48
CA PRO A 461 -3.31 -46.06 7.58
C PRO A 461 -2.01 -45.73 8.31
N ASN A 462 -2.00 -46.02 9.60
CA ASN A 462 -0.91 -45.60 10.48
C ASN A 462 0.08 -46.74 10.76
N LYS A 463 1.36 -46.39 10.80
CA LYS A 463 2.39 -47.20 11.43
C LYS A 463 2.85 -46.47 12.67
N PRO A 464 2.59 -46.97 13.88
CA PRO A 464 2.95 -46.19 15.09
C PRO A 464 4.40 -45.78 15.11
N GLY A 465 4.64 -44.47 15.20
CA GLY A 465 5.97 -43.91 15.19
C GLY A 465 6.43 -43.35 13.87
N SER A 466 5.60 -43.43 12.84
CA SER A 466 5.91 -42.92 11.52
C SER A 466 4.97 -41.77 11.17
N ALA A 467 5.54 -40.71 10.60
CA ALA A 467 4.72 -39.62 10.11
C ALA A 467 4.05 -39.95 8.78
N SER A 468 4.39 -41.09 8.17
CA SER A 468 3.76 -41.57 6.94
C SER A 468 4.14 -40.71 5.73
N TYR A 469 3.11 -40.22 4.93
CA TYR A 469 3.44 -39.68 3.63
C TYR A 469 3.64 -38.17 3.67
N PRO A 470 4.41 -37.62 2.73
CA PRO A 470 4.53 -36.17 2.64
C PRO A 470 3.23 -35.52 2.16
N PHE A 471 3.03 -34.27 2.56
CA PHE A 471 1.79 -33.55 2.31
C PHE A 471 1.85 -32.82 0.96
N PHE A 472 0.69 -32.30 0.55
CA PHE A 472 0.58 -31.55 -0.71
C PHE A 472 1.68 -30.51 -0.81
N GLY A 473 2.33 -30.48 -1.97
CA GLY A 473 3.39 -29.52 -2.25
C GLY A 473 4.72 -29.81 -1.60
N ILE A 474 4.88 -30.97 -0.96
CA ILE A 474 6.10 -31.31 -0.24
C ILE A 474 6.73 -32.50 -0.95
N ASP A 475 7.79 -32.25 -1.73
CA ASP A 475 8.53 -33.31 -2.41
C ASP A 475 9.70 -33.70 -1.53
N ALA A 476 9.48 -34.71 -0.68
CA ALA A 476 10.49 -35.10 0.30
C ALA A 476 11.53 -36.01 -0.33
N ALA A 477 12.75 -35.95 0.21
CA ALA A 477 13.84 -36.78 -0.27
C ALA A 477 14.83 -37.04 0.85
N LEU A 478 15.62 -38.09 0.67
CA LEU A 478 16.72 -38.43 1.56
C LEU A 478 18.04 -38.24 0.81
N ILE A 479 18.99 -37.57 1.45
CA ILE A 479 20.30 -37.31 0.87
C ILE A 479 21.33 -38.10 1.67
N ASP A 480 22.23 -38.74 0.95
CA ASP A 480 23.34 -39.44 1.57
C ASP A 480 24.25 -38.44 2.27
N PRO A 481 24.51 -38.59 3.57
CA PRO A 481 25.37 -37.60 4.26
C PRO A 481 26.79 -37.60 3.75
N VAL A 482 27.24 -38.68 3.11
CA VAL A 482 28.61 -38.80 2.67
C VAL A 482 28.82 -38.18 1.30
N THR A 483 27.87 -38.37 0.38
CA THR A 483 28.03 -37.96 -1.00
C THR A 483 27.24 -36.71 -1.37
N GLY A 484 26.25 -36.33 -0.57
CA GLY A 484 25.39 -35.21 -0.92
C GLY A 484 24.42 -35.49 -2.04
N VAL A 485 24.24 -36.76 -2.40
CA VAL A 485 23.41 -37.17 -3.51
C VAL A 485 22.09 -37.71 -3.02
N GLU A 486 21.00 -37.32 -3.69
CA GLU A 486 19.69 -37.84 -3.36
C GLU A 486 19.66 -39.36 -3.53
N ILE A 487 19.00 -40.03 -2.61
CA ILE A 487 18.94 -41.49 -2.56
C ILE A 487 17.68 -41.96 -3.27
N GLU A 488 17.85 -42.70 -4.36
CA GLU A 488 16.73 -43.33 -5.04
C GLU A 488 16.34 -44.62 -4.34
N GLY A 489 15.05 -44.92 -4.35
CA GLY A 489 14.57 -46.18 -3.83
C GLY A 489 14.31 -46.14 -2.34
N ASN A 490 13.65 -47.20 -1.87
CA ASN A 490 13.17 -47.25 -0.50
C ASN A 490 14.10 -48.12 0.36
N ASP A 491 13.72 -48.30 1.62
CA ASP A 491 14.59 -48.94 2.61
C ASP A 491 15.91 -48.17 2.73
N ALA A 492 15.80 -46.87 3.00
CA ALA A 492 16.93 -45.95 2.94
C ALA A 492 16.91 -45.01 4.13
N GLU A 493 18.06 -44.41 4.41
CA GLU A 493 18.23 -43.44 5.49
C GLU A 493 19.14 -42.33 5.03
N GLY A 494 18.96 -41.14 5.59
CA GLY A 494 19.85 -40.04 5.29
C GLY A 494 19.28 -38.72 5.75
N VAL A 495 19.85 -37.63 5.23
CA VAL A 495 19.38 -36.30 5.57
C VAL A 495 18.04 -36.06 4.89
N LEU A 496 17.06 -35.57 5.66
CA LEU A 496 15.75 -35.27 5.11
C LEU A 496 15.78 -33.89 4.46
N ALA A 497 15.54 -33.85 3.16
CA ALA A 497 15.55 -32.60 2.42
C ALA A 497 14.32 -32.55 1.53
N ILE A 498 13.98 -31.35 1.08
CA ILE A 498 12.79 -31.11 0.27
C ILE A 498 13.22 -30.46 -1.05
N LYS A 499 12.65 -30.95 -2.14
CA LYS A 499 13.17 -30.72 -3.48
C LYS A 499 12.60 -29.48 -4.15
N ASP A 500 11.65 -28.79 -3.52
CA ASP A 500 11.10 -27.57 -4.07
C ASP A 500 10.41 -26.83 -2.93
N HIS A 501 10.33 -25.50 -3.06
CA HIS A 501 9.69 -24.74 -2.00
C HIS A 501 8.17 -24.94 -2.07
N TRP A 502 7.50 -24.53 -0.99
CA TRP A 502 6.07 -24.74 -0.83
C TRP A 502 5.45 -23.48 -0.25
N PRO A 503 4.12 -23.33 -0.37
CA PRO A 503 3.50 -22.03 -0.07
C PRO A 503 3.86 -21.46 1.29
N SER A 504 3.80 -22.26 2.35
CA SER A 504 3.97 -21.77 3.71
C SER A 504 5.42 -21.81 4.18
N MET A 505 6.37 -22.02 3.27
CA MET A 505 7.79 -22.00 3.63
C MET A 505 8.21 -20.62 4.08
N ALA A 506 9.03 -20.56 5.12
CA ALA A 506 9.57 -19.29 5.57
C ALA A 506 10.42 -18.68 4.47
N ARG A 507 10.38 -17.35 4.37
CA ARG A 507 10.96 -16.66 3.23
C ARG A 507 12.31 -16.04 3.50
N THR A 508 12.64 -15.74 4.76
CA THR A 508 13.91 -15.12 5.09
C THR A 508 14.12 -15.21 6.59
N VAL A 509 15.29 -14.77 7.03
CA VAL A 509 15.57 -14.44 8.42
C VAL A 509 15.72 -12.92 8.49
N TYR A 510 14.98 -12.30 9.40
CA TYR A 510 14.77 -10.86 9.37
C TYR A 510 16.09 -10.09 9.29
N LYS A 511 16.23 -9.31 8.22
CA LYS A 511 17.41 -8.49 7.98
C LYS A 511 18.70 -9.28 7.99
N ASN A 512 18.63 -10.60 7.80
CA ASN A 512 19.82 -11.42 7.73
C ASN A 512 19.57 -12.58 6.77
N HIS A 513 19.25 -12.25 5.50
CA HIS A 513 18.93 -13.27 4.52
C HIS A 513 20.10 -14.18 4.22
N THR A 514 21.33 -13.72 4.48
CA THR A 514 22.50 -14.58 4.25
C THR A 514 22.51 -15.75 5.23
N LYS A 515 22.23 -15.47 6.51
CA LYS A 515 22.10 -16.53 7.49
C LYS A 515 21.04 -17.55 7.05
N TYR A 516 19.96 -17.05 6.46
CA TYR A 516 18.91 -17.92 5.94
C TYR A 516 19.45 -18.84 4.85
N MET A 517 20.17 -18.28 3.88
CA MET A 517 20.72 -19.09 2.80
C MET A 517 21.72 -20.11 3.32
N ASP A 518 22.63 -19.68 4.19
CA ASP A 518 23.66 -20.59 4.68
C ASP A 518 23.07 -21.74 5.47
N THR A 519 21.92 -21.53 6.11
CA THR A 519 21.34 -22.53 6.99
C THR A 519 20.45 -23.53 6.26
N TYR A 520 19.59 -23.05 5.36
CA TYR A 520 18.57 -23.89 4.75
C TYR A 520 18.83 -24.26 3.30
N MET A 521 19.44 -23.39 2.50
CA MET A 521 19.52 -23.59 1.06
C MET A 521 20.90 -23.99 0.55
N ASN A 522 21.98 -23.55 1.18
CA ASN A 522 23.31 -23.77 0.64
C ASN A 522 23.92 -25.13 1.01
N PRO A 523 23.61 -25.70 2.17
CA PRO A 523 24.23 -26.99 2.52
C PRO A 523 24.00 -28.08 1.48
N TYR A 524 22.79 -28.15 0.91
CA TYR A 524 22.44 -29.17 -0.08
C TYR A 524 21.84 -28.44 -1.27
N PRO A 525 22.68 -27.95 -2.18
CA PRO A 525 22.19 -27.04 -3.23
C PRO A 525 21.09 -27.69 -4.06
N GLY A 526 19.99 -26.97 -4.21
CA GLY A 526 18.82 -27.45 -4.90
C GLY A 526 17.75 -28.00 -3.97
N TYR A 527 18.07 -28.24 -2.71
CA TYR A 527 17.13 -28.77 -1.74
C TYR A 527 16.98 -27.79 -0.57
N TYR A 528 15.94 -28.03 0.22
CA TYR A 528 15.75 -27.40 1.52
C TYR A 528 16.24 -28.37 2.60
N PHE A 529 17.01 -27.84 3.54
CA PHE A 529 17.66 -28.65 4.58
C PHE A 529 16.86 -28.51 5.87
N THR A 530 16.16 -29.58 6.26
CA THR A 530 15.32 -29.54 7.45
C THR A 530 16.13 -29.52 8.74
N GLY A 531 17.38 -29.95 8.70
CA GLY A 531 18.12 -30.16 9.92
C GLY A 531 17.86 -31.51 10.55
N ASP A 532 16.95 -32.30 9.98
CA ASP A 532 16.58 -33.61 10.49
C ASP A 532 17.09 -34.71 9.58
N GLY A 533 17.31 -35.88 10.15
CA GLY A 533 17.54 -37.09 9.40
C GLY A 533 16.29 -37.96 9.48
N ALA A 534 16.10 -38.80 8.47
CA ALA A 534 14.91 -39.63 8.40
C ALA A 534 15.21 -40.89 7.60
N ALA A 535 14.26 -41.81 7.61
CA ALA A 535 14.35 -43.06 6.86
C ALA A 535 13.04 -43.30 6.12
N ARG A 536 13.12 -43.97 4.97
CA ARG A 536 11.98 -44.25 4.13
C ARG A 536 11.89 -45.75 3.91
N ASP A 537 10.75 -46.34 4.29
CA ASP A 537 10.60 -47.79 4.23
C ASP A 537 10.02 -48.21 2.88
N HIS A 538 9.85 -49.52 2.71
CA HIS A 538 9.45 -50.06 1.41
C HIS A 538 8.08 -49.58 0.97
N ASP A 539 7.28 -49.04 1.88
CA ASP A 539 5.97 -48.53 1.55
C ASP A 539 5.96 -47.01 1.33
N GLY A 540 7.12 -46.36 1.38
CA GLY A 540 7.19 -44.93 1.24
C GLY A 540 6.94 -44.15 2.51
N TYR A 541 6.69 -44.82 3.62
CA TYR A 541 6.47 -44.14 4.89
C TYR A 541 7.78 -43.58 5.41
N TYR A 542 7.75 -42.33 5.87
CA TYR A 542 8.92 -41.71 6.44
C TYR A 542 8.96 -41.89 7.96
N TRP A 543 10.15 -42.16 8.48
CA TRP A 543 10.39 -42.33 9.90
C TRP A 543 11.40 -41.28 10.35
N ILE A 544 10.92 -40.26 11.07
CA ILE A 544 11.81 -39.21 11.54
C ILE A 544 12.80 -39.80 12.54
N ARG A 545 14.07 -39.41 12.41
CA ARG A 545 15.15 -39.91 13.27
C ARG A 545 15.86 -38.78 14.01
N GLY A 546 15.24 -37.63 14.12
CA GLY A 546 15.76 -36.54 14.93
C GLY A 546 16.79 -35.69 14.21
N ARG A 547 17.15 -34.59 14.87
CA ARG A 547 18.01 -33.59 14.26
C ARG A 547 19.39 -34.17 13.94
N VAL A 548 20.01 -33.60 12.89
CA VAL A 548 21.38 -33.92 12.52
C VAL A 548 22.34 -32.75 12.74
N ASP A 549 21.85 -31.57 13.10
CA ASP A 549 22.69 -30.41 13.34
C ASP A 549 22.83 -30.10 14.82
N ASP A 550 22.65 -31.11 15.68
CA ASP A 550 22.91 -30.98 17.11
C ASP A 550 22.03 -29.92 17.77
N VAL A 551 20.88 -29.62 17.17
CA VAL A 551 19.87 -28.80 17.83
C VAL A 551 19.09 -29.68 18.80
N VAL A 552 18.81 -29.14 19.98
CA VAL A 552 18.22 -29.90 21.08
C VAL A 552 16.78 -29.45 21.29
N ASN A 553 15.91 -30.41 21.59
CA ASN A 553 14.48 -30.18 21.75
C ASN A 553 14.08 -30.74 23.10
N VAL A 554 13.88 -29.86 24.08
CA VAL A 554 13.60 -30.23 25.46
C VAL A 554 12.13 -29.97 25.73
N SER A 555 11.34 -31.03 25.89
CA SER A 555 9.92 -30.91 26.18
C SER A 555 9.21 -30.06 25.13
N GLY A 556 9.61 -30.23 23.87
CA GLY A 556 8.98 -29.52 22.78
C GLY A 556 9.55 -28.15 22.50
N HIS A 557 10.55 -27.71 23.26
CA HIS A 557 11.15 -26.39 23.11
C HIS A 557 12.46 -26.52 22.33
N ARG A 558 12.56 -25.83 21.20
CA ARG A 558 13.82 -25.78 20.47
C ARG A 558 14.81 -24.91 21.24
N LEU A 559 15.98 -25.48 21.53
CA LEU A 559 17.04 -24.79 22.26
C LEU A 559 18.32 -24.77 21.45
N SER A 560 19.14 -23.77 21.73
CA SER A 560 20.47 -23.65 21.14
C SER A 560 21.47 -24.00 22.24
N THR A 561 22.14 -25.14 22.08
CA THR A 561 23.22 -25.46 23.02
C THR A 561 24.27 -24.36 23.03
N ALA A 562 24.48 -23.70 21.90
CA ALA A 562 25.42 -22.58 21.85
C ALA A 562 24.94 -21.46 22.77
N GLU A 563 23.64 -21.18 22.77
CA GLU A 563 23.12 -20.09 23.61
C GLU A 563 23.23 -20.44 25.08
N ILE A 564 23.06 -21.72 25.44
CA ILE A 564 23.21 -22.14 26.83
C ILE A 564 24.66 -22.04 27.27
N GLU A 565 25.59 -22.38 26.36
CA GLU A 565 27.00 -22.21 26.68
C GLU A 565 27.33 -20.75 26.96
N ALA A 566 26.74 -19.84 26.17
CA ALA A 566 27.00 -18.42 26.38
C ALA A 566 26.51 -17.97 27.74
N ALA A 567 25.32 -18.40 28.14
CA ALA A 567 24.78 -17.98 29.43
C ALA A 567 25.64 -18.51 30.58
N LEU A 568 26.10 -19.76 30.46
CA LEU A 568 26.96 -20.31 31.50
C LEU A 568 28.28 -19.56 31.59
N ILE A 569 28.83 -19.13 30.46
CA ILE A 569 30.11 -18.44 30.45
C ILE A 569 29.97 -17.03 31.02
N GLU A 570 28.80 -16.40 30.84
CA GLU A 570 28.59 -15.07 31.40
C GLU A 570 28.93 -15.03 32.88
N ASP A 571 28.73 -16.15 33.58
CA ASP A 571 29.16 -16.26 34.96
C ASP A 571 30.67 -16.13 35.02
N LYS A 572 31.15 -15.17 35.80
CA LYS A 572 32.57 -14.85 35.80
C LYS A 572 33.41 -15.88 36.55
N LYS A 573 32.79 -16.88 37.17
CA LYS A 573 33.53 -18.00 37.74
C LYS A 573 33.76 -19.12 36.73
N VAL A 574 33.19 -19.00 35.52
CA VAL A 574 33.28 -20.03 34.49
C VAL A 574 34.21 -19.53 33.39
N SER A 575 35.09 -20.41 32.91
CA SER A 575 36.00 -20.12 31.82
C SER A 575 35.50 -20.67 30.49
N GLU A 576 35.17 -21.95 30.45
CA GLU A 576 34.72 -22.61 29.23
C GLU A 576 33.46 -23.41 29.53
N ALA A 577 32.62 -23.55 28.51
CA ALA A 577 31.39 -24.31 28.63
C ALA A 577 31.16 -25.10 27.35
N ALA A 578 30.61 -26.30 27.50
CA ALA A 578 30.28 -27.16 26.37
C ALA A 578 28.99 -27.90 26.71
N VAL A 579 27.94 -27.64 25.94
CA VAL A 579 26.60 -28.13 26.22
C VAL A 579 26.21 -29.10 25.12
N VAL A 580 25.68 -30.26 25.53
CA VAL A 580 25.24 -31.30 24.61
C VAL A 580 23.87 -31.79 25.06
N GLY A 581 23.23 -32.59 24.21
CA GLY A 581 21.92 -33.13 24.49
C GLY A 581 21.96 -34.65 24.56
N ILE A 582 21.11 -35.20 25.42
CA ILE A 582 21.01 -36.64 25.63
C ILE A 582 19.54 -37.02 25.75
N HIS A 583 19.28 -38.32 25.68
CA HIS A 583 17.93 -38.82 25.84
C HIS A 583 17.44 -38.62 27.28
N ASP A 584 16.12 -38.44 27.40
CA ASP A 584 15.49 -38.28 28.71
C ASP A 584 14.09 -38.90 28.66
N ASP A 585 13.76 -39.69 29.68
CA ASP A 585 12.49 -40.41 29.65
C ASP A 585 11.30 -39.48 29.84
N ILE A 586 11.52 -38.25 30.30
CA ILE A 586 10.44 -37.32 30.56
C ILE A 586 10.38 -36.27 29.47
N THR A 587 11.47 -35.52 29.30
CA THR A 587 11.50 -34.37 28.40
C THR A 587 11.94 -34.70 26.98
N GLY A 588 12.13 -35.97 26.65
CA GLY A 588 12.55 -36.32 25.31
C GLY A 588 14.06 -36.19 25.18
N GLN A 589 14.54 -34.96 25.31
CA GLN A 589 15.96 -34.68 25.38
C GLN A 589 16.24 -33.80 26.58
N ALA A 590 17.45 -33.96 27.12
CA ALA A 590 17.92 -33.21 28.27
C ALA A 590 19.23 -32.54 27.91
N VAL A 591 19.51 -31.44 28.59
CA VAL A 591 20.71 -30.64 28.35
C VAL A 591 21.73 -30.99 29.42
N ILE A 592 22.92 -31.42 29.00
CA ILE A 592 24.04 -31.67 29.90
C ILE A 592 25.07 -30.59 29.66
N ALA A 593 25.42 -29.84 30.70
CA ALA A 593 26.36 -28.74 30.60
C ALA A 593 27.67 -29.11 31.28
N TYR A 594 28.76 -29.00 30.53
CA TYR A 594 30.11 -29.22 31.06
C TYR A 594 30.76 -27.86 31.24
N VAL A 595 31.33 -27.64 32.42
CA VAL A 595 31.86 -26.34 32.80
C VAL A 595 33.27 -26.53 33.34
N ALA A 596 34.20 -25.69 32.89
CA ALA A 596 35.54 -25.62 33.43
C ALA A 596 35.72 -24.26 34.08
N LEU A 597 36.13 -24.26 35.35
CA LEU A 597 36.29 -23.05 36.14
C LEU A 597 37.75 -22.61 36.14
N LYS A 598 37.95 -21.28 36.23
CA LYS A 598 39.30 -20.73 36.08
C LYS A 598 40.16 -21.02 37.31
N GLU A 599 39.69 -20.63 38.48
CA GLU A 599 40.53 -20.68 39.68
C GLU A 599 39.83 -21.40 40.82
N ASP A 605 32.06 -24.97 47.17
CA ASP A 605 30.99 -24.53 46.28
C ASP A 605 30.06 -25.69 45.93
N SER A 606 30.56 -26.67 45.19
CA SER A 606 29.88 -27.96 44.97
C SER A 606 28.55 -27.68 44.25
N GLU A 607 27.50 -28.44 44.57
CA GLU A 607 26.16 -28.18 44.08
C GLU A 607 25.82 -26.70 44.18
N GLY A 608 26.37 -26.01 45.18
CA GLY A 608 26.13 -24.58 45.31
C GLY A 608 26.44 -23.82 44.04
N LEU A 609 27.64 -24.03 43.49
CA LEU A 609 27.99 -23.41 42.22
C LEU A 609 27.13 -23.96 41.09
N ARG A 610 26.80 -25.24 41.13
CA ARG A 610 25.98 -25.84 40.09
C ARG A 610 24.56 -25.27 40.09
N LYS A 611 24.00 -25.06 41.28
CA LYS A 611 22.71 -24.40 41.37
C LYS A 611 22.80 -22.96 40.89
N GLU A 612 23.89 -22.27 41.20
CA GLU A 612 24.05 -20.89 40.75
C GLU A 612 24.07 -20.82 39.24
N LEU A 613 24.72 -21.78 38.58
CA LEU A 613 24.80 -21.77 37.13
C LEU A 613 23.44 -22.08 36.50
N VAL A 614 22.69 -23.00 37.10
CA VAL A 614 21.36 -23.31 36.58
C VAL A 614 20.49 -22.07 36.61
N LEU A 615 20.56 -21.30 37.70
CA LEU A 615 19.79 -20.07 37.78
C LEU A 615 20.29 -19.03 36.78
N GLN A 616 21.60 -18.99 36.52
CA GLN A 616 22.12 -18.11 35.48
C GLN A 616 21.43 -18.38 34.14
N VAL A 617 21.33 -19.66 33.78
CA VAL A 617 20.66 -20.01 32.53
C VAL A 617 19.19 -19.64 32.58
N ARG A 618 18.59 -19.72 33.77
CA ARG A 618 17.17 -19.44 33.92
C ARG A 618 16.87 -17.97 33.66
N LYS A 619 17.69 -17.07 34.17
CA LYS A 619 17.44 -15.64 34.01
C LYS A 619 18.12 -15.04 32.79
N THR A 620 18.98 -15.79 32.11
CA THR A 620 19.55 -15.30 30.85
C THR A 620 18.67 -15.68 29.67
N ILE A 621 18.24 -16.93 29.61
CA ILE A 621 17.41 -17.41 28.52
C ILE A 621 15.97 -17.54 29.00
N GLY A 622 15.76 -18.43 29.98
CA GLY A 622 14.45 -18.71 30.47
C GLY A 622 14.44 -20.01 31.25
N PRO A 623 13.45 -20.20 32.12
CA PRO A 623 13.45 -21.40 32.97
C PRO A 623 13.48 -22.70 32.19
N PHE A 624 12.82 -22.74 31.03
CA PHE A 624 12.70 -23.98 30.28
C PHE A 624 14.00 -24.42 29.64
N ALA A 625 15.05 -23.59 29.67
CA ALA A 625 16.33 -23.89 29.05
C ALA A 625 17.37 -24.32 30.08
N ALA A 626 16.97 -24.49 31.33
CA ALA A 626 17.94 -24.82 32.36
C ALA A 626 18.51 -26.22 32.10
N PRO A 627 19.83 -26.41 32.29
CA PRO A 627 20.39 -27.75 32.07
C PRO A 627 19.83 -28.75 33.07
N LYS A 628 19.60 -29.98 32.58
CA LYS A 628 19.25 -31.07 33.49
C LYS A 628 20.36 -31.28 34.52
N SER A 629 21.60 -31.23 34.09
CA SER A 629 22.73 -31.45 34.98
C SER A 629 23.91 -30.59 34.55
N VAL A 630 24.73 -30.22 35.52
CA VAL A 630 25.95 -29.45 35.30
C VAL A 630 27.12 -30.30 35.79
N ILE A 631 28.08 -30.55 34.90
CA ILE A 631 29.26 -31.33 35.22
C ILE A 631 30.46 -30.40 35.26
N ILE A 632 31.18 -30.42 36.39
CA ILE A 632 32.37 -29.59 36.56
C ILE A 632 33.59 -30.42 36.20
N VAL A 633 34.41 -29.90 35.29
CA VAL A 633 35.58 -30.59 34.78
C VAL A 633 36.80 -29.66 34.88
N GLN A 634 37.98 -30.27 34.93
CA GLN A 634 39.21 -29.49 35.06
C GLN A 634 39.51 -28.73 33.78
N ASP A 635 39.30 -29.34 32.61
CA ASP A 635 39.21 -28.59 31.36
C ASP A 635 38.55 -29.48 30.31
N LEU A 636 38.28 -28.87 29.17
CA LEU A 636 37.51 -29.51 28.10
C LEU A 636 38.44 -30.03 27.01
N PRO A 637 38.04 -31.09 26.30
CA PRO A 637 38.91 -31.65 25.27
C PRO A 637 38.94 -30.76 24.04
N LYS A 638 40.13 -30.48 23.53
CA LYS A 638 40.30 -29.48 22.49
C LYS A 638 41.28 -29.97 21.44
N THR A 639 41.11 -29.46 20.23
CA THR A 639 41.94 -29.85 19.09
C THR A 639 43.28 -29.14 19.14
N ARG A 640 44.15 -29.47 18.18
CA ARG A 640 45.39 -28.71 18.00
C ARG A 640 45.10 -27.23 17.81
N SER A 641 43.95 -26.91 17.20
CA SER A 641 43.56 -25.52 16.97
C SER A 641 43.39 -24.77 18.29
N GLY A 642 42.91 -25.45 19.32
CA GLY A 642 42.47 -24.81 20.54
C GLY A 642 40.96 -24.81 20.73
N LYS A 643 40.22 -25.54 19.90
CA LYS A 643 38.77 -25.54 19.91
C LYS A 643 38.24 -26.85 20.45
N ILE A 644 37.02 -26.81 20.98
CA ILE A 644 36.47 -27.90 21.76
C ILE A 644 35.89 -28.96 20.85
N MET A 645 36.28 -30.21 21.09
CA MET A 645 35.69 -31.37 20.43
C MET A 645 34.45 -31.78 21.20
N ARG A 646 33.29 -31.28 20.74
CA ARG A 646 32.05 -31.64 21.41
C ARG A 646 31.61 -33.06 21.11
N ARG A 647 32.11 -33.67 20.03
CA ARG A 647 31.79 -35.07 19.80
C ARG A 647 32.16 -35.93 21.00
N ILE A 648 33.23 -35.57 21.70
CA ILE A 648 33.67 -36.38 22.83
C ILE A 648 32.69 -36.25 23.98
N LEU A 649 32.15 -35.05 24.19
CA LEU A 649 31.18 -34.86 25.26
C LEU A 649 29.85 -35.53 24.95
N ARG A 650 29.49 -35.62 23.67
CA ARG A 650 28.26 -36.33 23.31
C ARG A 650 28.41 -37.83 23.50
N LYS A 651 29.54 -38.40 23.07
CA LYS A 651 29.74 -39.83 23.24
C LYS A 651 29.83 -40.21 24.71
N VAL A 652 30.52 -39.41 25.52
CA VAL A 652 30.59 -39.69 26.95
C VAL A 652 29.20 -39.60 27.57
N SER A 653 28.48 -38.52 27.28
CA SER A 653 27.21 -38.26 27.94
C SER A 653 26.16 -39.30 27.62
N SER A 654 26.33 -40.08 26.57
CA SER A 654 25.40 -41.16 26.21
C SER A 654 25.98 -42.52 26.54
N ASN A 655 26.89 -42.58 27.51
CA ASN A 655 27.46 -43.85 27.98
C ASN A 655 28.07 -44.66 26.85
N GLU A 656 28.55 -43.96 25.82
CA GLU A 656 29.36 -44.57 24.79
C GLU A 656 30.79 -44.09 24.94
N ALA A 657 31.40 -44.38 26.10
CA ALA A 657 32.78 -43.97 26.36
C ALA A 657 33.73 -44.66 25.39
N ASP A 658 33.68 -45.98 25.32
CA ASP A 658 34.16 -46.64 24.12
C ASP A 658 33.43 -46.07 22.91
N GLN A 659 34.03 -46.24 21.74
CA GLN A 659 33.56 -45.62 20.49
C GLN A 659 34.09 -44.19 20.38
N LEU A 660 34.86 -43.70 21.35
CA LEU A 660 35.49 -42.38 21.19
C LEU A 660 36.59 -42.43 20.15
N GLY A 661 37.36 -43.50 20.12
CA GLY A 661 38.38 -43.70 19.10
C GLY A 661 39.71 -43.08 19.49
N ASP A 662 40.57 -42.99 18.47
CA ASP A 662 41.90 -42.40 18.63
C ASP A 662 41.79 -40.93 19.01
N ILE A 663 42.21 -40.58 20.22
CA ILE A 663 42.14 -39.23 20.74
C ILE A 663 43.51 -38.56 20.78
N SER A 664 44.53 -39.16 20.16
CA SER A 664 45.85 -38.54 20.13
C SER A 664 45.88 -37.34 19.21
N THR A 665 44.80 -37.06 18.48
CA THR A 665 44.70 -35.84 17.69
C THR A 665 44.40 -34.62 18.54
N LEU A 666 43.93 -34.82 19.77
CA LEU A 666 43.68 -33.72 20.68
C LEU A 666 44.99 -33.12 21.17
N SER A 667 44.91 -31.87 21.62
CA SER A 667 46.02 -31.24 22.32
C SER A 667 46.08 -31.65 23.77
N ASN A 668 44.96 -32.11 24.33
CA ASN A 668 44.88 -32.48 25.75
C ASN A 668 44.12 -33.79 25.87
N PRO A 669 44.66 -34.87 25.31
CA PRO A 669 43.97 -36.16 25.40
C PRO A 669 43.80 -36.65 26.83
N GLN A 670 44.65 -36.20 27.76
CA GLN A 670 44.50 -36.61 29.16
C GLN A 670 43.21 -36.09 29.77
N SER A 671 42.60 -35.06 29.18
CA SER A 671 41.36 -34.53 29.72
C SER A 671 40.21 -35.51 29.58
N VAL A 672 40.26 -36.41 28.59
CA VAL A 672 39.12 -37.30 28.34
C VAL A 672 38.82 -38.15 29.56
N GLU A 673 39.86 -38.71 30.19
CA GLU A 673 39.64 -39.50 31.39
C GLU A 673 38.86 -38.73 32.44
N GLY A 674 39.26 -37.47 32.66
CA GLY A 674 38.57 -36.65 33.64
C GLY A 674 37.12 -36.38 33.27
N ILE A 675 36.85 -36.13 31.99
CA ILE A 675 35.49 -35.94 31.53
C ILE A 675 34.64 -37.17 31.88
N ILE A 676 35.14 -38.35 31.53
CA ILE A 676 34.38 -39.57 31.75
C ILE A 676 34.09 -39.75 33.24
N SER A 677 35.10 -39.57 34.10
CA SER A 677 34.90 -39.79 35.53
C SER A 677 33.97 -38.75 36.12
N ALA A 678 34.04 -37.50 35.66
CA ALA A 678 33.17 -36.46 36.19
C ALA A 678 31.72 -36.74 35.84
N PHE A 679 31.45 -37.21 34.63
CA PHE A 679 30.08 -37.55 34.23
C PHE A 679 29.53 -38.68 35.09
N GLY A 680 30.37 -39.66 35.41
CA GLY A 680 29.92 -40.78 36.22
C GLY A 680 29.68 -40.41 37.68
N ALA A 681 30.36 -39.36 38.15
CA ALA A 681 30.27 -38.97 39.55
C ALA A 681 29.22 -37.91 39.82
N GLN A 682 28.89 -37.08 38.82
CA GLN A 682 28.07 -35.90 39.04
C GLN A 682 26.73 -35.91 38.31
N PHE A 683 26.46 -36.89 37.46
CA PHE A 683 25.19 -36.89 36.75
C PHE A 683 24.04 -37.20 37.69
N GLY A 684 24.22 -38.16 38.59
CA GLY A 684 23.23 -38.44 39.61
C GLY A 684 23.07 -37.29 40.58
N LYS A 685 24.07 -37.08 41.43
CA LYS A 685 24.05 -35.98 42.40
C LYS A 685 23.77 -34.65 41.69
N GLN B 20 7.92 18.81 -57.53
CA GLN B 20 9.18 18.10 -57.47
C GLN B 20 10.30 19.03 -56.98
N THR B 21 10.17 20.31 -57.29
CA THR B 21 11.17 21.31 -56.92
C THR B 21 10.74 22.05 -55.67
N HIS B 22 11.71 22.41 -54.83
CA HIS B 22 11.47 23.12 -53.58
C HIS B 22 12.07 24.51 -53.65
N ASN B 23 11.29 25.51 -53.24
CA ASN B 23 11.76 26.88 -53.16
C ASN B 23 12.10 27.29 -51.72
N VAL B 24 11.70 26.51 -50.73
CA VAL B 24 11.95 26.79 -49.33
C VAL B 24 12.83 25.71 -48.69
N VAL B 25 12.48 24.45 -48.90
CA VAL B 25 13.18 23.34 -48.25
C VAL B 25 14.29 22.91 -49.21
N HIS B 26 15.42 23.62 -49.11
CA HIS B 26 16.53 23.34 -50.02
C HIS B 26 17.21 22.01 -49.71
N GLU B 27 17.12 21.55 -48.46
CA GLU B 27 17.70 20.24 -48.13
C GLU B 27 17.15 19.15 -49.04
N ALA B 28 15.91 19.29 -49.48
CA ALA B 28 15.20 18.20 -50.13
C ALA B 28 15.36 18.17 -51.64
N ASN B 29 15.94 19.22 -52.23
CA ASN B 29 16.09 19.27 -53.67
C ASN B 29 17.03 18.18 -54.16
N GLY B 30 16.59 17.40 -55.13
CA GLY B 30 17.42 16.37 -55.74
C GLY B 30 17.88 15.28 -54.80
N VAL B 31 17.02 14.86 -53.88
CA VAL B 31 17.34 13.80 -52.93
C VAL B 31 16.50 12.58 -53.29
N LYS B 32 17.16 11.52 -53.78
CA LYS B 32 16.45 10.30 -54.08
C LYS B 32 16.07 9.58 -52.79
N LEU B 33 14.85 9.03 -52.75
CA LEU B 33 14.47 8.21 -51.61
C LEU B 33 15.36 6.97 -51.56
N ARG B 34 15.62 6.50 -50.35
CA ARG B 34 16.49 5.36 -50.11
C ARG B 34 15.67 4.25 -49.47
N GLU B 35 15.21 3.32 -50.29
CA GLU B 35 14.39 2.22 -49.81
C GLU B 35 15.19 1.32 -48.87
N THR B 36 14.48 0.68 -47.95
CA THR B 36 15.11 -0.24 -47.03
C THR B 36 15.75 -1.39 -47.81
N PRO B 37 17.03 -1.71 -47.56
CA PRO B 37 17.66 -2.82 -48.28
C PRO B 37 16.94 -4.15 -48.04
N LYS B 38 17.05 -5.03 -49.03
CA LYS B 38 16.39 -6.34 -48.93
C LYS B 38 16.95 -7.14 -47.77
N GLU B 39 18.22 -6.94 -47.42
CA GLU B 39 18.82 -7.72 -46.34
C GLU B 39 18.16 -7.43 -45.01
N PHE B 40 17.60 -6.23 -44.84
CA PHE B 40 16.88 -5.92 -43.61
C PHE B 40 15.78 -6.95 -43.35
N PHE B 41 15.00 -7.26 -44.39
CA PHE B 41 13.90 -8.20 -44.25
C PHE B 41 14.38 -9.63 -44.17
N GLU B 42 15.49 -9.95 -44.84
CA GLU B 42 16.09 -11.27 -44.72
C GLU B 42 16.53 -11.54 -43.28
N ARG B 43 17.02 -10.51 -42.58
CA ARG B 43 17.49 -10.62 -41.22
C ARG B 43 16.38 -10.43 -40.19
N GLN B 44 15.18 -10.08 -40.64
CA GLN B 44 14.08 -9.82 -39.73
C GLN B 44 13.58 -11.13 -39.14
N PRO B 45 13.44 -11.25 -37.81
CA PRO B 45 13.09 -12.55 -37.22
C PRO B 45 11.65 -12.97 -37.46
N ASN B 46 10.73 -12.02 -37.67
CA ASN B 46 9.33 -12.33 -37.91
C ASN B 46 8.77 -11.34 -38.92
N LYS B 47 7.52 -11.58 -39.32
CA LYS B 47 6.80 -10.62 -40.15
C LYS B 47 6.79 -9.26 -39.48
N GLY B 48 7.11 -8.22 -40.25
CA GLY B 48 7.18 -6.89 -39.69
C GLY B 48 5.87 -6.47 -39.05
N HIS B 49 5.99 -5.55 -38.08
CA HIS B 49 4.81 -5.09 -37.34
C HIS B 49 3.88 -4.27 -38.22
N ILE B 50 4.41 -3.60 -39.23
CA ILE B 50 3.62 -2.81 -40.17
C ILE B 50 4.01 -3.24 -41.57
N HIS B 51 3.01 -3.44 -42.43
CA HIS B 51 3.29 -3.99 -43.76
C HIS B 51 3.97 -2.96 -44.66
N ASP B 52 3.44 -1.75 -44.73
CA ASP B 52 3.96 -0.73 -45.63
C ASP B 52 3.56 0.64 -45.14
N VAL B 53 3.94 1.66 -45.91
CA VAL B 53 3.69 3.04 -45.50
C VAL B 53 2.19 3.34 -45.49
N ASN B 54 1.41 2.64 -46.31
CA ASN B 54 -0.03 2.88 -46.34
C ASN B 54 -0.69 2.41 -45.04
N GLN B 55 -0.34 1.20 -44.57
CA GLN B 55 -0.84 0.78 -43.27
C GLN B 55 -0.40 1.74 -42.18
N TYR B 56 0.84 2.24 -42.27
CA TYR B 56 1.31 3.19 -41.27
C TYR B 56 0.43 4.44 -41.27
N LYS B 57 0.11 4.97 -42.45
CA LYS B 57 -0.69 6.18 -42.52
C LYS B 57 -2.07 5.98 -41.89
N GLN B 58 -2.69 4.82 -42.11
CA GLN B 58 -3.98 4.54 -41.49
C GLN B 58 -3.85 4.53 -39.97
N MET B 59 -2.84 3.84 -39.45
CA MET B 59 -2.66 3.77 -38.01
C MET B 59 -2.36 5.15 -37.43
N TYR B 60 -1.54 5.94 -38.14
CA TYR B 60 -1.20 7.27 -37.65
C TYR B 60 -2.44 8.15 -37.56
N GLU B 61 -3.22 8.21 -38.64
CA GLU B 61 -4.40 9.06 -38.65
C GLU B 61 -5.34 8.71 -37.50
N GLN B 62 -5.42 7.42 -37.12
CA GLN B 62 -6.25 7.06 -35.98
C GLN B 62 -5.64 7.57 -34.67
N SER B 63 -4.32 7.46 -34.54
CA SER B 63 -3.68 7.91 -33.30
C SER B 63 -3.83 9.40 -33.08
N ILE B 64 -4.21 10.16 -34.11
CA ILE B 64 -4.44 11.59 -34.00
C ILE B 64 -5.91 11.90 -33.80
N LYS B 65 -6.76 11.35 -34.68
CA LYS B 65 -8.19 11.65 -34.63
C LYS B 65 -8.89 10.92 -33.49
N ASP B 66 -8.42 9.73 -33.15
CA ASP B 66 -9.11 8.85 -32.19
C ASP B 66 -8.08 8.27 -31.22
N PRO B 67 -7.44 9.10 -30.41
CA PRO B 67 -6.44 8.57 -29.48
C PRO B 67 -7.02 7.55 -28.54
N GLN B 68 -8.28 7.69 -28.14
CA GLN B 68 -8.89 6.74 -27.22
C GLN B 68 -8.93 5.34 -27.84
N GLY B 69 -9.40 5.25 -29.09
CA GLY B 69 -9.51 3.96 -29.75
C GLY B 69 -8.20 3.37 -30.19
N PHE B 70 -7.17 4.21 -30.36
CA PHE B 70 -5.87 3.73 -30.79
C PHE B 70 -4.98 3.31 -29.62
N PHE B 71 -4.82 4.19 -28.64
CA PHE B 71 -3.88 3.95 -27.56
C PHE B 71 -4.44 3.07 -26.44
N GLY B 72 -5.76 2.98 -26.30
CA GLY B 72 -6.36 2.15 -25.30
C GLY B 72 -5.94 0.70 -25.45
N PRO B 73 -6.20 0.13 -26.64
CA PRO B 73 -5.78 -1.27 -26.87
C PRO B 73 -4.29 -1.49 -26.75
N LEU B 74 -3.48 -0.55 -27.26
CA LEU B 74 -2.03 -0.70 -27.19
C LEU B 74 -1.55 -0.67 -25.75
N ALA B 75 -2.16 0.18 -24.91
CA ALA B 75 -1.79 0.22 -23.50
C ALA B 75 -2.07 -1.11 -22.82
N LYS B 76 -3.15 -1.79 -23.19
CA LYS B 76 -3.45 -3.10 -22.63
C LYS B 76 -2.52 -4.16 -23.21
N GLU B 77 -2.17 -4.04 -24.49
CA GLU B 77 -1.31 -5.03 -25.12
C GLU B 77 0.11 -4.98 -24.55
N LEU B 78 0.67 -3.78 -24.46
CA LEU B 78 2.09 -3.63 -24.17
C LEU B 78 2.40 -3.51 -22.68
N LEU B 79 1.42 -3.21 -21.84
CA LEU B 79 1.66 -3.03 -20.41
C LEU B 79 0.78 -3.95 -19.58
N SER B 80 1.32 -4.35 -18.43
CA SER B 80 0.60 -5.14 -17.43
C SER B 80 0.11 -4.21 -16.33
N TRP B 81 -1.17 -4.31 -16.01
CA TRP B 81 -1.84 -3.36 -15.13
C TRP B 81 -2.24 -4.00 -13.81
N ASP B 82 -2.07 -3.25 -12.73
CA ASP B 82 -2.59 -3.65 -11.42
C ASP B 82 -4.00 -3.16 -11.17
N HIS B 83 -4.39 -2.06 -11.83
CA HIS B 83 -5.75 -1.55 -11.75
C HIS B 83 -6.09 -0.94 -13.11
N ASP B 84 -7.29 -1.24 -13.60
CA ASP B 84 -7.70 -0.75 -14.92
C ASP B 84 -7.80 0.77 -14.92
N PHE B 85 -7.71 1.36 -16.11
CA PHE B 85 -7.93 2.78 -16.32
C PHE B 85 -9.31 3.03 -16.89
N HIS B 86 -9.91 4.16 -16.50
CA HIS B 86 -11.26 4.51 -16.93
C HIS B 86 -11.29 5.54 -18.04
N THR B 87 -10.21 6.28 -18.24
CA THR B 87 -10.12 7.31 -19.26
C THR B 87 -8.76 7.24 -19.92
N VAL B 88 -8.74 7.18 -21.26
CA VAL B 88 -7.48 7.05 -21.96
C VAL B 88 -6.71 8.36 -21.93
N LYS B 89 -7.42 9.48 -22.12
CA LYS B 89 -6.78 10.76 -22.39
C LYS B 89 -7.57 11.88 -21.72
N SER B 90 -6.85 12.79 -21.09
CA SER B 90 -7.46 13.92 -20.39
C SER B 90 -6.54 15.12 -20.50
N GLY B 91 -7.13 16.30 -20.28
CA GLY B 91 -6.36 17.52 -20.20
C GLY B 91 -6.06 18.13 -21.55
N THR B 92 -5.48 19.33 -21.51
CA THR B 92 -5.13 20.09 -22.70
C THR B 92 -3.76 20.73 -22.50
N LEU B 93 -3.07 20.95 -23.63
CA LEU B 93 -1.79 21.65 -23.56
C LEU B 93 -1.97 23.02 -22.92
N LYS B 94 -3.04 23.72 -23.29
CA LYS B 94 -3.22 25.10 -22.87
C LYS B 94 -3.35 25.21 -21.34
N ASN B 95 -3.82 24.15 -20.69
CA ASN B 95 -3.97 24.11 -19.24
C ASN B 95 -2.87 23.32 -18.54
N GLY B 96 -1.98 22.68 -19.28
CA GLY B 96 -0.91 21.94 -18.65
C GLY B 96 -1.39 20.90 -17.67
N ASP B 97 -2.50 20.23 -17.99
CA ASP B 97 -3.11 19.22 -17.14
C ASP B 97 -3.26 17.90 -17.88
N ALA B 98 -2.27 17.56 -18.71
CA ALA B 98 -2.35 16.34 -19.50
C ALA B 98 -2.25 15.12 -18.60
N ALA B 99 -3.05 14.09 -18.92
CA ALA B 99 -3.07 12.85 -18.17
C ALA B 99 -3.54 11.73 -19.09
N TRP B 100 -2.99 10.54 -18.88
CA TRP B 100 -3.33 9.37 -19.69
C TRP B 100 -3.60 8.18 -18.80
N PHE B 101 -4.64 7.42 -19.14
CA PHE B 101 -4.97 6.18 -18.44
C PHE B 101 -5.30 6.47 -16.97
N LEU B 102 -6.21 7.42 -16.77
CA LEU B 102 -6.57 7.85 -15.43
C LEU B 102 -7.28 6.73 -14.69
N GLY B 103 -6.98 6.61 -13.41
CA GLY B 103 -7.50 5.53 -12.61
C GLY B 103 -6.67 4.26 -12.65
N GLY B 104 -5.79 4.12 -13.64
CA GLY B 104 -5.00 2.91 -13.73
C GLY B 104 -3.85 2.91 -12.75
N GLU B 105 -3.49 1.70 -12.33
CA GLU B 105 -2.33 1.47 -11.47
C GLU B 105 -1.46 0.41 -12.09
N LEU B 106 -0.15 0.54 -11.88
CA LEU B 106 0.84 -0.38 -12.41
C LEU B 106 2.16 -0.16 -11.69
N ASN B 107 3.17 -0.93 -12.06
CA ASN B 107 4.51 -0.73 -11.53
C ASN B 107 5.52 -0.91 -12.65
N ALA B 108 6.48 0.01 -12.74
CA ALA B 108 7.42 0.02 -13.86
C ALA B 108 8.35 -1.19 -13.80
N SER B 109 8.87 -1.52 -12.63
CA SER B 109 9.81 -2.63 -12.55
C SER B 109 9.11 -3.96 -12.81
N TYR B 110 7.80 -4.05 -12.52
CA TYR B 110 7.09 -5.28 -12.86
C TYR B 110 7.06 -5.46 -14.38
N ASN B 111 6.78 -4.38 -15.12
CA ASN B 111 6.70 -4.48 -16.57
C ASN B 111 8.07 -4.61 -17.23
N CYS B 112 9.14 -4.17 -16.56
CA CYS B 112 10.48 -4.27 -17.13
C CYS B 112 11.21 -5.53 -16.71
N VAL B 113 10.81 -6.17 -15.61
CA VAL B 113 11.58 -7.27 -15.06
C VAL B 113 10.69 -8.46 -14.71
N ASP B 114 9.82 -8.29 -13.70
CA ASP B 114 9.11 -9.43 -13.12
C ASP B 114 8.44 -10.29 -14.17
N ARG B 115 7.64 -9.67 -15.03
CA ARG B 115 6.80 -10.47 -15.92
C ARG B 115 7.63 -11.27 -16.92
N HIS B 116 8.79 -10.75 -17.32
CA HIS B 116 9.66 -11.52 -18.20
C HIS B 116 10.39 -12.61 -17.43
N ALA B 117 10.75 -12.34 -16.17
CA ALA B 117 11.42 -13.35 -15.36
C ALA B 117 10.53 -14.56 -15.15
N PHE B 118 9.23 -14.34 -14.90
CA PHE B 118 8.32 -15.47 -14.74
C PHE B 118 8.22 -16.26 -16.04
N ALA B 119 8.18 -15.55 -17.17
CA ALA B 119 8.02 -16.21 -18.46
C ALA B 119 9.25 -17.02 -18.82
N ASN B 120 10.44 -16.43 -18.66
CA ASN B 120 11.69 -17.09 -19.03
C ASN B 120 12.80 -16.49 -18.19
N PRO B 121 13.06 -17.04 -17.00
CA PRO B 121 14.03 -16.40 -16.10
C PRO B 121 15.45 -16.43 -16.64
N ASP B 122 15.77 -17.34 -17.55
CA ASP B 122 17.13 -17.47 -18.05
C ASP B 122 17.39 -16.63 -19.29
N LYS B 123 16.37 -15.93 -19.80
CA LYS B 123 16.58 -15.06 -20.95
C LYS B 123 17.47 -13.89 -20.54
N PRO B 124 18.46 -13.52 -21.34
CA PRO B 124 19.32 -12.39 -20.97
C PRO B 124 18.56 -11.08 -20.91
N ALA B 125 18.94 -10.23 -19.96
CA ALA B 125 18.34 -8.91 -19.81
C ALA B 125 19.37 -7.80 -19.94
N LEU B 126 20.40 -7.78 -19.10
CA LEU B 126 21.45 -6.78 -19.17
C LEU B 126 22.74 -7.44 -19.64
N ILE B 127 23.16 -7.11 -20.85
CA ILE B 127 24.47 -7.50 -21.36
C ILE B 127 25.42 -6.35 -21.01
N CYS B 128 26.17 -6.50 -19.93
CA CYS B 128 27.01 -5.44 -19.39
C CYS B 128 28.43 -5.59 -19.90
N GLU B 129 28.88 -4.61 -20.68
CA GLU B 129 30.27 -4.55 -21.14
C GLU B 129 30.99 -3.50 -20.33
N ALA B 130 31.88 -3.95 -19.45
CA ALA B 130 32.60 -3.05 -18.56
C ALA B 130 33.64 -2.23 -19.33
N ASP B 131 34.15 -1.19 -18.67
CA ASP B 131 35.25 -0.41 -19.24
C ASP B 131 36.34 -1.34 -19.76
N ASP B 132 36.72 -2.32 -18.94
CA ASP B 132 37.66 -3.37 -19.32
C ASP B 132 36.88 -4.67 -19.46
N GLU B 133 36.96 -5.28 -20.65
CA GLU B 133 36.08 -6.40 -20.98
C GLU B 133 36.20 -7.53 -19.97
N LYS B 134 37.36 -7.65 -19.30
CA LYS B 134 37.54 -8.70 -18.30
C LYS B 134 36.46 -8.67 -17.23
N ASP B 135 35.84 -7.51 -17.01
CA ASP B 135 34.82 -7.35 -15.98
C ASP B 135 33.41 -7.40 -16.55
N SER B 136 33.26 -7.80 -17.81
CA SER B 136 31.94 -7.87 -18.41
C SER B 136 31.21 -9.13 -17.95
N HIS B 137 29.88 -9.07 -17.98
CA HIS B 137 29.04 -10.13 -17.46
C HIS B 137 27.63 -9.93 -18.00
N ILE B 138 26.80 -10.96 -17.85
CA ILE B 138 25.42 -10.94 -18.32
C ILE B 138 24.47 -11.30 -17.19
N LEU B 139 23.46 -10.46 -16.99
CA LEU B 139 22.38 -10.70 -16.04
C LEU B 139 21.14 -11.17 -16.78
N THR B 140 20.58 -12.29 -16.36
CA THR B 140 19.30 -12.75 -16.89
C THR B 140 18.18 -11.94 -16.26
N TYR B 141 16.97 -12.11 -16.80
CA TYR B 141 15.81 -11.48 -16.19
C TYR B 141 15.58 -12.02 -14.79
N GLY B 142 15.84 -13.31 -14.57
CA GLY B 142 15.79 -13.84 -13.22
C GLY B 142 16.83 -13.20 -12.31
N ASP B 143 18.06 -13.08 -12.80
CA ASP B 143 19.10 -12.39 -12.04
C ASP B 143 18.71 -10.95 -11.76
N LEU B 144 18.16 -10.26 -12.76
CA LEU B 144 17.80 -8.87 -12.59
C LEU B 144 16.73 -8.70 -11.54
N LEU B 145 15.74 -9.60 -11.53
CA LEU B 145 14.67 -9.54 -10.52
C LEU B 145 15.25 -9.65 -9.12
N ARG B 146 16.19 -10.57 -8.91
CA ARG B 146 16.76 -10.74 -7.59
C ARG B 146 17.57 -9.53 -7.15
N GLU B 147 18.39 -8.97 -8.05
CA GLU B 147 19.21 -7.82 -7.66
C GLU B 147 18.36 -6.59 -7.42
N VAL B 148 17.35 -6.37 -8.26
CA VAL B 148 16.46 -5.23 -8.06
C VAL B 148 15.69 -5.38 -6.76
N SER B 149 15.25 -6.59 -6.44
CA SER B 149 14.50 -6.81 -5.20
C SER B 149 15.37 -6.54 -3.98
N LYS B 150 16.63 -6.99 -4.00
CA LYS B 150 17.50 -6.81 -2.84
C LYS B 150 17.78 -5.34 -2.58
N VAL B 151 18.08 -4.57 -3.62
CA VAL B 151 18.30 -3.14 -3.43
C VAL B 151 17.02 -2.46 -2.97
N ALA B 152 15.88 -2.86 -3.53
CA ALA B 152 14.60 -2.31 -3.09
C ALA B 152 14.37 -2.62 -1.62
N GLY B 153 14.75 -3.83 -1.19
CA GLY B 153 14.63 -4.17 0.22
C GLY B 153 15.46 -3.27 1.12
N VAL B 154 16.69 -2.98 0.68
CA VAL B 154 17.55 -2.09 1.46
C VAL B 154 16.88 -0.71 1.59
N LEU B 155 16.48 -0.13 0.46
CA LEU B 155 15.85 1.18 0.48
C LEU B 155 14.59 1.17 1.34
N GLN B 156 13.81 0.10 1.24
CA GLN B 156 12.57 0.03 2.01
C GLN B 156 12.87 0.02 3.50
N SER B 157 13.83 -0.79 3.92
CA SER B 157 14.22 -0.82 5.32
C SER B 157 14.77 0.53 5.78
N TRP B 158 15.16 1.38 4.85
CA TRP B 158 15.60 2.73 5.16
C TRP B 158 14.46 3.74 5.21
N GLY B 159 13.24 3.32 4.86
CA GLY B 159 12.08 4.19 4.89
C GLY B 159 11.69 4.82 3.57
N ILE B 160 12.34 4.46 2.47
CA ILE B 160 11.95 4.98 1.17
C ILE B 160 10.58 4.46 0.78
N LYS B 161 9.74 5.33 0.24
CA LYS B 161 8.36 4.98 -0.05
C LYS B 161 7.83 5.87 -1.17
N LYS B 162 6.63 5.54 -1.64
CA LYS B 162 5.94 6.33 -2.65
C LYS B 162 6.08 7.82 -2.35
N GLY B 163 6.46 8.58 -3.38
CA GLY B 163 6.57 10.01 -3.28
C GLY B 163 7.96 10.51 -2.97
N ASP B 164 8.83 9.66 -2.44
CA ASP B 164 10.20 10.06 -2.20
C ASP B 164 10.95 10.16 -3.52
N THR B 165 12.06 10.88 -3.49
CA THR B 165 13.00 10.94 -4.59
C THR B 165 14.32 10.37 -4.12
N VAL B 166 14.96 9.59 -4.98
CA VAL B 166 16.24 8.96 -4.67
C VAL B 166 17.20 9.31 -5.79
N ALA B 167 18.36 9.84 -5.42
CA ALA B 167 19.36 10.23 -6.39
C ALA B 167 20.24 9.05 -6.77
N VAL B 168 20.65 9.03 -8.03
CA VAL B 168 21.59 8.04 -8.54
C VAL B 168 22.76 8.79 -9.18
N TYR B 169 23.97 8.43 -8.81
CA TYR B 169 25.20 9.01 -9.36
C TYR B 169 26.11 7.83 -9.67
N LEU B 170 25.94 7.25 -10.85
CA LEU B 170 26.64 6.04 -11.22
C LEU B 170 27.04 6.08 -12.68
N PRO B 171 28.09 5.35 -13.06
CA PRO B 171 28.40 5.18 -14.49
C PRO B 171 27.38 4.30 -15.19
N MET B 172 27.57 4.09 -16.49
CA MET B 172 26.64 3.32 -17.31
C MET B 172 26.98 1.84 -17.15
N ASN B 173 26.40 1.20 -16.14
CA ASN B 173 26.65 -0.22 -15.91
C ASN B 173 25.43 -0.82 -15.22
N ALA B 174 25.56 -2.08 -14.78
CA ALA B 174 24.40 -2.78 -14.23
C ALA B 174 23.86 -2.09 -12.99
N GLN B 175 24.74 -1.58 -12.13
CA GLN B 175 24.28 -0.99 -10.88
C GLN B 175 23.40 0.23 -11.11
N ALA B 176 23.69 1.01 -12.16
CA ALA B 176 22.83 2.14 -12.49
C ALA B 176 21.43 1.64 -12.89
N ILE B 177 21.38 0.62 -13.73
CA ILE B 177 20.09 0.09 -14.17
C ILE B 177 19.35 -0.52 -12.98
N ILE B 178 20.05 -1.32 -12.18
CA ILE B 178 19.43 -1.94 -11.01
C ILE B 178 18.90 -0.88 -10.06
N ALA B 179 19.69 0.16 -9.80
CA ALA B 179 19.27 1.20 -8.86
C ALA B 179 18.00 1.89 -9.33
N MET B 180 17.93 2.23 -10.61
CA MET B 180 16.75 2.92 -11.12
C MET B 180 15.51 2.06 -10.96
N LEU B 181 15.62 0.77 -11.27
CA LEU B 181 14.45 -0.10 -11.20
C LEU B 181 14.04 -0.39 -9.75
N ALA B 182 15.01 -0.48 -8.84
CA ALA B 182 14.67 -0.72 -7.44
C ALA B 182 13.92 0.47 -6.85
N ILE B 183 14.33 1.69 -7.22
CA ILE B 183 13.63 2.88 -6.75
C ILE B 183 12.20 2.89 -7.28
N ALA B 184 12.04 2.58 -8.58
CA ALA B 184 10.71 2.55 -9.16
C ALA B 184 9.88 1.39 -8.63
N ARG B 185 10.52 0.36 -8.08
CA ARG B 185 9.78 -0.75 -7.51
C ARG B 185 9.03 -0.34 -6.27
N LEU B 186 9.54 0.64 -5.52
CA LEU B 186 8.91 1.11 -4.30
C LEU B 186 7.92 2.23 -4.54
N GLY B 187 7.73 2.66 -5.79
CA GLY B 187 6.89 3.80 -6.10
C GLY B 187 7.56 5.14 -5.92
N ALA B 188 8.83 5.16 -5.55
CA ALA B 188 9.57 6.40 -5.49
C ALA B 188 10.05 6.77 -6.90
N ALA B 189 10.60 7.97 -7.02
CA ALA B 189 11.09 8.50 -8.29
C ALA B 189 12.61 8.58 -8.22
N HIS B 190 13.28 8.00 -9.20
CA HIS B 190 14.74 8.12 -9.27
C HIS B 190 15.09 9.39 -10.02
N SER B 191 16.20 10.00 -9.60
CA SER B 191 16.76 11.18 -10.27
C SER B 191 18.20 10.85 -10.61
N VAL B 192 18.45 10.47 -11.86
CA VAL B 192 19.77 10.03 -12.28
C VAL B 192 20.62 11.25 -12.59
N ILE B 193 21.83 11.28 -12.03
CA ILE B 193 22.77 12.38 -12.19
C ILE B 193 23.98 11.83 -12.92
N PHE B 194 24.23 12.35 -14.13
CA PHE B 194 25.35 11.89 -14.95
C PHE B 194 26.63 11.84 -14.13
N ALA B 195 27.33 10.72 -14.22
CA ALA B 195 28.49 10.51 -13.34
C ALA B 195 29.62 11.49 -13.59
N GLY B 196 29.61 12.18 -14.73
CA GLY B 196 30.62 13.19 -15.01
C GLY B 196 30.37 14.56 -14.40
N PHE B 197 29.27 14.73 -13.66
CA PHE B 197 28.94 16.03 -13.12
C PHE B 197 29.84 16.39 -11.94
N SER B 198 30.03 17.69 -11.75
CA SER B 198 30.83 18.22 -10.67
C SER B 198 30.06 18.13 -9.36
N ALA B 199 30.76 18.44 -8.26
CA ALA B 199 30.13 18.43 -6.95
C ALA B 199 29.00 19.44 -6.89
N GLY B 200 29.21 20.63 -7.45
CA GLY B 200 28.18 21.65 -7.42
C GLY B 200 26.95 21.23 -8.21
N SER B 201 27.15 20.53 -9.33
CA SER B 201 26.02 20.08 -10.13
C SER B 201 25.22 19.02 -9.38
N ILE B 202 25.91 18.11 -8.66
CA ILE B 202 25.22 17.18 -7.78
C ILE B 202 24.42 17.93 -6.74
N LYS B 203 25.07 18.87 -6.04
CA LYS B 203 24.44 19.62 -4.97
C LYS B 203 23.13 20.25 -5.42
N ASP B 204 23.15 20.96 -6.54
CA ASP B 204 21.94 21.63 -7.03
C ASP B 204 20.81 20.63 -7.25
N ARG B 205 21.10 19.53 -7.96
CA ARG B 205 20.04 18.59 -8.32
C ARG B 205 19.45 17.90 -7.11
N VAL B 206 20.29 17.47 -6.17
CA VAL B 206 19.78 16.75 -5.00
C VAL B 206 18.88 17.66 -4.17
N ASN B 207 19.27 18.92 -4.00
CA ASN B 207 18.51 19.82 -3.14
C ASN B 207 17.18 20.21 -3.78
N ASP B 208 17.18 20.48 -5.08
CA ASP B 208 15.92 20.81 -5.75
C ASP B 208 14.95 19.65 -5.64
N ALA B 209 15.45 18.42 -5.68
CA ALA B 209 14.62 17.22 -5.57
C ALA B 209 14.42 16.76 -4.13
N SER B 210 15.21 17.28 -3.18
CA SER B 210 15.07 16.93 -1.76
C SER B 210 15.15 15.41 -1.57
N CYS B 211 16.15 14.80 -2.19
CA CYS B 211 16.26 13.35 -2.15
C CYS B 211 16.53 12.86 -0.73
N LYS B 212 15.88 11.77 -0.35
CA LYS B 212 16.11 11.16 0.95
C LYS B 212 17.31 10.23 0.95
N ALA B 213 17.72 9.71 -0.20
CA ALA B 213 18.83 8.77 -0.25
C ALA B 213 19.57 8.93 -1.57
N LEU B 214 20.82 8.44 -1.58
CA LEU B 214 21.67 8.46 -2.76
C LEU B 214 22.29 7.09 -2.96
N ILE B 215 22.38 6.65 -4.20
CA ILE B 215 23.06 5.42 -4.58
C ILE B 215 24.24 5.79 -5.48
N THR B 216 25.43 5.31 -5.14
CA THR B 216 26.63 5.65 -5.88
C THR B 216 27.64 4.52 -5.75
N CYS B 217 28.91 4.81 -6.10
CA CYS B 217 29.99 3.84 -6.01
C CYS B 217 31.26 4.57 -5.59
N ASP B 218 32.27 3.80 -5.20
CA ASP B 218 33.50 4.38 -4.66
C ASP B 218 34.29 5.10 -5.74
N GLU B 219 34.57 4.43 -6.85
CA GLU B 219 35.29 5.02 -7.96
C GLU B 219 34.75 4.43 -9.25
N GLY B 220 35.09 5.09 -10.36
CA GLY B 220 34.66 4.62 -11.66
C GLY B 220 35.83 4.27 -12.56
N LYS B 221 35.58 3.51 -13.62
CA LYS B 221 36.59 3.17 -14.61
C LYS B 221 36.10 3.66 -15.97
N ARG B 222 36.89 4.53 -16.61
CA ARG B 222 36.54 5.05 -17.91
C ARG B 222 37.84 5.17 -18.71
N GLY B 223 37.91 4.49 -19.85
CA GLY B 223 39.12 4.52 -20.64
C GLY B 223 40.35 4.03 -19.92
N GLY B 224 40.18 3.12 -18.96
CA GLY B 224 41.28 2.63 -18.16
C GLY B 224 41.67 3.52 -17.00
N ARG B 225 41.13 4.73 -16.92
CA ARG B 225 41.47 5.69 -15.88
C ARG B 225 40.43 5.67 -14.78
N THR B 226 40.89 5.89 -13.55
CA THR B 226 40.01 5.89 -12.39
C THR B 226 39.42 7.29 -12.19
N THR B 227 38.13 7.33 -11.92
CA THR B 227 37.41 8.57 -11.68
C THR B 227 36.96 8.61 -10.22
N ASN B 228 37.00 9.81 -9.63
CA ASN B 228 36.71 9.97 -8.20
C ASN B 228 35.22 10.29 -8.07
N ILE B 229 34.42 9.25 -7.83
CA ILE B 229 32.97 9.40 -7.82
C ILE B 229 32.49 9.65 -6.39
N LYS B 230 32.81 8.73 -5.47
CA LYS B 230 32.41 8.94 -4.08
C LYS B 230 32.99 10.25 -3.53
N LYS B 231 34.21 10.60 -3.93
CA LYS B 231 34.83 11.81 -3.41
C LYS B 231 34.01 13.04 -3.77
N LEU B 232 33.55 13.13 -5.02
CA LEU B 232 32.71 14.26 -5.41
C LEU B 232 31.37 14.23 -4.70
N CYS B 233 30.84 13.04 -4.42
CA CYS B 233 29.58 12.96 -3.67
C CYS B 233 29.73 13.54 -2.27
N ASP B 234 30.76 13.10 -1.54
CA ASP B 234 30.99 13.62 -0.19
C ASP B 234 31.08 15.14 -0.22
N GLU B 235 31.76 15.70 -1.22
CA GLU B 235 31.87 17.15 -1.35
C GLU B 235 30.50 17.78 -1.53
N ALA B 236 29.63 17.15 -2.33
CA ALA B 236 28.30 17.69 -2.54
C ALA B 236 27.43 17.52 -1.30
N LEU B 237 27.52 16.37 -0.63
CA LEU B 237 26.58 16.06 0.44
C LEU B 237 26.76 16.91 1.68
N VAL B 238 27.90 17.60 1.84
CA VAL B 238 28.05 18.49 2.99
C VAL B 238 26.93 19.52 3.03
N ASP B 239 26.31 19.80 1.89
CA ASP B 239 25.25 20.81 1.77
C ASP B 239 23.96 20.18 1.25
N CYS B 240 23.75 18.89 1.53
CA CYS B 240 22.55 18.17 1.13
C CYS B 240 21.92 17.56 2.37
N PRO B 241 21.23 18.37 3.17
CA PRO B 241 20.68 17.85 4.43
C PRO B 241 19.59 16.82 4.26
N THR B 242 18.90 16.76 3.12
CA THR B 242 17.81 15.80 2.99
C THR B 242 18.30 14.37 2.79
N VAL B 243 19.55 14.17 2.40
CA VAL B 243 20.07 12.83 2.13
C VAL B 243 20.37 12.16 3.47
N GLU B 244 19.59 11.13 3.81
CA GLU B 244 19.74 10.44 5.08
C GLU B 244 20.75 9.29 4.99
N LYS B 245 20.78 8.57 3.87
CA LYS B 245 21.63 7.40 3.76
C LYS B 245 22.12 7.25 2.32
N VAL B 246 23.30 6.67 2.18
CA VAL B 246 23.94 6.49 0.87
C VAL B 246 24.32 5.02 0.74
N LEU B 247 24.03 4.44 -0.42
CA LEU B 247 24.44 3.07 -0.73
C LEU B 247 25.60 3.13 -1.72
N VAL B 248 26.72 2.51 -1.35
CA VAL B 248 27.98 2.64 -2.07
C VAL B 248 28.37 1.28 -2.62
N TYR B 249 28.44 1.18 -3.95
CA TYR B 249 28.88 -0.05 -4.59
C TYR B 249 30.39 -0.05 -4.73
N LYS B 250 31.00 -1.22 -4.48
CA LYS B 250 32.46 -1.37 -4.57
C LYS B 250 32.82 -1.68 -6.02
N ARG B 251 32.96 -0.61 -6.81
CA ARG B 251 33.34 -0.77 -8.20
C ARG B 251 34.83 -1.07 -8.33
N THR B 252 35.67 -0.34 -7.59
CA THR B 252 37.09 -0.59 -7.57
C THR B 252 37.58 -1.22 -6.27
N ASN B 253 36.76 -1.21 -5.22
CA ASN B 253 37.14 -1.77 -3.92
C ASN B 253 38.39 -1.10 -3.36
N ASN B 254 38.62 0.15 -3.71
CA ASN B 254 39.76 0.88 -3.19
C ASN B 254 39.58 1.12 -1.69
N PRO B 255 40.38 0.50 -0.82
CA PRO B 255 40.12 0.63 0.63
C PRO B 255 40.34 2.03 1.17
N GLU B 256 41.00 2.91 0.43
CA GLU B 256 41.25 4.27 0.90
C GLU B 256 40.05 5.19 0.72
N ILE B 257 38.94 4.69 0.19
CA ILE B 257 37.76 5.52 -0.02
C ILE B 257 36.96 5.55 1.28
N HIS B 258 36.78 6.76 1.83
CA HIS B 258 36.17 6.92 3.14
C HIS B 258 34.66 6.84 3.07
N LEU B 259 34.06 6.13 4.03
CA LEU B 259 32.62 6.09 4.23
C LEU B 259 32.26 6.75 5.56
N THR B 260 31.22 7.58 5.54
CA THR B 260 30.81 8.33 6.72
C THR B 260 29.93 7.46 7.61
N GLU B 261 30.39 7.20 8.84
CA GLU B 261 29.65 6.37 9.77
C GLU B 261 28.23 6.91 9.94
N GLY B 262 27.27 5.99 9.93
CA GLY B 262 25.88 6.35 10.15
C GLY B 262 25.14 6.84 8.93
N ARG B 263 25.84 7.15 7.84
CA ARG B 263 25.19 7.58 6.60
C ARG B 263 25.48 6.65 5.44
N ASP B 264 26.73 6.26 5.25
CA ASP B 264 27.14 5.49 4.08
C ASP B 264 27.18 4.01 4.43
N TYR B 265 26.64 3.18 3.54
CA TYR B 265 26.59 1.75 3.72
C TYR B 265 26.92 1.09 2.40
N TYR B 266 27.53 -0.10 2.47
CA TYR B 266 28.01 -0.77 1.27
C TYR B 266 26.90 -1.55 0.58
N TRP B 267 26.84 -1.40 -0.74
CA TRP B 267 25.87 -2.13 -1.56
C TRP B 267 25.88 -3.63 -1.25
N ASP B 268 27.06 -4.26 -1.31
CA ASP B 268 27.13 -5.70 -1.12
C ASP B 268 26.72 -6.11 0.30
N VAL B 269 27.15 -5.34 1.30
CA VAL B 269 26.86 -5.70 2.68
C VAL B 269 25.36 -5.66 2.94
N GLU B 270 24.70 -4.59 2.50
CA GLU B 270 23.28 -4.43 2.81
C GLU B 270 22.41 -5.35 1.96
N THR B 271 22.67 -5.45 0.66
CA THR B 271 21.84 -6.32 -0.17
C THR B 271 21.91 -7.78 0.26
N ALA B 272 23.00 -8.16 0.95
CA ALA B 272 23.12 -9.54 1.42
C ALA B 272 22.10 -9.86 2.49
N LYS B 273 21.54 -8.84 3.14
CA LYS B 273 20.60 -9.03 4.23
C LYS B 273 19.17 -9.29 3.78
N PHE B 274 18.88 -9.16 2.49
CA PHE B 274 17.49 -9.15 2.05
C PHE B 274 17.27 -10.18 0.95
N PRO B 275 16.05 -10.66 0.79
CA PRO B 275 15.78 -11.75 -0.14
C PRO B 275 15.65 -11.26 -1.58
N GLY B 276 15.72 -12.22 -2.50
CA GLY B 276 15.66 -11.97 -3.94
C GLY B 276 14.28 -11.74 -4.50
N TYR B 277 13.25 -11.58 -3.68
CA TYR B 277 11.95 -11.12 -4.14
C TYR B 277 11.40 -10.09 -3.15
N LEU B 278 10.82 -9.03 -3.70
CA LEU B 278 10.17 -8.01 -2.93
C LEU B 278 8.94 -7.62 -3.72
N PRO B 279 7.77 -7.53 -3.11
CA PRO B 279 6.58 -7.11 -3.85
C PRO B 279 6.79 -5.73 -4.47
N PRO B 280 6.48 -5.56 -5.75
CA PRO B 280 6.47 -4.21 -6.31
C PRO B 280 5.26 -3.43 -5.81
N VAL B 281 5.43 -2.12 -5.70
CA VAL B 281 4.44 -1.21 -5.14
C VAL B 281 3.66 -0.59 -6.29
N SER B 282 2.34 -0.77 -6.29
CA SER B 282 1.50 -0.19 -7.32
C SER B 282 1.44 1.33 -7.20
N VAL B 283 1.53 2.01 -8.34
CA VAL B 283 1.43 3.46 -8.41
C VAL B 283 0.37 3.82 -9.44
N ASN B 284 -0.06 5.08 -9.39
CA ASN B 284 -1.03 5.58 -10.35
C ASN B 284 -0.36 5.81 -11.70
N SER B 285 -1.17 5.76 -12.76
CA SER B 285 -0.66 6.03 -14.11
C SER B 285 0.08 7.35 -14.17
N GLU B 286 -0.38 8.34 -13.40
CA GLU B 286 0.17 9.69 -13.46
C GLU B 286 1.09 10.01 -12.30
N ASP B 287 1.44 9.02 -11.48
CA ASP B 287 2.48 9.25 -10.48
C ASP B 287 3.83 9.42 -11.18
N PRO B 288 4.69 10.29 -10.66
CA PRO B 288 5.99 10.52 -11.33
C PRO B 288 6.86 9.28 -11.27
N LEU B 289 7.34 8.86 -12.44
CA LEU B 289 8.28 7.75 -12.50
C LEU B 289 9.70 8.22 -12.20
N PHE B 290 10.10 9.36 -12.76
CA PHE B 290 11.45 9.84 -12.51
C PHE B 290 11.54 11.33 -12.80
N LEU B 291 12.57 11.93 -12.23
CA LEU B 291 12.98 13.30 -12.51
C LEU B 291 14.28 13.24 -13.29
N LEU B 292 14.39 14.03 -14.35
CA LEU B 292 15.63 14.11 -15.13
C LEU B 292 15.96 15.57 -15.35
N TYR B 293 17.04 16.02 -14.72
CA TYR B 293 17.44 17.42 -14.74
C TYR B 293 18.22 17.74 -16.01
N THR B 294 17.92 18.90 -16.58
CA THR B 294 18.54 19.34 -17.83
C THR B 294 19.77 20.16 -17.52
N SER B 295 20.71 20.16 -18.48
CA SER B 295 21.94 20.93 -18.33
C SER B 295 21.76 22.35 -18.88
N THR B 298 22.18 29.63 -20.20
CA THR B 298 22.48 30.18 -18.87
C THR B 298 21.37 29.82 -17.88
N GLY B 299 20.60 28.79 -18.21
CA GLY B 299 19.48 28.43 -17.38
C GLY B 299 19.91 27.69 -16.12
N THR B 300 18.98 27.64 -15.16
CA THR B 300 19.19 26.88 -13.93
C THR B 300 18.64 25.47 -14.11
N PRO B 301 19.26 24.42 -13.56
CA PRO B 301 18.79 23.07 -13.86
C PRO B 301 17.35 22.89 -13.41
N LYS B 302 16.55 22.30 -14.31
CA LYS B 302 15.14 22.07 -14.09
C LYS B 302 14.85 20.57 -14.16
N GLY B 303 14.13 20.05 -13.17
CA GLY B 303 13.82 18.65 -13.13
C GLY B 303 12.63 18.28 -14.00
N VAL B 304 12.91 17.76 -15.19
CA VAL B 304 11.84 17.28 -16.07
C VAL B 304 11.21 16.05 -15.44
N VAL B 305 9.88 16.06 -15.32
CA VAL B 305 9.15 14.98 -14.67
C VAL B 305 8.37 14.20 -15.71
N HIS B 306 8.44 12.88 -15.62
CA HIS B 306 7.71 11.97 -16.50
C HIS B 306 6.75 11.11 -15.69
N SER B 307 5.57 10.90 -16.23
CA SER B 307 4.60 10.03 -15.60
C SER B 307 5.08 8.58 -15.67
N THR B 308 4.29 7.67 -15.11
CA THR B 308 4.66 6.26 -15.14
C THR B 308 4.06 5.58 -16.37
N ALA B 309 2.73 5.56 -16.46
CA ALA B 309 2.08 4.81 -17.54
C ALA B 309 2.38 5.41 -18.91
N GLY B 310 2.12 6.70 -19.08
CA GLY B 310 2.30 7.31 -20.39
C GLY B 310 3.71 7.17 -20.91
N TYR B 311 4.70 7.44 -20.05
CA TYR B 311 6.09 7.34 -20.48
C TYR B 311 6.42 5.92 -20.93
N LEU B 312 6.02 4.92 -20.13
CA LEU B 312 6.36 3.54 -20.44
C LEU B 312 5.77 3.12 -21.79
N LEU B 313 4.50 3.46 -22.02
CA LEU B 313 3.87 3.12 -23.28
C LEU B 313 4.62 3.75 -24.46
N GLY B 314 4.96 5.02 -24.34
CA GLY B 314 5.73 5.66 -25.38
C GLY B 314 7.05 4.96 -25.63
N ALA B 315 7.71 4.50 -24.57
CA ALA B 315 8.98 3.80 -24.73
C ALA B 315 8.79 2.49 -25.48
N ALA B 316 7.88 1.64 -24.99
CA ALA B 316 7.64 0.37 -25.66
C ALA B 316 7.16 0.57 -27.09
N LEU B 317 6.24 1.51 -27.29
CA LEU B 317 5.63 1.71 -28.61
C LEU B 317 6.67 2.16 -29.62
N SER B 318 7.48 3.15 -29.26
CA SER B 318 8.50 3.66 -30.18
C SER B 318 9.58 2.61 -30.41
N THR B 319 10.07 1.98 -29.33
CA THR B 319 11.08 0.94 -29.47
C THR B 319 10.61 -0.16 -30.42
N LYS B 320 9.34 -0.52 -30.35
CA LYS B 320 8.85 -1.63 -31.14
C LYS B 320 8.70 -1.26 -32.61
N TYR B 321 8.09 -0.11 -32.90
CA TYR B 321 7.68 0.21 -34.26
C TYR B 321 8.75 0.97 -35.04
N ILE B 322 9.45 1.91 -34.40
CA ILE B 322 10.46 2.67 -35.12
C ILE B 322 11.71 1.83 -35.35
N PHE B 323 12.14 1.07 -34.34
CA PHE B 323 13.31 0.23 -34.47
C PHE B 323 13.00 -1.16 -35.02
N ASP B 324 11.73 -1.55 -35.05
CA ASP B 324 11.32 -2.90 -35.45
C ASP B 324 11.96 -3.94 -34.53
N ILE B 325 11.58 -3.88 -33.26
CA ILE B 325 12.10 -4.79 -32.24
C ILE B 325 11.16 -5.97 -32.08
N HIS B 326 11.73 -7.17 -32.13
CA HIS B 326 11.00 -8.40 -31.90
C HIS B 326 11.63 -9.10 -30.68
N PRO B 327 10.97 -10.10 -30.11
CA PRO B 327 11.57 -10.77 -28.94
C PRO B 327 12.94 -11.37 -29.22
N GLU B 328 13.24 -11.72 -30.47
CA GLU B 328 14.51 -12.37 -30.78
C GLU B 328 15.66 -11.38 -30.88
N ASP B 329 15.41 -10.08 -30.78
CA ASP B 329 16.39 -9.07 -31.10
C ASP B 329 17.24 -8.70 -29.88
N ILE B 330 18.28 -7.91 -30.14
CA ILE B 330 19.23 -7.46 -29.12
C ILE B 330 19.59 -6.02 -29.43
N LEU B 331 19.37 -5.13 -28.48
CA LEU B 331 19.54 -3.70 -28.68
C LEU B 331 20.81 -3.22 -27.99
N PHE B 332 21.64 -2.47 -28.73
CA PHE B 332 22.81 -1.80 -28.18
C PHE B 332 22.60 -0.30 -28.33
N THR B 333 22.10 0.33 -27.27
CA THR B 333 22.01 1.80 -27.20
C THR B 333 23.29 2.32 -26.57
N ALA B 334 24.16 2.88 -27.40
CA ALA B 334 25.43 3.42 -26.94
C ALA B 334 25.22 4.80 -26.33
N GLY B 335 24.38 4.83 -25.30
CA GLY B 335 24.08 6.05 -24.57
C GLY B 335 24.41 5.89 -23.09
N ASP B 336 24.03 6.88 -22.29
CA ASP B 336 24.32 6.88 -20.87
C ASP B 336 23.05 7.24 -20.13
N VAL B 337 22.71 6.45 -19.10
CA VAL B 337 21.50 6.71 -18.33
C VAL B 337 21.49 8.09 -17.71
N GLY B 338 22.63 8.78 -17.68
CA GLY B 338 22.60 10.17 -17.25
C GLY B 338 21.74 11.06 -18.13
N TRP B 339 21.36 10.59 -19.32
CA TRP B 339 20.58 11.39 -20.26
C TRP B 339 19.36 10.61 -20.69
N ILE B 340 18.40 11.32 -21.29
CA ILE B 340 17.12 10.70 -21.61
C ILE B 340 17.30 9.54 -22.57
N THR B 341 18.32 9.60 -23.42
CA THR B 341 18.51 8.53 -24.41
C THR B 341 18.76 7.19 -23.74
N GLY B 342 19.57 7.18 -22.67
CA GLY B 342 19.79 5.95 -21.94
C GLY B 342 18.56 5.52 -21.16
N HIS B 343 17.85 6.50 -20.56
CA HIS B 343 16.62 6.20 -19.82
C HIS B 343 15.66 5.38 -20.67
N THR B 344 15.35 5.87 -21.87
CA THR B 344 14.24 5.35 -22.66
C THR B 344 14.62 4.18 -23.55
N TYR B 345 15.85 4.16 -24.07
CA TYR B 345 16.22 3.18 -25.09
C TYR B 345 17.40 2.30 -24.69
N ALA B 346 17.98 2.49 -23.51
CA ALA B 346 18.87 1.49 -22.93
C ALA B 346 18.20 0.68 -21.84
N LEU B 347 17.19 1.24 -21.18
CA LEU B 347 16.51 0.57 -20.06
C LEU B 347 15.05 0.31 -20.38
N TYR B 348 14.19 1.32 -20.39
CA TYR B 348 12.76 1.07 -20.33
C TYR B 348 12.25 0.43 -21.61
N GLY B 349 12.53 1.04 -22.75
CA GLY B 349 12.07 0.54 -24.03
C GLY B 349 12.33 -0.94 -24.22
N PRO B 350 13.61 -1.33 -24.22
CA PRO B 350 13.91 -2.75 -24.51
C PRO B 350 13.47 -3.70 -23.42
N LEU B 351 13.58 -3.30 -22.13
CA LEU B 351 13.17 -4.21 -21.06
C LEU B 351 11.66 -4.38 -21.00
N LEU B 352 10.90 -3.33 -21.32
CA LEU B 352 9.45 -3.48 -21.41
C LEU B 352 9.08 -4.56 -22.41
N LEU B 353 9.75 -4.57 -23.57
CA LEU B 353 9.48 -5.57 -24.60
C LEU B 353 10.15 -6.91 -24.32
N GLY B 354 10.94 -7.01 -23.27
CA GLY B 354 11.51 -8.28 -22.87
C GLY B 354 12.71 -8.73 -23.67
N VAL B 355 13.45 -7.80 -24.26
CA VAL B 355 14.64 -8.16 -25.05
C VAL B 355 15.90 -7.84 -24.25
N PRO B 356 17.05 -8.38 -24.63
CA PRO B 356 18.30 -7.97 -24.00
C PRO B 356 18.74 -6.59 -24.45
N THR B 357 19.39 -5.87 -23.53
CA THR B 357 19.92 -4.55 -23.79
C THR B 357 21.38 -4.52 -23.37
N ILE B 358 22.24 -3.90 -24.18
CA ILE B 358 23.67 -3.88 -23.94
C ILE B 358 24.02 -2.58 -23.21
N ILE B 359 24.58 -2.72 -22.02
CA ILE B 359 24.97 -1.60 -21.18
C ILE B 359 26.49 -1.49 -21.21
N PHE B 360 27.00 -0.49 -21.93
CA PHE B 360 28.44 -0.34 -22.14
C PHE B 360 28.98 0.78 -21.25
N GLU B 361 29.94 0.42 -20.39
CA GLU B 361 30.44 1.33 -19.37
C GLU B 361 31.52 2.28 -19.87
N GLY B 362 32.24 1.90 -20.90
CA GLY B 362 33.46 2.57 -21.29
C GLY B 362 33.27 3.54 -22.44
N THR B 363 34.37 3.77 -23.17
CA THR B 363 34.41 4.70 -24.29
C THR B 363 34.55 3.92 -25.59
N PRO B 364 34.24 4.55 -26.73
CA PRO B 364 34.44 3.86 -28.01
C PRO B 364 35.89 3.69 -28.40
N ALA B 365 36.82 4.25 -27.63
CA ALA B 365 38.25 4.18 -27.94
C ALA B 365 39.02 3.20 -27.08
N TYR B 366 38.43 2.71 -25.99
CA TYR B 366 39.16 1.88 -25.04
C TYR B 366 38.60 0.46 -25.04
N PRO B 367 39.45 -0.56 -25.12
CA PRO B 367 40.92 -0.50 -25.24
C PRO B 367 41.39 -0.09 -26.63
N ASP B 368 40.52 -0.07 -27.63
CA ASP B 368 40.88 0.47 -28.94
C ASP B 368 39.61 0.96 -29.62
N TYR B 369 39.77 1.56 -30.80
CA TYR B 369 38.68 2.21 -31.50
C TYR B 369 37.77 1.24 -32.24
N GLY B 370 37.92 -0.06 -32.02
CA GLY B 370 37.00 -1.04 -32.53
C GLY B 370 36.04 -1.62 -31.51
N ARG B 371 35.97 -1.04 -30.31
CA ARG B 371 35.21 -1.67 -29.22
C ARG B 371 33.74 -1.83 -29.58
N PHE B 372 33.09 -0.76 -30.07
CA PHE B 372 31.69 -0.86 -30.46
C PHE B 372 31.45 -2.08 -31.34
N TRP B 373 32.31 -2.29 -32.31
CA TRP B 373 32.10 -3.35 -33.29
C TRP B 373 32.47 -4.72 -32.72
N GLN B 374 33.50 -4.76 -31.87
CA GLN B 374 33.78 -5.97 -31.11
C GLN B 374 32.57 -6.37 -30.28
N ILE B 375 31.91 -5.39 -29.65
CA ILE B 375 30.75 -5.67 -28.82
C ILE B 375 29.59 -6.18 -29.68
N VAL B 376 29.29 -5.49 -30.77
CA VAL B 376 28.19 -5.93 -31.64
C VAL B 376 28.45 -7.34 -32.14
N GLU B 377 29.68 -7.63 -32.55
CA GLU B 377 30.00 -8.97 -33.02
C GLU B 377 29.86 -9.98 -31.89
N LYS B 378 30.35 -9.62 -30.70
CA LYS B 378 30.37 -10.56 -29.58
C LYS B 378 28.98 -11.07 -29.24
N HIS B 379 27.98 -10.18 -29.21
CA HIS B 379 26.65 -10.51 -28.76
C HIS B 379 25.64 -10.56 -29.90
N LYS B 380 26.11 -10.49 -31.15
CA LYS B 380 25.23 -10.58 -32.32
C LYS B 380 24.07 -9.59 -32.20
N ALA B 381 24.38 -8.36 -31.80
CA ALA B 381 23.36 -7.34 -31.66
C ALA B 381 22.71 -7.07 -33.01
N THR B 382 21.39 -6.87 -32.99
CA THR B 382 20.63 -6.60 -34.20
C THR B 382 20.28 -5.13 -34.38
N HIS B 383 20.39 -4.32 -33.33
CA HIS B 383 20.01 -2.92 -33.37
C HIS B 383 21.08 -2.10 -32.68
N PHE B 384 21.52 -1.02 -33.32
CA PHE B 384 22.57 -0.17 -32.80
C PHE B 384 22.10 1.28 -32.86
N TYR B 385 22.31 2.01 -31.76
CA TYR B 385 21.71 3.33 -31.57
C TYR B 385 22.78 4.24 -30.98
N VAL B 386 23.17 5.29 -31.70
CA VAL B 386 24.31 6.11 -31.31
C VAL B 386 24.13 7.54 -31.79
N ALA B 387 24.91 8.45 -31.22
CA ALA B 387 24.85 9.86 -31.57
C ALA B 387 25.87 10.20 -32.66
N PRO B 388 25.52 11.09 -33.59
CA PRO B 388 26.50 11.45 -34.64
C PRO B 388 27.85 11.89 -34.10
N THR B 389 27.91 12.41 -32.88
CA THR B 389 29.20 12.79 -32.32
C THR B 389 30.16 11.60 -32.26
N ALA B 390 29.65 10.44 -31.86
CA ALA B 390 30.48 9.24 -31.83
C ALA B 390 30.88 8.80 -33.22
N LEU B 391 29.95 8.90 -34.18
CA LEU B 391 30.25 8.50 -35.55
C LEU B 391 31.36 9.37 -36.16
N ARG B 392 31.36 10.67 -35.84
CA ARG B 392 32.44 11.52 -36.33
C ARG B 392 33.78 11.10 -35.75
N LEU B 393 33.82 10.76 -34.46
CA LEU B 393 35.07 10.35 -33.83
C LEU B 393 35.59 9.05 -34.45
N LEU B 394 34.75 8.03 -34.54
CA LEU B 394 35.19 6.76 -35.10
C LEU B 394 35.57 6.89 -36.56
N ARG B 395 34.88 7.77 -37.29
CA ARG B 395 35.26 8.05 -38.67
C ARG B 395 36.65 8.68 -38.75
N LYS B 396 36.99 9.52 -37.76
CA LYS B 396 38.25 10.22 -37.78
C LYS B 396 39.41 9.35 -37.33
N ALA B 397 39.19 8.43 -36.39
CA ALA B 397 40.28 7.73 -35.74
C ALA B 397 40.26 6.22 -35.89
N GLY B 398 39.10 5.61 -36.18
CA GLY B 398 39.00 4.16 -36.17
C GLY B 398 38.23 3.58 -37.33
N GLU B 399 38.20 4.29 -38.47
CA GLU B 399 37.44 3.80 -39.61
C GLU B 399 37.93 2.43 -40.05
N GLN B 400 39.23 2.20 -39.94
CA GLN B 400 39.83 0.95 -40.40
C GLN B 400 39.44 -0.24 -39.52
N GLU B 401 38.98 0.01 -38.31
CA GLU B 401 38.67 -1.08 -37.40
C GLU B 401 37.31 -1.71 -37.67
N ILE B 402 36.41 -1.00 -38.33
CA ILE B 402 35.03 -1.47 -38.49
C ILE B 402 34.99 -2.77 -39.30
N ALA B 403 35.77 -2.83 -40.38
CA ALA B 403 35.73 -4.00 -41.25
C ALA B 403 36.36 -5.23 -40.61
N LYS B 404 37.05 -5.10 -39.48
CA LYS B 404 37.67 -6.24 -38.83
C LYS B 404 36.67 -7.13 -38.12
N TYR B 405 35.41 -6.70 -38.01
CA TYR B 405 34.43 -7.36 -37.17
C TYR B 405 33.19 -7.73 -38.00
N ASP B 406 32.56 -8.84 -37.62
CA ASP B 406 31.34 -9.29 -38.27
C ASP B 406 30.17 -8.49 -37.70
N LEU B 407 29.58 -7.63 -38.54
CA LEU B 407 28.44 -6.81 -38.15
C LEU B 407 27.17 -7.21 -38.90
N SER B 408 27.11 -8.44 -39.41
CA SER B 408 26.00 -8.89 -40.24
C SER B 408 24.75 -9.23 -39.44
N SER B 409 24.81 -9.14 -38.11
CA SER B 409 23.61 -9.35 -37.31
C SER B 409 22.75 -8.10 -37.24
N LEU B 410 23.31 -6.94 -37.57
CA LEU B 410 22.58 -5.68 -37.52
C LEU B 410 21.64 -5.53 -38.71
N ARG B 411 20.49 -4.92 -38.45
CA ARG B 411 19.61 -4.45 -39.54
C ARG B 411 19.05 -3.06 -39.32
N THR B 412 19.05 -2.53 -38.10
CA THR B 412 18.59 -1.19 -37.81
C THR B 412 19.72 -0.39 -37.18
N LEU B 413 19.98 0.80 -37.74
CA LEU B 413 21.03 1.70 -37.26
C LEU B 413 20.37 3.03 -36.91
N GLY B 414 20.37 3.39 -35.64
CA GLY B 414 19.72 4.59 -35.19
C GLY B 414 20.70 5.72 -34.90
N SER B 415 20.24 6.95 -35.14
CA SER B 415 20.97 8.16 -34.83
C SER B 415 20.09 9.06 -33.98
N VAL B 416 20.70 9.75 -33.00
CA VAL B 416 19.93 10.46 -31.99
C VAL B 416 20.72 11.66 -31.48
N GLY B 417 19.99 12.72 -31.13
CA GLY B 417 20.48 13.77 -30.28
C GLY B 417 20.97 15.01 -31.00
N GLU B 418 21.13 14.95 -32.31
CA GLU B 418 21.69 16.05 -33.09
C GLU B 418 21.49 15.72 -34.57
N PRO B 419 21.55 16.72 -35.44
CA PRO B 419 21.37 16.44 -36.87
C PRO B 419 22.46 15.51 -37.37
N ILE B 420 22.06 14.59 -38.23
CA ILE B 420 22.99 13.71 -38.93
C ILE B 420 23.11 14.24 -40.36
N SER B 421 24.32 14.65 -40.73
CA SER B 421 24.51 15.25 -42.04
C SER B 421 24.41 14.17 -43.12
N PRO B 422 23.96 14.52 -44.33
CA PRO B 422 23.91 13.51 -45.40
C PRO B 422 25.24 12.81 -45.57
N ASP B 423 26.34 13.53 -45.37
CA ASP B 423 27.66 12.91 -45.47
C ASP B 423 27.86 11.86 -44.38
N ILE B 424 27.57 12.20 -43.12
CA ILE B 424 27.69 11.22 -42.04
C ILE B 424 26.70 10.09 -42.23
N TRP B 425 25.49 10.42 -42.71
CA TRP B 425 24.49 9.40 -42.99
C TRP B 425 25.02 8.36 -43.97
N GLU B 426 25.66 8.82 -45.05
CA GLU B 426 26.21 7.89 -46.03
C GLU B 426 27.34 7.06 -45.45
N TRP B 427 28.23 7.70 -44.67
CA TRP B 427 29.32 6.96 -44.03
C TRP B 427 28.76 5.93 -43.07
N TYR B 428 27.81 6.34 -42.23
CA TYR B 428 27.14 5.40 -41.33
C TYR B 428 26.53 4.25 -42.11
N ASN B 429 25.87 4.56 -43.23
CA ASN B 429 25.17 3.54 -44.00
C ASN B 429 26.13 2.54 -44.62
N GLU B 430 27.26 3.02 -45.14
CA GLU B 430 28.17 2.15 -45.88
C GLU B 430 29.14 1.41 -44.98
N PHE B 431 29.84 2.12 -44.09
CA PHE B 431 30.91 1.48 -43.33
C PHE B 431 30.37 0.64 -42.18
N VAL B 432 29.29 1.06 -41.56
CA VAL B 432 28.68 0.27 -40.49
C VAL B 432 27.59 -0.64 -41.02
N GLY B 433 26.72 -0.12 -41.88
CA GLY B 433 25.58 -0.89 -42.34
C GLY B 433 25.87 -1.71 -43.58
N LYS B 434 26.98 -1.40 -44.27
CA LYS B 434 27.37 -2.11 -45.49
C LYS B 434 26.28 -2.00 -46.56
N ASN B 435 25.56 -0.87 -46.57
CA ASN B 435 24.43 -0.65 -47.48
C ASN B 435 23.39 -1.75 -47.37
N GLN B 436 23.26 -2.33 -46.18
CA GLN B 436 22.35 -3.44 -45.95
C GLN B 436 21.39 -3.19 -44.79
N CYS B 437 21.53 -2.09 -44.07
CA CYS B 437 20.71 -1.80 -42.90
C CYS B 437 19.78 -0.62 -43.16
N HIS B 438 18.73 -0.54 -42.35
CA HIS B 438 17.85 0.62 -42.29
C HIS B 438 18.38 1.61 -41.25
N ILE B 439 18.34 2.89 -41.60
CA ILE B 439 18.82 3.95 -40.73
C ILE B 439 17.63 4.74 -40.22
N SER B 440 17.57 4.93 -38.89
CA SER B 440 16.48 5.65 -38.24
C SER B 440 17.04 6.90 -37.58
N ASP B 441 16.95 8.02 -38.29
CA ASP B 441 17.26 9.33 -37.72
C ASP B 441 16.10 9.72 -36.81
N THR B 442 16.32 9.62 -35.50
CA THR B 442 15.25 9.83 -34.51
C THR B 442 15.38 11.22 -33.91
N TYR B 443 14.34 12.04 -34.11
CA TYR B 443 14.25 13.35 -33.49
C TYR B 443 13.33 13.29 -32.27
N TRP B 444 13.79 13.87 -31.16
CA TRP B 444 12.99 13.97 -29.95
C TRP B 444 13.73 14.78 -28.88
N GLN B 445 13.17 14.85 -27.68
CA GLN B 445 13.72 15.66 -26.61
C GLN B 445 13.54 14.94 -25.28
N THR B 446 14.28 15.41 -24.28
CA THR B 446 14.06 14.94 -22.91
C THR B 446 12.59 15.04 -22.55
N GLU B 447 11.97 16.18 -22.87
CA GLU B 447 10.59 16.44 -22.45
C GLU B 447 9.56 15.64 -23.23
N SER B 448 9.92 15.05 -24.36
CA SER B 448 8.96 14.24 -25.11
C SER B 448 8.97 12.78 -24.68
N GLY B 449 9.95 12.36 -23.90
CA GLY B 449 9.99 11.01 -23.39
C GLY B 449 10.42 9.98 -24.41
N SER B 450 9.93 10.09 -25.64
CA SER B 450 10.23 9.12 -26.68
C SER B 450 10.21 9.82 -28.03
N HIS B 451 10.40 9.03 -29.10
CA HIS B 451 10.56 9.58 -30.43
C HIS B 451 9.35 10.41 -30.85
N LEU B 452 9.64 11.53 -31.52
CA LEU B 452 8.61 12.40 -32.11
C LEU B 452 8.55 12.26 -33.62
N ILE B 453 9.70 12.28 -34.29
CA ILE B 453 9.79 12.17 -35.75
C ILE B 453 10.92 11.21 -36.06
N ALA B 454 10.64 10.15 -36.82
CA ALA B 454 11.64 9.14 -37.12
C ALA B 454 11.19 8.22 -38.24
N PRO B 455 12.12 7.68 -39.06
CA PRO B 455 11.73 6.71 -40.10
C PRO B 455 11.58 5.31 -39.49
N LEU B 456 10.35 4.80 -39.51
CA LEU B 456 10.10 3.46 -38.99
C LEU B 456 10.91 2.43 -39.78
N ALA B 457 11.64 1.59 -39.06
CA ALA B 457 12.51 0.63 -39.72
C ALA B 457 11.71 -0.32 -40.59
N GLY B 458 12.13 -0.45 -41.85
CA GLY B 458 11.47 -1.31 -42.81
C GLY B 458 10.17 -0.80 -43.35
N VAL B 459 9.81 0.46 -43.09
CA VAL B 459 8.50 0.98 -43.48
C VAL B 459 8.66 2.27 -44.27
N VAL B 460 9.42 3.23 -43.73
CA VAL B 460 9.51 4.58 -44.26
C VAL B 460 10.80 4.69 -45.07
N PRO B 461 10.74 5.05 -46.35
CA PRO B 461 11.98 5.34 -47.08
C PRO B 461 12.67 6.57 -46.51
N ASN B 462 14.00 6.59 -46.61
CA ASN B 462 14.81 7.61 -45.99
C ASN B 462 15.21 8.69 -47.00
N LYS B 463 15.23 9.93 -46.53
CA LYS B 463 15.96 11.00 -47.19
C LYS B 463 17.13 11.35 -46.27
N PRO B 464 18.38 11.12 -46.67
CA PRO B 464 19.50 11.32 -45.74
C PRO B 464 19.49 12.73 -45.14
N GLY B 465 19.41 12.80 -43.81
CA GLY B 465 19.33 14.06 -43.11
C GLY B 465 17.94 14.47 -42.70
N SER B 466 16.92 13.69 -43.05
CA SER B 466 15.54 13.97 -42.69
C SER B 466 15.03 12.90 -41.73
N ALA B 467 14.34 13.34 -40.68
CA ALA B 467 13.69 12.43 -39.76
C ALA B 467 12.38 11.87 -40.31
N SER B 468 11.90 12.38 -41.45
CA SER B 468 10.70 11.89 -42.11
C SER B 468 9.44 12.23 -41.32
N TYR B 469 8.59 11.19 -41.04
CA TYR B 469 7.22 11.45 -40.62
C TYR B 469 7.07 11.52 -39.11
N PRO B 470 6.06 12.23 -38.62
CA PRO B 470 5.76 12.21 -37.18
C PRO B 470 5.21 10.85 -36.76
N PHE B 471 5.42 10.52 -35.49
CA PHE B 471 5.09 9.20 -34.94
C PHE B 471 3.66 9.19 -34.39
N PHE B 472 3.20 7.99 -34.04
CA PHE B 472 1.87 7.83 -33.45
C PHE B 472 1.65 8.84 -32.33
N GLY B 473 0.48 9.49 -32.37
CA GLY B 473 0.12 10.41 -31.32
C GLY B 473 0.83 11.75 -31.37
N ILE B 474 1.61 12.01 -32.41
CA ILE B 474 2.38 13.24 -32.54
C ILE B 474 1.82 13.99 -33.74
N ASP B 475 1.01 15.01 -33.49
CA ASP B 475 0.44 15.84 -34.55
C ASP B 475 1.37 17.02 -34.77
N ALA B 476 2.31 16.86 -35.70
CA ALA B 476 3.33 17.87 -35.93
C ALA B 476 2.80 18.99 -36.82
N ALA B 477 3.33 20.18 -36.60
CA ALA B 477 2.95 21.35 -37.40
C ALA B 477 4.11 22.33 -37.42
N LEU B 478 4.08 23.23 -38.39
CA LEU B 478 5.03 24.33 -38.47
C LEU B 478 4.28 25.62 -38.17
N ILE B 479 4.82 26.42 -37.26
CA ILE B 479 4.21 27.68 -36.85
C ILE B 479 5.10 28.82 -37.30
N ASP B 480 4.49 29.84 -37.89
CA ASP B 480 5.22 31.05 -38.22
C ASP B 480 5.63 31.68 -36.89
N PRO B 481 6.92 31.90 -36.64
CA PRO B 481 7.32 32.43 -35.32
C PRO B 481 6.82 33.84 -35.04
N VAL B 482 6.46 34.61 -36.06
CA VAL B 482 6.07 36.00 -35.84
C VAL B 482 4.61 36.09 -35.42
N THR B 483 3.75 35.28 -36.02
CA THR B 483 2.32 35.35 -35.80
C THR B 483 1.78 34.24 -34.91
N GLY B 484 2.53 33.16 -34.70
CA GLY B 484 2.01 32.05 -33.96
C GLY B 484 0.97 31.24 -34.71
N VAL B 485 0.86 31.41 -36.02
CA VAL B 485 -0.15 30.75 -36.82
C VAL B 485 0.47 29.55 -37.51
N GLU B 486 -0.25 28.43 -37.46
CA GLU B 486 0.20 27.21 -38.12
C GLU B 486 0.29 27.42 -39.64
N ILE B 487 1.33 26.86 -40.24
CA ILE B 487 1.59 27.02 -41.67
C ILE B 487 0.97 25.85 -42.41
N GLU B 488 0.00 26.14 -43.27
CA GLU B 488 -0.60 25.12 -44.10
C GLU B 488 0.30 24.84 -45.31
N GLY B 489 0.32 23.59 -45.74
CA GLY B 489 0.98 23.21 -46.97
C GLY B 489 2.47 22.91 -46.80
N ASN B 490 3.04 22.34 -47.86
CA ASN B 490 4.40 21.84 -47.84
C ASN B 490 5.34 22.82 -48.54
N ASP B 491 6.61 22.43 -48.63
CA ASP B 491 7.67 23.33 -49.07
C ASP B 491 7.68 24.57 -48.16
N ALA B 492 7.73 24.31 -46.85
CA ALA B 492 7.54 25.34 -45.85
C ALA B 492 8.56 25.18 -44.74
N GLU B 493 8.74 26.26 -43.99
CA GLU B 493 9.67 26.29 -42.87
C GLU B 493 9.04 27.06 -41.72
N GLY B 494 9.44 26.72 -40.50
CA GLY B 494 8.99 27.49 -39.36
C GLY B 494 9.29 26.76 -38.06
N VAL B 495 8.65 27.25 -37.01
CA VAL B 495 8.81 26.67 -35.67
C VAL B 495 8.10 25.33 -35.62
N LEU B 496 8.80 24.31 -35.09
CA LEU B 496 8.23 22.98 -34.95
C LEU B 496 7.41 22.93 -33.67
N ALA B 497 6.10 22.69 -33.82
CA ALA B 497 5.19 22.63 -32.69
C ALA B 497 4.28 21.42 -32.84
N ILE B 498 3.68 21.02 -31.73
CA ILE B 498 2.83 19.83 -31.67
C ILE B 498 1.47 20.26 -31.15
N LYS B 499 0.41 19.76 -31.79
CA LYS B 499 -0.94 20.29 -31.66
C LYS B 499 -1.76 19.61 -30.57
N ASP B 500 -1.23 18.58 -29.92
CA ASP B 500 -1.93 17.92 -28.83
C ASP B 500 -0.90 17.14 -28.03
N HIS B 501 -1.19 16.93 -26.75
CA HIS B 501 -0.25 16.20 -25.93
C HIS B 501 -0.32 14.71 -26.28
N TRP B 502 0.68 13.97 -25.82
CA TRP B 502 0.85 12.57 -26.17
C TRP B 502 1.27 11.80 -24.94
N PRO B 503 1.12 10.47 -24.95
CA PRO B 503 1.25 9.71 -23.69
C PRO B 503 2.54 9.98 -22.94
N SER B 504 3.69 9.99 -23.61
CA SER B 504 4.97 10.11 -22.94
C SER B 504 5.42 11.56 -22.76
N MET B 505 4.54 12.53 -22.98
CA MET B 505 4.91 13.92 -22.77
C MET B 505 5.21 14.17 -21.30
N ALA B 506 6.25 14.96 -21.03
CA ALA B 506 6.57 15.32 -19.66
C ALA B 506 5.41 16.12 -19.06
N ARG B 507 5.22 15.94 -17.75
CA ARG B 507 4.03 16.46 -17.08
C ARG B 507 4.27 17.74 -16.30
N THR B 508 5.50 18.02 -15.88
CA THR B 508 5.79 19.23 -15.12
C THR B 508 7.30 19.39 -15.01
N VAL B 509 7.71 20.52 -14.43
CA VAL B 509 9.05 20.71 -13.90
C VAL B 509 8.92 20.70 -12.39
N TYR B 510 9.76 19.89 -11.72
CA TYR B 510 9.54 19.57 -10.32
C TYR B 510 9.38 20.83 -9.47
N LYS B 511 8.23 20.94 -8.81
CA LYS B 511 7.90 22.06 -7.93
C LYS B 511 8.05 23.41 -8.61
N ASN B 512 8.02 23.43 -9.94
CA ASN B 512 8.09 24.67 -10.71
C ASN B 512 7.24 24.53 -11.96
N HIS B 513 5.96 24.24 -11.78
CA HIS B 513 5.07 24.04 -12.93
C HIS B 513 4.92 25.32 -13.74
N THR B 514 5.19 26.49 -13.15
CA THR B 514 5.09 27.73 -13.91
C THR B 514 6.16 27.81 -14.99
N LYS B 515 7.40 27.45 -14.65
CA LYS B 515 8.46 27.43 -15.67
C LYS B 515 8.11 26.45 -16.78
N TYR B 516 7.46 25.34 -16.43
CA TYR B 516 7.00 24.38 -17.43
C TYR B 516 6.02 25.03 -18.40
N MET B 517 5.01 25.73 -17.87
CA MET B 517 4.05 26.41 -18.73
C MET B 517 4.71 27.49 -19.57
N ASP B 518 5.58 28.29 -18.94
CA ASP B 518 6.22 29.39 -19.65
C ASP B 518 7.10 28.88 -20.80
N THR B 519 7.64 27.66 -20.67
CA THR B 519 8.59 27.14 -21.63
C THR B 519 7.92 26.43 -22.80
N TYR B 520 6.93 25.57 -22.53
CA TYR B 520 6.39 24.67 -23.53
C TYR B 520 4.99 25.03 -24.01
N MET B 521 4.13 25.58 -23.15
CA MET B 521 2.72 25.74 -23.45
C MET B 521 2.30 27.16 -23.77
N ASN B 522 2.94 28.16 -23.15
CA ASN B 522 2.51 29.54 -23.27
C ASN B 522 3.07 30.28 -24.49
N PRO B 523 4.28 29.95 -24.97
CA PRO B 523 4.81 30.70 -26.12
C PRO B 523 3.87 30.70 -27.31
N TYR B 524 3.28 29.54 -27.61
CA TYR B 524 2.33 29.38 -28.71
C TYR B 524 1.12 28.67 -28.14
N PRO B 525 0.21 29.40 -27.51
CA PRO B 525 -0.86 28.76 -26.73
C PRO B 525 -1.68 27.80 -27.58
N GLY B 526 -1.90 26.60 -27.07
CA GLY B 526 -2.57 25.55 -27.79
C GLY B 526 -1.64 24.54 -28.42
N TYR B 527 -0.35 24.87 -28.51
CA TYR B 527 0.67 23.98 -29.05
C TYR B 527 1.71 23.68 -27.98
N TYR B 528 2.52 22.68 -28.27
CA TYR B 528 3.74 22.41 -27.52
C TYR B 528 4.92 22.95 -28.32
N PHE B 529 5.81 23.67 -27.65
CA PHE B 529 6.91 24.36 -28.30
C PHE B 529 8.19 23.55 -28.09
N THR B 530 8.69 22.94 -29.16
CA THR B 530 9.90 22.14 -29.03
C THR B 530 11.14 22.99 -28.81
N GLY B 531 11.09 24.27 -29.16
CA GLY B 531 12.29 25.08 -29.20
C GLY B 531 13.10 24.93 -30.46
N ASP B 532 12.68 24.08 -31.39
CA ASP B 532 13.40 23.79 -32.61
C ASP B 532 12.67 24.38 -33.82
N GLY B 533 13.43 24.65 -34.87
CA GLY B 533 12.87 24.99 -36.16
C GLY B 533 13.00 23.81 -37.11
N ALA B 534 12.10 23.77 -38.09
CA ALA B 534 12.08 22.66 -39.03
C ALA B 534 11.48 23.12 -40.35
N ALA B 535 11.60 22.25 -41.35
CA ALA B 535 11.03 22.48 -42.67
C ALA B 535 10.33 21.22 -43.13
N ARG B 536 9.27 21.39 -43.91
CA ARG B 536 8.45 20.29 -44.39
C ARG B 536 8.41 20.34 -45.91
N ASP B 537 8.86 19.27 -46.56
CA ASP B 537 8.98 19.24 -48.00
C ASP B 537 7.71 18.68 -48.64
N HIS B 538 7.72 18.61 -49.97
CA HIS B 538 6.52 18.24 -50.72
C HIS B 538 6.04 16.83 -50.41
N ASP B 539 6.88 15.99 -49.80
CA ASP B 539 6.48 14.65 -49.41
C ASP B 539 6.07 14.54 -47.94
N GLY B 540 6.07 15.65 -47.21
CA GLY B 540 5.75 15.63 -45.80
C GLY B 540 6.93 15.31 -44.89
N TYR B 541 8.12 15.10 -45.43
CA TYR B 541 9.29 14.81 -44.59
C TYR B 541 9.71 16.08 -43.86
N TYR B 542 9.95 15.94 -42.56
CA TYR B 542 10.39 17.06 -41.75
C TYR B 542 11.90 17.08 -41.70
N TRP B 543 12.47 18.28 -41.81
CA TRP B 543 13.90 18.50 -41.79
C TRP B 543 14.21 19.40 -40.60
N ILE B 544 14.79 18.82 -39.54
CA ILE B 544 15.11 19.60 -38.36
C ILE B 544 16.16 20.64 -38.69
N ARG B 545 15.96 21.86 -38.21
CA ARG B 545 16.86 22.97 -38.49
C ARG B 545 17.42 23.59 -37.21
N GLY B 546 17.40 22.87 -36.10
CA GLY B 546 18.08 23.33 -34.91
C GLY B 546 17.29 24.35 -34.14
N ARG B 547 17.84 24.71 -32.97
CA ARG B 547 17.15 25.56 -32.02
C ARG B 547 16.88 26.94 -32.63
N VAL B 548 15.89 27.62 -32.06
CA VAL B 548 15.49 28.96 -32.49
C VAL B 548 15.97 30.01 -31.51
N VAL B 554 5.19 38.87 -25.60
CA VAL B 554 4.54 39.92 -24.82
C VAL B 554 3.24 40.33 -25.50
N SER B 555 2.10 39.95 -24.91
CA SER B 555 0.79 40.33 -25.44
C SER B 555 0.64 39.93 -26.90
N GLY B 556 1.18 38.75 -27.24
CA GLY B 556 1.05 38.20 -28.57
C GLY B 556 2.11 38.65 -29.56
N HIS B 557 3.01 39.56 -29.19
CA HIS B 557 4.10 39.99 -30.07
C HIS B 557 5.40 39.32 -29.64
N ARG B 558 6.01 38.61 -30.57
CA ARG B 558 7.32 37.99 -30.35
C ARG B 558 8.41 39.04 -30.34
N LEU B 559 9.26 39.01 -29.30
CA LEU B 559 10.42 39.89 -29.21
C LEU B 559 11.67 39.03 -29.09
N SER B 560 12.80 39.57 -29.54
CA SER B 560 14.10 38.92 -29.45
C SER B 560 14.94 39.64 -28.40
N THR B 561 15.24 38.94 -27.30
CA THR B 561 16.14 39.52 -26.29
C THR B 561 17.48 39.92 -26.89
N ALA B 562 17.96 39.16 -27.89
CA ALA B 562 19.21 39.53 -28.54
C ALA B 562 19.09 40.85 -29.30
N GLU B 563 17.96 41.07 -29.98
CA GLU B 563 17.81 42.29 -30.76
C GLU B 563 17.69 43.53 -29.88
N ILE B 564 17.05 43.40 -28.72
CA ILE B 564 16.94 44.55 -27.82
C ILE B 564 18.29 44.89 -27.21
N GLU B 565 19.10 43.87 -26.90
CA GLU B 565 20.45 44.14 -26.41
C GLU B 565 21.28 44.87 -27.46
N ALA B 566 21.16 44.46 -28.73
CA ALA B 566 21.93 45.12 -29.78
C ALA B 566 21.52 46.57 -29.94
N ALA B 567 20.21 46.86 -29.92
CA ALA B 567 19.75 48.23 -30.08
C ALA B 567 20.18 49.09 -28.90
N LEU B 568 20.11 48.54 -27.67
CA LEU B 568 20.57 49.28 -26.51
C LEU B 568 22.08 49.54 -26.56
N ILE B 569 22.84 48.58 -27.09
CA ILE B 569 24.29 48.73 -27.14
C ILE B 569 24.70 49.78 -28.18
N GLU B 570 23.93 49.91 -29.26
CA GLU B 570 24.25 50.92 -30.27
C GLU B 570 24.42 52.30 -29.66
N ASP B 571 23.71 52.59 -28.57
CA ASP B 571 23.85 53.84 -27.85
C ASP B 571 25.28 54.01 -27.31
N VAL B 579 19.39 41.94 -21.54
CA VAL B 579 17.94 41.84 -21.59
C VAL B 579 17.51 40.41 -21.32
N VAL B 580 16.51 40.25 -20.44
CA VAL B 580 15.99 38.94 -20.07
C VAL B 580 14.47 38.99 -20.11
N GLY B 581 13.86 37.81 -20.02
CA GLY B 581 12.41 37.68 -20.02
C GLY B 581 11.94 36.99 -18.76
N ILE B 582 10.77 37.40 -18.28
CA ILE B 582 10.15 36.82 -17.08
C ILE B 582 8.66 36.67 -17.30
N HIS B 583 8.05 35.85 -16.44
CA HIS B 583 6.61 35.64 -16.47
C HIS B 583 5.89 36.90 -15.98
N ASP B 584 4.69 37.14 -16.52
CA ASP B 584 3.88 38.29 -16.13
C ASP B 584 2.42 37.88 -16.19
N ASP B 585 1.65 38.22 -15.14
CA ASP B 585 0.29 37.72 -15.01
C ASP B 585 -0.70 38.34 -15.99
N ILE B 586 -0.37 39.49 -16.59
CA ILE B 586 -1.27 40.20 -17.51
C ILE B 586 -0.82 40.02 -18.96
N THR B 587 0.40 40.41 -19.30
CA THR B 587 0.89 40.40 -20.66
C THR B 587 1.56 39.07 -21.03
N GLY B 588 1.49 38.06 -20.15
CA GLY B 588 2.08 36.78 -20.41
C GLY B 588 3.55 36.71 -20.04
N GLN B 589 4.39 37.43 -20.79
CA GLN B 589 5.80 37.55 -20.47
C GLN B 589 6.21 39.01 -20.56
N ALA B 590 7.22 39.39 -19.79
CA ALA B 590 7.72 40.76 -19.78
C ALA B 590 9.22 40.76 -20.04
N VAL B 591 9.69 41.81 -20.71
CA VAL B 591 11.10 42.00 -21.03
C VAL B 591 11.66 43.07 -20.10
N ILE B 592 12.71 42.72 -19.35
CA ILE B 592 13.41 43.66 -18.48
C ILE B 592 14.82 43.86 -19.04
N ALA B 593 15.17 45.11 -19.31
CA ALA B 593 16.47 45.46 -19.88
C ALA B 593 17.34 46.09 -18.80
N TYR B 594 18.52 45.53 -18.58
CA TYR B 594 19.48 46.07 -17.62
C TYR B 594 20.63 46.77 -18.34
N GLY B 608 15.78 60.15 -17.56
CA GLY B 608 15.94 60.76 -18.88
C GLY B 608 16.59 59.81 -19.87
N LEU B 609 17.72 59.23 -19.47
CA LEU B 609 18.37 58.23 -20.31
C LEU B 609 17.50 56.99 -20.48
N ARG B 610 16.73 56.64 -19.45
CA ARG B 610 15.85 55.48 -19.55
C ARG B 610 14.78 55.68 -20.62
N LYS B 611 14.20 56.88 -20.68
CA LYS B 611 13.24 57.19 -21.74
C LYS B 611 13.93 57.21 -23.10
N GLU B 612 15.16 57.74 -23.17
CA GLU B 612 15.89 57.80 -24.44
C GLU B 612 16.14 56.40 -24.98
N LEU B 613 16.47 55.45 -24.10
CA LEU B 613 16.75 54.09 -24.56
C LEU B 613 15.47 53.37 -25.01
N VAL B 614 14.36 53.59 -24.29
CA VAL B 614 13.10 52.95 -24.66
C VAL B 614 12.67 53.39 -26.06
N LEU B 615 12.80 54.68 -26.37
CA LEU B 615 12.47 55.15 -27.72
C LEU B 615 13.46 54.62 -28.74
N GLN B 616 14.73 54.48 -28.36
CA GLN B 616 15.70 53.88 -29.27
C GLN B 616 15.27 52.48 -29.71
N VAL B 617 14.82 51.66 -28.76
CA VAL B 617 14.36 50.32 -29.09
C VAL B 617 13.09 50.35 -29.95
N ARG B 618 12.21 51.33 -29.73
CA ARG B 618 10.97 51.38 -30.51
C ARG B 618 11.25 51.71 -31.97
N LYS B 619 12.19 52.62 -32.24
CA LYS B 619 12.47 53.08 -33.58
C LYS B 619 13.48 52.22 -34.32
N THR B 620 14.16 51.31 -33.63
CA THR B 620 15.06 50.33 -34.24
C THR B 620 14.35 49.02 -34.57
N ILE B 621 13.58 48.49 -33.62
CA ILE B 621 12.94 47.18 -33.77
C ILE B 621 11.48 47.36 -34.14
N GLY B 622 10.74 48.06 -33.28
CA GLY B 622 9.32 48.25 -33.47
C GLY B 622 8.65 48.77 -32.22
N PRO B 623 7.50 49.43 -32.38
CA PRO B 623 6.88 50.08 -31.20
C PRO B 623 6.56 49.12 -30.07
N PHE B 624 6.07 47.93 -30.41
CA PHE B 624 5.67 46.93 -29.43
C PHE B 624 6.84 46.16 -28.82
N ALA B 625 8.08 46.49 -29.21
CA ALA B 625 9.27 45.77 -28.74
C ALA B 625 10.00 46.48 -27.62
N ALA B 626 9.45 47.57 -27.09
CA ALA B 626 10.14 48.29 -26.02
C ALA B 626 10.17 47.46 -24.74
N PRO B 627 11.27 47.48 -23.99
CA PRO B 627 11.29 46.76 -22.72
C PRO B 627 10.26 47.34 -21.76
N LYS B 628 9.69 46.46 -20.93
CA LYS B 628 8.79 46.91 -19.88
C LYS B 628 9.44 47.98 -19.02
N SER B 629 10.72 47.78 -18.67
CA SER B 629 11.46 48.73 -17.86
C SER B 629 12.92 48.65 -18.24
N VAL B 630 13.63 49.77 -18.09
CA VAL B 630 15.07 49.81 -18.33
C VAL B 630 15.80 50.20 -17.05
N GLN C 20 -59.69 10.59 13.80
CA GLN C 20 -59.86 11.91 13.20
C GLN C 20 -59.28 12.99 14.10
N THR C 21 -59.55 12.89 15.40
CA THR C 21 -59.10 13.86 16.37
C THR C 21 -57.88 13.35 17.12
N HIS C 22 -57.04 14.28 17.56
CA HIS C 22 -55.84 13.97 18.31
C HIS C 22 -55.99 14.46 19.75
N ASN C 23 -55.68 13.59 20.70
CA ASN C 23 -55.64 13.97 22.11
C ASN C 23 -54.24 14.30 22.59
N VAL C 24 -53.21 13.85 21.89
CA VAL C 24 -51.82 14.08 22.24
C VAL C 24 -51.16 15.09 21.30
N VAL C 25 -51.26 14.85 20.00
CA VAL C 25 -50.62 15.72 18.99
C VAL C 25 -51.60 16.86 18.73
N HIS C 26 -51.52 17.88 19.59
CA HIS C 26 -52.40 19.03 19.44
C HIS C 26 -52.04 19.84 18.20
N GLU C 27 -50.78 19.78 17.76
CA GLU C 27 -50.37 20.47 16.54
C GLU C 27 -51.13 19.97 15.32
N ALA C 28 -51.68 18.76 15.36
CA ALA C 28 -52.21 18.08 14.19
C ALA C 28 -53.71 18.30 13.99
N ASN C 29 -54.42 18.83 14.98
CA ASN C 29 -55.86 18.98 14.88
C ASN C 29 -56.22 20.05 13.85
N GLY C 30 -57.07 19.68 12.90
CA GLY C 30 -57.61 20.64 11.95
C GLY C 30 -56.58 21.29 11.05
N VAL C 31 -55.56 20.55 10.64
CA VAL C 31 -54.51 21.05 9.76
C VAL C 31 -54.68 20.34 8.41
N LYS C 32 -55.15 21.09 7.41
CA LYS C 32 -55.35 20.51 6.09
C LYS C 32 -54.02 20.19 5.42
N LEU C 33 -53.97 19.03 4.76
CA LEU C 33 -52.82 18.70 3.93
C LEU C 33 -52.63 19.75 2.84
N ARG C 34 -51.39 19.97 2.45
CA ARG C 34 -51.03 20.94 1.42
C ARG C 34 -50.30 20.20 0.31
N GLU C 35 -51.00 19.92 -0.78
CA GLU C 35 -50.43 19.19 -1.89
C GLU C 35 -49.44 20.07 -2.66
N THR C 36 -48.57 19.42 -3.43
CA THR C 36 -47.60 20.15 -4.23
C THR C 36 -48.32 20.97 -5.30
N PRO C 37 -48.03 22.27 -5.43
CA PRO C 37 -48.67 23.05 -6.49
C PRO C 37 -48.40 22.49 -7.87
N LYS C 38 -49.35 22.72 -8.78
CA LYS C 38 -49.20 22.25 -10.15
C LYS C 38 -47.95 22.80 -10.82
N GLU C 39 -47.57 24.04 -10.48
CA GLU C 39 -46.46 24.67 -11.18
C GLU C 39 -45.13 23.98 -10.88
N PHE C 40 -45.03 23.32 -9.73
CA PHE C 40 -43.88 22.46 -9.47
C PHE C 40 -43.67 21.49 -10.63
N PHE C 41 -44.70 20.69 -10.92
CA PHE C 41 -44.57 19.64 -11.94
C PHE C 41 -44.39 20.22 -13.35
N GLU C 42 -44.85 21.45 -13.58
CA GLU C 42 -44.59 22.09 -14.87
C GLU C 42 -43.13 22.51 -15.00
N ARG C 43 -42.55 23.04 -13.92
CA ARG C 43 -41.15 23.48 -13.91
C ARG C 43 -40.17 22.33 -13.74
N GLN C 44 -40.66 21.10 -13.61
CA GLN C 44 -39.79 19.95 -13.39
C GLN C 44 -39.12 19.54 -14.69
N PRO C 45 -37.79 19.42 -14.74
CA PRO C 45 -37.13 19.17 -16.03
C PRO C 45 -37.33 17.76 -16.56
N ASN C 46 -37.58 16.78 -15.70
CA ASN C 46 -37.70 15.39 -16.13
C ASN C 46 -38.74 14.69 -15.26
N LYS C 47 -39.09 13.47 -15.66
CA LYS C 47 -40.01 12.67 -14.87
C LYS C 47 -39.49 12.54 -13.45
N GLY C 48 -40.35 12.82 -12.47
CA GLY C 48 -39.98 12.72 -11.08
C GLY C 48 -39.38 11.39 -10.71
N HIS C 49 -38.55 11.36 -9.67
CA HIS C 49 -37.84 10.13 -9.32
C HIS C 49 -38.77 9.13 -8.64
N ILE C 50 -39.77 9.62 -7.92
CA ILE C 50 -40.81 8.78 -7.31
C ILE C 50 -42.16 9.32 -7.77
N HIS C 51 -43.03 8.42 -8.22
CA HIS C 51 -44.31 8.85 -8.78
C HIS C 51 -45.20 9.47 -7.71
N ASP C 52 -45.55 8.70 -6.68
CA ASP C 52 -46.49 9.16 -5.67
C ASP C 52 -46.10 8.60 -4.31
N VAL C 53 -46.84 9.02 -3.28
CA VAL C 53 -46.49 8.67 -1.91
C VAL C 53 -46.52 7.16 -1.71
N ASN C 54 -47.36 6.44 -2.46
CA ASN C 54 -47.45 5.00 -2.27
C ASN C 54 -46.21 4.29 -2.79
N GLN C 55 -45.68 4.73 -3.93
CA GLN C 55 -44.41 4.18 -4.37
C GLN C 55 -43.30 4.49 -3.37
N TYR C 56 -43.34 5.66 -2.76
CA TYR C 56 -42.32 6.01 -1.78
C TYR C 56 -42.37 5.07 -0.58
N LYS C 57 -43.56 4.66 -0.16
CA LYS C 57 -43.67 3.80 1.00
C LYS C 57 -43.23 2.37 0.69
N GLN C 58 -43.43 1.91 -0.56
CA GLN C 58 -42.86 0.62 -0.95
C GLN C 58 -41.34 0.67 -0.92
N MET C 59 -40.75 1.77 -1.38
CA MET C 59 -39.30 1.91 -1.33
C MET C 59 -38.82 2.07 0.11
N TYR C 60 -39.56 2.83 0.94
CA TYR C 60 -39.17 3.00 2.32
C TYR C 60 -39.18 1.68 3.07
N GLU C 61 -40.23 0.87 2.89
CA GLU C 61 -40.30 -0.38 3.61
C GLU C 61 -39.18 -1.33 3.21
N GLN C 62 -38.73 -1.28 1.95
CA GLN C 62 -37.59 -2.08 1.55
C GLN C 62 -36.30 -1.57 2.20
N SER C 63 -36.15 -0.25 2.27
CA SER C 63 -34.97 0.32 2.91
C SER C 63 -34.87 -0.02 4.39
N ILE C 64 -35.96 -0.46 5.00
CA ILE C 64 -35.96 -0.88 6.41
C ILE C 64 -35.84 -2.40 6.52
N LYS C 65 -36.66 -3.12 5.76
CA LYS C 65 -36.66 -4.58 5.87
C LYS C 65 -35.47 -5.21 5.14
N ASP C 66 -35.03 -4.60 4.04
CA ASP C 66 -33.98 -5.16 3.19
C ASP C 66 -32.93 -4.10 2.87
N PRO C 67 -32.14 -3.68 3.87
CA PRO C 67 -31.12 -2.67 3.58
C PRO C 67 -30.13 -3.10 2.53
N GLN C 68 -29.70 -4.37 2.57
CA GLN C 68 -28.75 -4.86 1.59
CA GLN C 68 -28.75 -4.87 1.58
C GLN C 68 -29.29 -4.72 0.17
N GLY C 69 -30.53 -5.17 -0.05
CA GLY C 69 -31.12 -5.14 -1.39
C GLY C 69 -31.51 -3.77 -1.87
N PHE C 70 -31.64 -2.79 -0.96
CA PHE C 70 -32.04 -1.44 -1.32
C PHE C 70 -30.85 -0.52 -1.54
N PHE C 71 -29.87 -0.54 -0.63
CA PHE C 71 -28.78 0.43 -0.67
C PHE C 71 -27.60 -0.04 -1.52
N GLY C 72 -27.41 -1.34 -1.69
CA GLY C 72 -26.36 -1.84 -2.54
C GLY C 72 -26.46 -1.28 -3.94
N PRO C 73 -27.59 -1.54 -4.61
CA PRO C 73 -27.75 -1.00 -5.97
C PRO C 73 -27.67 0.51 -6.03
N LEU C 74 -28.23 1.21 -5.03
CA LEU C 74 -28.13 2.66 -5.00
C LEU C 74 -26.70 3.11 -4.81
N ALA C 75 -25.92 2.37 -4.02
CA ALA C 75 -24.50 2.68 -3.87
C ALA C 75 -23.77 2.56 -5.19
N LYS C 76 -24.09 1.53 -5.97
CA LYS C 76 -23.48 1.38 -7.29
C LYS C 76 -23.96 2.48 -8.23
N GLU C 77 -25.27 2.75 -8.23
CA GLU C 77 -25.84 3.71 -9.18
C GLU C 77 -25.26 5.10 -8.99
N LEU C 78 -25.14 5.56 -7.76
CA LEU C 78 -24.83 6.96 -7.48
C LEU C 78 -23.35 7.24 -7.28
N LEU C 79 -22.53 6.24 -7.00
CA LEU C 79 -21.12 6.45 -6.68
C LEU C 79 -20.22 5.65 -7.62
N SER C 80 -19.05 6.21 -7.90
CA SER C 80 -18.01 5.55 -8.66
C SER C 80 -17.01 4.94 -7.68
N TRP C 81 -16.66 3.68 -7.91
CA TRP C 81 -15.83 2.92 -6.98
C TRP C 81 -14.48 2.58 -7.61
N ASP C 82 -13.45 2.53 -6.77
CA ASP C 82 -12.15 2.02 -7.15
C ASP C 82 -11.95 0.57 -6.72
N HIS C 83 -12.79 0.06 -5.82
CA HIS C 83 -12.81 -1.33 -5.43
C HIS C 83 -14.22 -1.69 -5.02
N ASP C 84 -14.67 -2.89 -5.41
CA ASP C 84 -16.00 -3.34 -5.03
C ASP C 84 -16.10 -3.52 -3.52
N PHE C 85 -17.34 -3.44 -3.03
CA PHE C 85 -17.62 -3.81 -1.64
C PHE C 85 -18.25 -5.21 -1.61
N HIS C 86 -18.05 -5.90 -0.48
CA HIS C 86 -18.53 -7.26 -0.33
C HIS C 86 -19.70 -7.39 0.64
N THR C 87 -19.94 -6.39 1.49
CA THR C 87 -21.02 -6.43 2.46
C THR C 87 -21.64 -5.05 2.55
N VAL C 88 -22.97 -4.97 2.40
CA VAL C 88 -23.63 -3.68 2.40
C VAL C 88 -23.68 -3.09 3.81
N LYS C 89 -23.92 -3.93 4.82
CA LYS C 89 -24.25 -3.44 6.15
C LYS C 89 -23.68 -4.37 7.20
N SER C 90 -23.12 -3.78 8.25
CA SER C 90 -22.53 -4.53 9.35
C SER C 90 -22.70 -3.76 10.64
N GLY C 91 -22.81 -4.50 11.74
CA GLY C 91 -22.81 -3.91 13.07
C GLY C 91 -24.20 -3.53 13.55
N THR C 92 -24.24 -3.09 14.80
CA THR C 92 -25.47 -2.74 15.48
C THR C 92 -25.29 -1.45 16.26
N LEU C 93 -26.41 -0.78 16.53
CA LEU C 93 -26.37 0.44 17.34
C LEU C 93 -25.82 0.13 18.73
N LYS C 94 -26.22 -1.01 19.31
CA LYS C 94 -25.86 -1.33 20.68
C LYS C 94 -24.37 -1.54 20.87
N ASN C 95 -23.64 -1.89 19.81
CA ASN C 95 -22.20 -2.09 19.90
C ASN C 95 -21.39 -0.98 19.24
N GLY C 96 -22.05 0.07 18.74
CA GLY C 96 -21.32 1.18 18.13
C GLY C 96 -20.26 0.75 17.15
N ASP C 97 -20.59 -0.22 16.29
CA ASP C 97 -19.68 -0.74 15.28
C ASP C 97 -20.35 -0.80 13.92
N ALA C 98 -21.21 0.18 13.64
CA ALA C 98 -21.90 0.23 12.36
C ALA C 98 -20.91 0.45 11.22
N ALA C 99 -21.19 -0.16 10.07
CA ALA C 99 -20.31 -0.06 8.91
C ALA C 99 -21.12 -0.36 7.66
N TRP C 100 -20.80 0.33 6.58
CA TRP C 100 -21.51 0.17 5.32
C TRP C 100 -20.53 0.03 4.17
N PHE C 101 -20.85 -0.87 3.24
CA PHE C 101 -20.07 -1.05 2.02
C PHE C 101 -18.64 -1.46 2.37
N LEU C 102 -18.53 -2.50 3.19
CA LEU C 102 -17.24 -2.95 3.68
C LEU C 102 -16.44 -3.60 2.55
N GLY C 103 -15.15 -3.29 2.51
CA GLY C 103 -14.26 -3.78 1.49
C GLY C 103 -14.11 -2.87 0.28
N GLY C 104 -15.00 -1.88 0.12
CA GLY C 104 -14.94 -1.01 -1.02
C GLY C 104 -14.01 0.18 -0.82
N GLU C 105 -13.56 0.73 -1.93
CA GLU C 105 -12.72 1.91 -1.93
C GLU C 105 -13.26 2.90 -2.96
N LEU C 106 -13.01 4.17 -2.69
CA LEU C 106 -13.47 5.27 -3.55
C LEU C 106 -12.72 6.52 -3.12
N ASN C 107 -13.07 7.65 -3.74
CA ASN C 107 -12.52 8.93 -3.36
C ASN C 107 -13.60 9.98 -3.46
N ALA C 108 -13.68 10.86 -2.44
CA ALA C 108 -14.74 11.84 -2.39
C ALA C 108 -14.57 12.89 -3.48
N SER C 109 -13.32 13.33 -3.73
CA SER C 109 -13.13 14.37 -4.74
C SER C 109 -13.32 13.82 -6.15
N TYR C 110 -13.04 12.53 -6.36
CA TYR C 110 -13.30 11.95 -7.68
C TYR C 110 -14.78 11.97 -8.01
N ASN C 111 -15.62 11.59 -7.04
CA ASN C 111 -17.06 11.55 -7.28
C ASN C 111 -17.67 12.94 -7.34
N CYS C 112 -17.04 13.93 -6.71
CA CYS C 112 -17.59 15.29 -6.68
C CYS C 112 -17.01 16.19 -7.77
N VAL C 113 -15.93 15.79 -8.43
CA VAL C 113 -15.27 16.69 -9.38
C VAL C 113 -14.87 15.95 -10.64
N ASP C 114 -13.87 15.06 -10.53
CA ASP C 114 -13.24 14.46 -11.70
C ASP C 114 -14.26 13.91 -12.70
N ARG C 115 -15.16 13.03 -12.22
CA ARG C 115 -15.99 12.29 -13.15
C ARG C 115 -16.94 13.19 -13.91
N HIS C 116 -17.31 14.34 -13.34
CA HIS C 116 -18.13 15.29 -14.09
C HIS C 116 -17.29 16.16 -15.01
N ALA C 117 -16.06 16.45 -14.62
CA ALA C 117 -15.15 17.18 -15.51
C ALA C 117 -14.89 16.39 -16.78
N PHE C 118 -14.63 15.09 -16.64
CA PHE C 118 -14.39 14.26 -17.82
C PHE C 118 -15.60 14.24 -18.73
N ALA C 119 -16.81 14.15 -18.15
CA ALA C 119 -18.02 14.08 -18.96
C ALA C 119 -18.29 15.40 -19.68
N ASN C 120 -18.26 16.51 -18.94
CA ASN C 120 -18.56 17.83 -19.51
C ASN C 120 -17.80 18.87 -18.71
N PRO C 121 -16.53 19.12 -19.05
CA PRO C 121 -15.72 20.01 -18.21
C PRO C 121 -16.24 21.44 -18.13
N ASP C 122 -17.04 21.88 -19.10
CA ASP C 122 -17.52 23.25 -19.14
C ASP C 122 -18.80 23.48 -18.34
N LYS C 123 -19.40 22.41 -17.81
CA LYS C 123 -20.59 22.59 -17.00
C LYS C 123 -20.22 23.31 -15.70
N PRO C 124 -21.02 24.27 -15.24
CA PRO C 124 -20.71 24.96 -13.99
C PRO C 124 -20.74 24.01 -12.80
N ALA C 125 -19.84 24.28 -11.84
CA ALA C 125 -19.81 23.55 -10.58
C ALA C 125 -20.06 24.49 -9.40
N LEU C 126 -19.20 25.49 -9.18
CA LEU C 126 -19.34 26.42 -8.07
C LEU C 126 -19.75 27.78 -8.62
N ILE C 127 -20.98 28.18 -8.34
CA ILE C 127 -21.47 29.52 -8.66
C ILE C 127 -21.20 30.38 -7.43
N CYS C 128 -20.13 31.17 -7.49
CA CYS C 128 -19.61 31.88 -6.33
C CYS C 128 -20.14 33.31 -6.34
N GLU C 129 -20.91 33.64 -5.30
CA GLU C 129 -21.39 35.00 -5.07
C GLU C 129 -20.62 35.57 -3.89
N ALA C 130 -19.69 36.48 -4.18
CA ALA C 130 -18.86 37.06 -3.14
C ALA C 130 -19.68 38.02 -2.28
N ASP C 131 -19.07 38.45 -1.17
CA ASP C 131 -19.72 39.42 -0.29
C ASP C 131 -20.17 40.64 -1.08
N ASP C 132 -19.33 41.12 -1.98
CA ASP C 132 -19.68 42.17 -2.94
C ASP C 132 -19.75 41.53 -4.32
N GLU C 133 -20.86 41.76 -5.03
CA GLU C 133 -21.13 41.00 -6.25
C GLU C 133 -20.06 41.21 -7.31
N LYS C 134 -19.42 42.38 -7.32
CA LYS C 134 -18.39 42.65 -8.32
C LYS C 134 -17.34 41.56 -8.36
N ASP C 135 -17.12 40.88 -7.23
CA ASP C 135 -16.10 39.85 -7.11
C ASP C 135 -16.63 38.44 -7.36
N SER C 136 -17.83 38.31 -7.93
CA SER C 136 -18.42 37.00 -8.14
C SER C 136 -17.84 36.36 -9.40
N HIS C 137 -17.80 35.02 -9.37
CA HIS C 137 -17.25 34.25 -10.48
C HIS C 137 -17.86 32.86 -10.45
N ILE C 138 -17.59 32.09 -11.50
CA ILE C 138 -18.12 30.74 -11.64
C ILE C 138 -16.96 29.81 -12.02
N LEU C 139 -16.85 28.70 -11.29
CA LEU C 139 -15.90 27.64 -11.62
C LEU C 139 -16.66 26.49 -12.27
N THR C 140 -16.20 26.07 -13.44
CA THR C 140 -16.73 24.87 -14.06
C THR C 140 -16.09 23.64 -13.39
N TYR C 141 -16.62 22.47 -13.71
CA TYR C 141 -16.04 21.24 -13.17
C TYR C 141 -14.60 21.07 -13.65
N GLY C 142 -14.32 21.44 -14.90
CA GLY C 142 -12.95 21.44 -15.35
C GLY C 142 -12.07 22.38 -14.56
N ASP C 143 -12.53 23.62 -14.36
CA ASP C 143 -11.81 24.56 -13.53
C ASP C 143 -11.64 24.01 -12.11
N LEU C 144 -12.72 23.46 -11.54
CA LEU C 144 -12.66 22.97 -10.18
C LEU C 144 -11.60 21.88 -10.04
N LEU C 145 -11.55 20.96 -11.00
CA LEU C 145 -10.56 19.88 -10.92
C LEU C 145 -9.15 20.43 -10.93
N ARG C 146 -8.87 21.40 -11.79
CA ARG C 146 -7.51 21.94 -11.86
C ARG C 146 -7.12 22.62 -10.55
N GLU C 147 -8.04 23.38 -9.95
CA GLU C 147 -7.73 24.05 -8.70
C GLU C 147 -7.56 23.05 -7.56
N VAL C 148 -8.48 22.10 -7.45
CA VAL C 148 -8.38 21.08 -6.39
C VAL C 148 -7.08 20.30 -6.53
N SER C 149 -6.68 20.01 -7.77
CA SER C 149 -5.43 19.28 -7.98
C SER C 149 -4.23 20.08 -7.48
N LYS C 150 -4.18 21.37 -7.83
CA LYS C 150 -3.03 22.19 -7.46
C LYS C 150 -2.92 22.33 -5.93
N VAL C 151 -4.05 22.49 -5.24
CA VAL C 151 -4.00 22.61 -3.79
C VAL C 151 -3.58 21.29 -3.15
N ALA C 152 -4.11 20.18 -3.66
CA ALA C 152 -3.66 18.88 -3.17
C ALA C 152 -2.18 18.69 -3.47
N GLY C 153 -1.73 19.12 -4.64
CA GLY C 153 -0.31 19.05 -4.94
C GLY C 153 0.53 19.82 -3.94
N VAL C 154 0.01 20.95 -3.47
CA VAL C 154 0.71 21.70 -2.42
C VAL C 154 0.77 20.87 -1.14
N LEU C 155 -0.38 20.31 -0.74
CA LEU C 155 -0.42 19.54 0.51
C LEU C 155 0.40 18.26 0.40
N GLN C 156 0.31 17.57 -0.74
CA GLN C 156 1.12 16.37 -0.93
C GLN C 156 2.60 16.68 -0.73
N SER C 157 3.09 17.79 -1.30
CA SER C 157 4.50 18.12 -1.15
C SER C 157 4.85 18.52 0.28
N TRP C 158 3.85 18.86 1.09
CA TRP C 158 4.09 19.21 2.49
C TRP C 158 4.11 18.00 3.40
N GLY C 159 3.81 16.81 2.88
CA GLY C 159 3.81 15.61 3.69
C GLY C 159 2.44 15.15 4.11
N ILE C 160 1.38 15.84 3.69
CA ILE C 160 0.03 15.43 4.04
C ILE C 160 -0.32 14.16 3.26
N LYS C 161 -0.86 13.18 3.97
CA LYS C 161 -1.12 11.87 3.38
C LYS C 161 -2.34 11.27 4.06
N LYS C 162 -2.86 10.21 3.44
CA LYS C 162 -3.95 9.43 4.01
C LYS C 162 -3.73 9.23 5.51
N GLY C 163 -4.78 9.51 6.28
CA GLY C 163 -4.73 9.38 7.72
C GLY C 163 -4.43 10.67 8.48
N ASP C 164 -3.97 11.71 7.80
CA ASP C 164 -3.77 12.99 8.45
C ASP C 164 -5.09 13.76 8.50
N THR C 165 -5.12 14.77 9.37
CA THR C 165 -6.24 15.71 9.45
C THR C 165 -5.73 17.10 9.14
N VAL C 166 -6.51 17.85 8.37
CA VAL C 166 -6.14 19.20 7.95
C VAL C 166 -7.28 20.15 8.32
N ALA C 167 -6.92 21.24 8.99
CA ALA C 167 -7.92 22.20 9.46
C ALA C 167 -8.18 23.27 8.41
N VAL C 168 -9.43 23.69 8.32
CA VAL C 168 -9.85 24.76 7.41
C VAL C 168 -10.50 25.86 8.25
N TYR C 169 -10.08 27.10 8.02
CA TYR C 169 -10.66 28.28 8.67
C TYR C 169 -10.89 29.31 7.58
N LEU C 170 -12.04 29.20 6.91
CA LEU C 170 -12.33 30.00 5.74
C LEU C 170 -13.80 30.40 5.73
N PRO C 171 -14.13 31.59 5.22
CA PRO C 171 -15.54 31.94 5.02
C PRO C 171 -16.22 31.04 4.00
N MET C 172 -17.47 31.34 3.68
CA MET C 172 -18.24 30.56 2.71
C MET C 172 -17.94 31.07 1.31
N ASN C 173 -16.96 30.47 0.65
CA ASN C 173 -16.62 30.85 -0.72
C ASN C 173 -15.86 29.70 -1.37
N ALA C 174 -15.45 29.92 -2.63
CA ALA C 174 -14.87 28.86 -3.43
C ALA C 174 -13.71 28.18 -2.71
N GLN C 175 -12.84 28.96 -2.08
CA GLN C 175 -11.63 28.39 -1.49
C GLN C 175 -11.97 27.38 -0.40
N ALA C 176 -13.00 27.66 0.41
CA ALA C 176 -13.44 26.70 1.41
C ALA C 176 -13.82 25.38 0.74
N ILE C 177 -14.60 25.44 -0.34
CA ILE C 177 -14.99 24.24 -1.05
C ILE C 177 -13.77 23.55 -1.65
N ILE C 178 -12.85 24.33 -2.22
CA ILE C 178 -11.66 23.76 -2.85
C ILE C 178 -10.77 23.09 -1.81
N ALA C 179 -10.61 23.71 -0.64
CA ALA C 179 -9.74 23.14 0.38
C ALA C 179 -10.26 21.80 0.87
N MET C 180 -11.57 21.71 1.12
CA MET C 180 -12.14 20.44 1.58
C MET C 180 -11.92 19.35 0.54
N LEU C 181 -12.25 19.63 -0.72
CA LEU C 181 -12.09 18.63 -1.78
C LEU C 181 -10.63 18.26 -1.97
N ALA C 182 -9.72 19.23 -1.85
CA ALA C 182 -8.30 18.93 -2.01
C ALA C 182 -7.76 18.10 -0.85
N ILE C 183 -8.28 18.32 0.36
CA ILE C 183 -7.88 17.50 1.50
C ILE C 183 -8.39 16.07 1.33
N ALA C 184 -9.62 15.91 0.85
CA ALA C 184 -10.16 14.58 0.61
C ALA C 184 -9.50 13.89 -0.57
N ARG C 185 -8.91 14.66 -1.49
CA ARG C 185 -8.27 14.06 -2.66
C ARG C 185 -7.07 13.23 -2.26
N LEU C 186 -6.40 13.59 -1.17
CA LEU C 186 -5.24 12.87 -0.69
C LEU C 186 -5.60 11.77 0.31
N GLY C 187 -6.88 11.61 0.64
CA GLY C 187 -7.29 10.65 1.63
C GLY C 187 -7.20 11.15 3.05
N ALA C 188 -7.01 12.45 3.24
CA ALA C 188 -6.99 13.04 4.58
C ALA C 188 -8.41 13.47 4.97
N ALA C 189 -8.56 13.81 6.24
CA ALA C 189 -9.83 14.27 6.78
C ALA C 189 -9.74 15.76 7.04
N HIS C 190 -10.70 16.52 6.51
CA HIS C 190 -10.76 17.96 6.75
C HIS C 190 -11.61 18.24 7.98
N SER C 191 -11.15 19.17 8.81
CA SER C 191 -11.86 19.60 10.01
C SER C 191 -12.20 21.07 9.81
N VAL C 192 -13.40 21.34 9.28
CA VAL C 192 -13.79 22.72 8.99
C VAL C 192 -14.10 23.44 10.28
N ILE C 193 -13.55 24.64 10.43
CA ILE C 193 -13.74 25.47 11.62
C ILE C 193 -14.41 26.76 11.17
N PHE C 194 -15.66 26.94 11.56
CA PHE C 194 -16.44 28.13 11.19
C PHE C 194 -15.61 29.40 11.41
N ALA C 195 -15.63 30.29 10.41
CA ALA C 195 -14.77 31.46 10.43
C ALA C 195 -15.11 32.41 11.56
N GLY C 196 -16.26 32.27 12.19
CA GLY C 196 -16.63 33.12 13.30
C GLY C 196 -16.10 32.69 14.64
N PHE C 197 -15.36 31.59 14.71
CA PHE C 197 -14.87 31.08 15.98
C PHE C 197 -13.72 31.91 16.51
N SER C 198 -13.58 31.91 17.83
CA SER C 198 -12.49 32.61 18.50
C SER C 198 -11.21 31.78 18.43
N ALA C 199 -10.11 32.40 18.86
CA ALA C 199 -8.83 31.70 18.87
C ALA C 199 -8.88 30.51 19.84
N GLY C 200 -9.56 30.67 20.97
CA GLY C 200 -9.69 29.55 21.90
C GLY C 200 -10.46 28.39 21.31
N SER C 201 -11.47 28.68 20.49
CA SER C 201 -12.22 27.62 19.83
C SER C 201 -11.39 26.95 18.74
N ILE C 202 -10.68 27.76 17.94
CA ILE C 202 -9.75 27.19 16.96
C ILE C 202 -8.72 26.32 17.67
N LYS C 203 -8.16 26.82 18.77
CA LYS C 203 -7.15 26.08 19.51
C LYS C 203 -7.68 24.72 19.97
N ASP C 204 -8.88 24.70 20.58
CA ASP C 204 -9.43 23.45 21.08
C ASP C 204 -9.61 22.44 19.96
N ARG C 205 -10.10 22.89 18.81
CA ARG C 205 -10.39 21.95 17.71
C ARG C 205 -9.11 21.44 17.07
N VAL C 206 -8.18 22.35 16.75
CA VAL C 206 -6.96 21.95 16.04
C VAL C 206 -6.15 20.97 16.89
N ASN C 207 -6.10 21.19 18.21
CA ASN C 207 -5.31 20.32 19.08
C ASN C 207 -5.95 18.95 19.19
N ASP C 208 -7.27 18.90 19.41
CA ASP C 208 -7.94 17.61 19.54
C ASP C 208 -7.69 16.74 18.31
N ALA C 209 -7.77 17.33 17.12
CA ALA C 209 -7.57 16.57 15.89
C ALA C 209 -6.10 16.36 15.56
N SER C 210 -5.20 17.14 16.15
CA SER C 210 -3.77 17.07 15.87
C SER C 210 -3.51 17.28 14.37
N CYS C 211 -3.93 18.45 13.90
CA CYS C 211 -3.85 18.76 12.47
C CYS C 211 -2.42 19.09 12.09
N LYS C 212 -1.95 18.51 10.98
CA LYS C 212 -0.62 18.78 10.47
C LYS C 212 -0.56 20.09 9.68
N ALA C 213 -1.68 20.53 9.11
CA ALA C 213 -1.68 21.76 8.32
C ALA C 213 -3.01 22.49 8.51
N LEU C 214 -3.00 23.77 8.17
CA LEU C 214 -4.16 24.65 8.25
C LEU C 214 -4.26 25.45 6.97
N ILE C 215 -5.48 25.59 6.45
CA ILE C 215 -5.77 26.43 5.29
C ILE C 215 -6.69 27.56 5.74
N THR C 216 -6.30 28.78 5.43
CA THR C 216 -7.05 29.97 5.87
C THR C 216 -6.78 31.08 4.88
N CYS C 217 -7.19 32.31 5.23
CA CYS C 217 -7.00 33.47 4.39
C CYS C 217 -6.59 34.65 5.25
N ASP C 218 -6.11 35.72 4.59
CA ASP C 218 -5.61 36.89 5.31
C ASP C 218 -6.74 37.64 6.00
N GLU C 219 -7.80 37.96 5.25
CA GLU C 219 -8.95 38.65 5.80
C GLU C 219 -10.19 38.18 5.05
N GLY C 220 -11.36 38.44 5.64
CA GLY C 220 -12.63 38.09 5.05
C GLY C 220 -13.46 39.32 4.75
N LYS C 221 -14.51 39.10 3.95
CA LYS C 221 -15.48 40.15 3.61
C LYS C 221 -16.86 39.67 4.03
N ARG C 222 -17.47 40.39 4.97
CA ARG C 222 -18.77 40.03 5.53
C ARG C 222 -19.61 41.29 5.64
N GLY C 223 -20.70 41.35 4.88
CA GLY C 223 -21.54 42.54 4.89
C GLY C 223 -20.80 43.82 4.56
N GLY C 224 -19.78 43.73 3.71
CA GLY C 224 -19.00 44.90 3.32
C GLY C 224 -17.89 45.27 4.28
N ARG C 225 -17.82 44.63 5.44
CA ARG C 225 -16.79 44.90 6.43
C ARG C 225 -15.68 43.86 6.35
N THR C 226 -14.47 44.28 6.68
CA THR C 226 -13.32 43.39 6.70
C THR C 226 -13.23 42.68 8.05
N THR C 227 -12.90 41.40 8.01
CA THR C 227 -12.84 40.55 9.19
C THR C 227 -11.41 40.05 9.40
N ASN C 228 -11.04 39.89 10.67
CA ASN C 228 -9.69 39.49 11.06
C ASN C 228 -9.64 37.96 11.10
N ILE C 229 -9.12 37.35 10.02
CA ILE C 229 -9.10 35.89 9.93
C ILE C 229 -7.71 35.36 10.25
N LYS C 230 -6.71 35.76 9.46
CA LYS C 230 -5.35 35.31 9.73
C LYS C 230 -4.93 35.69 11.15
N LYS C 231 -5.30 36.89 11.59
CA LYS C 231 -4.93 37.34 12.93
C LYS C 231 -5.41 36.37 14.00
N LEU C 232 -6.64 35.89 13.89
CA LEU C 232 -7.16 34.93 14.86
C LEU C 232 -6.41 33.60 14.77
N CYS C 233 -6.10 33.14 13.55
CA CYS C 233 -5.32 31.92 13.40
C CYS C 233 -3.99 32.03 14.11
N ASP C 234 -3.28 33.15 13.89
CA ASP C 234 -1.99 33.34 14.55
C ASP C 234 -2.13 33.30 16.07
N GLU C 235 -3.18 33.94 16.61
CA GLU C 235 -3.37 33.92 18.06
C GLU C 235 -3.63 32.50 18.57
N ALA C 236 -4.29 31.67 17.77
CA ALA C 236 -4.57 30.30 18.20
C ALA C 236 -3.36 29.39 17.99
N LEU C 237 -2.64 29.58 16.88
CA LEU C 237 -1.58 28.65 16.51
C LEU C 237 -0.39 28.69 17.47
N VAL C 238 -0.25 29.76 18.27
CA VAL C 238 0.82 29.77 19.27
C VAL C 238 0.71 28.58 20.20
N ASP C 239 -0.46 27.95 20.28
CA ASP C 239 -0.71 26.80 21.15
C ASP C 239 -1.10 25.57 20.36
N CYS C 240 -0.68 25.49 19.10
CA CYS C 240 -1.01 24.38 18.20
C CYS C 240 0.28 23.80 17.64
N PRO C 241 0.97 22.97 18.43
CA PRO C 241 2.29 22.48 17.97
C PRO C 241 2.23 21.59 16.74
N THR C 242 1.13 20.85 16.52
CA THR C 242 1.11 19.90 15.42
C THR C 242 1.05 20.59 14.06
N VAL C 243 0.61 21.84 14.00
CA VAL C 243 0.45 22.53 12.72
C VAL C 243 1.84 22.90 12.20
N GLU C 244 2.26 22.24 11.13
CA GLU C 244 3.58 22.44 10.55
C GLU C 244 3.58 23.57 9.52
N LYS C 245 2.51 23.69 8.72
CA LYS C 245 2.45 24.68 7.68
C LYS C 245 1.03 25.20 7.54
N VAL C 246 0.91 26.45 7.06
CA VAL C 246 -0.37 27.12 6.86
C VAL C 246 -0.41 27.66 5.44
N LEU C 247 -1.54 27.48 4.76
CA LEU C 247 -1.76 28.01 3.43
C LEU C 247 -2.75 29.16 3.53
N VAL C 248 -2.33 30.34 3.08
CA VAL C 248 -3.08 31.58 3.28
C VAL C 248 -3.49 32.12 1.92
N TYR C 249 -4.79 32.24 1.70
CA TYR C 249 -5.33 32.83 0.49
C TYR C 249 -5.40 34.34 0.62
N LYS C 250 -5.24 35.04 -0.51
CA LYS C 250 -5.28 36.50 -0.54
C LYS C 250 -6.69 36.93 -0.95
N ARG C 251 -7.58 36.94 0.04
CA ARG C 251 -8.95 37.39 -0.21
C ARG C 251 -9.00 38.91 -0.38
N THR C 252 -8.35 39.65 0.52
CA THR C 252 -8.24 41.09 0.41
C THR C 252 -6.89 41.55 -0.13
N ASN C 253 -5.86 40.72 0.01
CA ASN C 253 -4.51 41.06 -0.43
C ASN C 253 -3.94 42.23 0.37
N ASN C 254 -4.28 42.30 1.64
CA ASN C 254 -3.76 43.35 2.51
C ASN C 254 -2.28 43.09 2.79
N PRO C 255 -1.37 43.99 2.40
CA PRO C 255 0.06 43.68 2.54
C PRO C 255 0.56 43.71 3.99
N GLU C 256 -0.16 44.35 4.91
CA GLU C 256 0.27 44.46 6.30
C GLU C 256 -0.06 43.21 7.12
N ILE C 257 -0.59 42.16 6.50
CA ILE C 257 -0.91 40.93 7.20
C ILE C 257 0.35 40.08 7.31
N HIS C 258 0.77 39.80 8.55
CA HIS C 258 2.04 39.13 8.77
C HIS C 258 1.92 37.63 8.55
N LEU C 259 2.85 37.07 7.78
CA LEU C 259 3.02 35.64 7.64
C LEU C 259 4.30 35.22 8.34
N THR C 260 4.21 34.13 9.10
CA THR C 260 5.34 33.64 9.88
C THR C 260 6.32 32.92 8.97
N GLU C 261 7.57 33.36 8.97
CA GLU C 261 8.59 32.75 8.12
C GLU C 261 8.69 31.26 8.43
N GLY C 262 8.73 30.45 7.37
CA GLY C 262 8.91 29.02 7.50
C GLY C 262 7.67 28.23 7.82
N ARG C 263 6.54 28.89 8.10
CA ARG C 263 5.28 28.21 8.39
C ARG C 263 4.15 28.60 7.45
N ASP C 264 4.02 29.89 7.14
CA ASP C 264 2.90 30.40 6.36
C ASP C 264 3.32 30.58 4.90
N TYR C 265 2.48 30.11 3.98
CA TYR C 265 2.73 30.25 2.55
C TYR C 265 1.45 30.69 1.88
N TYR C 266 1.58 31.39 0.76
CA TYR C 266 0.43 31.92 0.06
C TYR C 266 -0.17 30.88 -0.88
N TRP C 267 -1.51 30.86 -0.91
CA TRP C 267 -2.25 29.97 -1.81
C TRP C 267 -1.75 30.11 -3.24
N ASP C 268 -1.77 31.33 -3.78
CA ASP C 268 -1.41 31.55 -5.17
C ASP C 268 0.03 31.15 -5.45
N VAL C 269 0.95 31.50 -4.53
CA VAL C 269 2.37 31.24 -4.77
C VAL C 269 2.65 29.75 -4.87
N GLU C 270 1.99 28.95 -4.02
CA GLU C 270 2.31 27.53 -3.98
C GLU C 270 1.60 26.76 -5.09
N THR C 271 0.32 27.07 -5.34
CA THR C 271 -0.40 26.34 -6.38
C THR C 271 0.20 26.58 -7.76
N ALA C 272 0.87 27.72 -7.95
CA ALA C 272 1.54 27.98 -9.21
C ALA C 272 2.62 26.95 -9.50
N LYS C 273 3.11 26.26 -8.47
CA LYS C 273 4.20 25.31 -8.63
C LYS C 273 3.75 23.93 -9.11
N PHE C 274 2.45 23.69 -9.23
CA PHE C 274 1.98 22.32 -9.38
C PHE C 274 0.98 22.18 -10.52
N PRO C 275 0.90 20.99 -11.10
CA PRO C 275 0.08 20.80 -12.30
C PRO C 275 -1.40 20.68 -11.99
N GLY C 276 -2.21 20.95 -13.01
CA GLY C 276 -3.65 20.96 -12.92
C GLY C 276 -4.30 19.60 -12.82
N TYR C 277 -3.52 18.54 -12.58
CA TYR C 277 -4.08 17.23 -12.29
C TYR C 277 -3.21 16.54 -11.26
N LEU C 278 -3.84 15.83 -10.34
CA LEU C 278 -3.16 15.03 -9.34
C LEU C 278 -4.00 13.78 -9.15
N PRO C 279 -3.40 12.59 -9.10
CA PRO C 279 -4.19 11.38 -8.94
C PRO C 279 -4.88 11.36 -7.59
N PRO C 280 -6.20 11.13 -7.56
CA PRO C 280 -6.87 11.00 -6.26
C PRO C 280 -6.44 9.72 -5.56
N VAL C 281 -6.50 9.76 -4.23
CA VAL C 281 -6.06 8.66 -3.38
C VAL C 281 -7.28 7.86 -2.95
N SER C 282 -7.22 6.54 -3.16
CA SER C 282 -8.32 5.66 -2.76
C SER C 282 -8.34 5.51 -1.25
N VAL C 283 -9.54 5.54 -0.68
CA VAL C 283 -9.73 5.30 0.74
C VAL C 283 -10.80 4.22 0.90
N ASN C 284 -10.74 3.52 2.03
CA ASN C 284 -11.75 2.53 2.34
C ASN C 284 -13.09 3.21 2.58
N SER C 285 -14.17 2.45 2.38
CA SER C 285 -15.51 2.97 2.63
C SER C 285 -15.60 3.59 4.02
N GLU C 286 -15.01 2.94 5.02
CA GLU C 286 -15.12 3.37 6.41
C GLU C 286 -13.91 4.19 6.87
N ASP C 287 -13.10 4.69 5.94
CA ASP C 287 -12.11 5.67 6.33
C ASP C 287 -12.80 7.01 6.59
N PRO C 288 -12.40 7.74 7.63
CA PRO C 288 -13.10 9.00 7.93
C PRO C 288 -12.91 10.02 6.81
N LEU C 289 -14.05 10.61 6.38
CA LEU C 289 -14.00 11.68 5.40
C LEU C 289 -13.71 13.03 6.06
N PHE C 290 -14.39 13.34 7.16
CA PHE C 290 -14.11 14.59 7.85
C PHE C 290 -14.42 14.47 9.33
N LEU C 291 -13.85 15.41 10.08
CA LEU C 291 -14.25 15.71 11.45
C LEU C 291 -15.00 17.04 11.44
N LEU C 292 -16.08 17.12 12.22
CA LEU C 292 -16.83 18.37 12.36
C LEU C 292 -17.21 18.50 13.83
N TYR C 293 -16.65 19.50 14.50
CA TYR C 293 -16.77 19.61 15.95
C TYR C 293 -18.08 20.28 16.34
N THR C 294 -18.88 19.56 17.10
CA THR C 294 -20.18 20.01 17.59
C THR C 294 -20.07 20.43 19.05
N SER C 295 -20.94 21.34 19.45
CA SER C 295 -21.14 21.65 20.86
C SER C 295 -22.23 20.74 21.41
N GLY C 296 -21.91 20.00 22.47
CA GLY C 296 -22.84 19.10 23.11
C GLY C 296 -23.13 19.54 24.53
N SER C 297 -24.01 18.77 25.18
CA SER C 297 -24.42 19.06 26.54
C SER C 297 -23.35 18.71 27.57
N THR C 298 -22.19 18.19 27.15
CA THR C 298 -21.17 17.70 28.07
C THR C 298 -19.83 18.38 27.74
N GLY C 299 -19.65 19.57 28.32
CA GLY C 299 -18.35 20.21 28.35
C GLY C 299 -17.82 20.71 27.02
N THR C 300 -16.66 20.19 26.62
CA THR C 300 -15.89 20.72 25.51
C THR C 300 -16.38 20.16 24.18
N PRO C 301 -16.00 20.79 23.06
CA PRO C 301 -16.47 20.31 21.76
C PRO C 301 -16.02 18.88 21.50
N LYS C 302 -16.85 18.16 20.76
CA LYS C 302 -16.59 16.76 20.42
C LYS C 302 -16.45 16.64 18.91
N GLY C 303 -15.44 15.90 18.47
CA GLY C 303 -15.22 15.73 17.04
C GLY C 303 -16.09 14.64 16.44
N VAL C 304 -17.21 15.05 15.83
CA VAL C 304 -18.05 14.08 15.13
C VAL C 304 -17.32 13.61 13.88
N VAL C 305 -17.22 12.30 13.71
CA VAL C 305 -16.51 11.69 12.60
C VAL C 305 -17.51 11.03 11.66
N HIS C 306 -17.34 11.24 10.37
CA HIS C 306 -18.21 10.65 9.35
C HIS C 306 -17.40 9.79 8.40
N SER C 307 -17.94 8.63 8.08
CA SER C 307 -17.35 7.72 7.11
C SER C 307 -17.31 8.39 5.74
N THR C 308 -16.76 7.71 4.74
CA THR C 308 -16.68 8.24 3.39
C THR C 308 -17.82 7.73 2.52
N ALA C 309 -17.98 6.41 2.41
CA ALA C 309 -19.01 5.86 1.53
C ALA C 309 -20.41 6.12 2.09
N GLY C 310 -20.64 5.74 3.35
CA GLY C 310 -21.95 5.96 3.94
C GLY C 310 -22.39 7.41 3.85
N TYR C 311 -21.54 8.33 4.27
CA TYR C 311 -21.92 9.74 4.27
C TYR C 311 -22.22 10.23 2.86
N LEU C 312 -21.35 9.90 1.91
CA LEU C 312 -21.55 10.38 0.54
C LEU C 312 -22.86 9.87 -0.03
N LEU C 313 -23.13 8.57 0.11
CA LEU C 313 -24.39 8.03 -0.37
C LEU C 313 -25.57 8.77 0.24
N GLY C 314 -25.55 8.95 1.56
CA GLY C 314 -26.63 9.68 2.21
C GLY C 314 -26.79 11.09 1.64
N ALA C 315 -25.67 11.79 1.46
CA ALA C 315 -25.75 13.14 0.91
C ALA C 315 -26.33 13.13 -0.50
N ALA C 316 -25.89 12.18 -1.32
CA ALA C 316 -26.40 12.13 -2.69
C ALA C 316 -27.84 11.66 -2.72
N LEU C 317 -28.17 10.63 -1.93
CA LEU C 317 -29.51 10.06 -1.99
C LEU C 317 -30.56 11.06 -1.51
N SER C 318 -30.28 11.78 -0.42
CA SER C 318 -31.26 12.74 0.10
C SER C 318 -31.38 13.95 -0.80
N THR C 319 -30.25 14.45 -1.32
CA THR C 319 -30.30 15.57 -2.25
C THR C 319 -31.17 15.25 -3.46
N LYS C 320 -31.13 13.99 -3.91
CA LYS C 320 -31.87 13.61 -5.12
C LYS C 320 -33.36 13.49 -4.84
N TYR C 321 -33.72 12.81 -3.75
CA TYR C 321 -35.11 12.39 -3.53
C TYR C 321 -35.91 13.35 -2.67
N ILE C 322 -35.29 14.05 -1.73
CA ILE C 322 -36.06 15.00 -0.92
C ILE C 322 -36.22 16.32 -1.66
N PHE C 323 -35.15 16.83 -2.27
CA PHE C 323 -35.22 18.08 -3.02
C PHE C 323 -35.66 17.88 -4.46
N ASP C 324 -35.62 16.65 -4.98
CA ASP C 324 -35.92 16.37 -6.37
C ASP C 324 -34.95 17.11 -7.30
N ILE C 325 -33.67 16.77 -7.15
CA ILE C 325 -32.61 17.37 -7.93
C ILE C 325 -32.40 16.59 -9.22
N HIS C 326 -32.28 17.30 -10.32
CA HIS C 326 -32.00 16.74 -11.63
C HIS C 326 -30.76 17.41 -12.21
N PRO C 327 -30.15 16.81 -13.24
CA PRO C 327 -28.91 17.39 -13.79
C PRO C 327 -29.07 18.85 -14.21
N GLU C 328 -30.25 19.22 -14.71
CA GLU C 328 -30.47 20.58 -15.19
C GLU C 328 -30.63 21.58 -14.07
N ASP C 329 -30.77 21.14 -12.83
CA ASP C 329 -31.16 22.04 -11.74
C ASP C 329 -29.95 22.76 -11.14
N ILE C 330 -30.25 23.77 -10.34
CA ILE C 330 -29.26 24.62 -9.68
C ILE C 330 -29.70 24.77 -8.23
N LEU C 331 -28.82 24.38 -7.30
CA LEU C 331 -29.13 24.40 -5.88
C LEU C 331 -28.45 25.58 -5.21
N PHE C 332 -29.21 26.32 -4.40
CA PHE C 332 -28.70 27.44 -3.61
C PHE C 332 -28.97 27.13 -2.14
N THR C 333 -27.97 26.54 -1.48
CA THR C 333 -28.04 26.31 -0.05
C THR C 333 -27.40 27.50 0.65
N ALA C 334 -28.23 28.35 1.25
CA ALA C 334 -27.78 29.56 1.92
C ALA C 334 -27.32 29.24 3.34
N GLY C 335 -26.38 28.30 3.43
CA GLY C 335 -25.80 27.93 4.70
C GLY C 335 -24.34 28.32 4.77
N ASP C 336 -23.55 27.56 5.53
CA ASP C 336 -22.13 27.81 5.68
C ASP C 336 -21.44 26.48 5.95
N VAL C 337 -20.30 26.26 5.28
CA VAL C 337 -19.58 25.01 5.43
C VAL C 337 -18.99 24.84 6.82
N GLY C 338 -19.05 25.87 7.66
CA GLY C 338 -18.69 25.67 9.06
C GLY C 338 -19.61 24.72 9.79
N TRP C 339 -20.78 24.44 9.22
CA TRP C 339 -21.80 23.60 9.83
C TRP C 339 -22.17 22.47 8.89
N ILE C 340 -22.87 21.47 9.43
CA ILE C 340 -23.16 20.26 8.67
C ILE C 340 -24.04 20.56 7.46
N THR C 341 -24.87 21.60 7.56
CA THR C 341 -25.75 21.94 6.44
C THR C 341 -24.94 22.30 5.20
N GLY C 342 -23.86 23.07 5.38
CA GLY C 342 -23.01 23.39 4.24
C GLY C 342 -22.20 22.19 3.76
N HIS C 343 -21.76 21.33 4.68
CA HIS C 343 -21.04 20.13 4.28
C HIS C 343 -21.90 19.29 3.34
N THR C 344 -23.11 18.94 3.76
CA THR C 344 -23.90 17.93 3.06
C THR C 344 -24.64 18.51 1.86
N TYR C 345 -25.08 19.77 1.92
CA TYR C 345 -26.01 20.29 0.93
C TYR C 345 -25.55 21.57 0.25
N ALA C 346 -24.40 22.13 0.63
CA ALA C 346 -23.75 23.14 -0.19
C ALA C 346 -22.60 22.57 -1.02
N LEU C 347 -22.05 21.43 -0.60
CA LEU C 347 -20.91 20.84 -1.26
C LEU C 347 -21.23 19.44 -1.78
N TYR C 348 -21.20 18.44 -0.90
CA TYR C 348 -21.16 17.06 -1.36
C TYR C 348 -22.42 16.69 -2.13
N GLY C 349 -23.58 16.89 -1.52
CA GLY C 349 -24.85 16.53 -2.13
C GLY C 349 -24.95 16.95 -3.58
N PRO C 350 -24.81 18.25 -3.84
CA PRO C 350 -24.99 18.71 -5.23
C PRO C 350 -23.83 18.33 -6.15
N LEU C 351 -22.58 18.44 -5.68
CA LEU C 351 -21.46 18.12 -6.56
C LEU C 351 -21.45 16.63 -6.91
N LEU C 352 -21.79 15.77 -5.96
CA LEU C 352 -21.90 14.35 -6.26
C LEU C 352 -22.83 14.11 -7.45
N LEU C 353 -23.88 14.92 -7.55
CA LEU C 353 -24.87 14.79 -8.61
C LEU C 353 -24.51 15.61 -9.85
N GLY C 354 -23.37 16.28 -9.85
CA GLY C 354 -22.92 17.00 -11.02
C GLY C 354 -23.74 18.21 -11.39
N VAL C 355 -24.47 18.79 -10.45
CA VAL C 355 -25.25 20.01 -10.72
C VAL C 355 -24.46 21.20 -10.19
N PRO C 356 -24.79 22.42 -10.62
CA PRO C 356 -24.15 23.60 -10.03
C PRO C 356 -24.72 23.91 -8.65
N THR C 357 -23.81 24.31 -7.75
CA THR C 357 -24.18 24.75 -6.41
C THR C 357 -23.71 26.18 -6.22
N ILE C 358 -24.55 26.98 -5.56
CA ILE C 358 -24.29 28.41 -5.40
C ILE C 358 -23.66 28.62 -4.03
N ILE C 359 -22.47 29.20 -4.02
CA ILE C 359 -21.71 29.46 -2.80
C ILE C 359 -21.75 30.96 -2.55
N PHE C 360 -22.48 31.37 -1.52
CA PHE C 360 -22.71 32.77 -1.21
C PHE C 360 -21.92 33.17 0.03
N GLU C 361 -21.01 34.13 -0.14
CA GLU C 361 -20.11 34.52 0.95
C GLU C 361 -20.75 35.53 1.89
N GLY C 362 -21.65 36.36 1.40
CA GLY C 362 -22.16 37.49 2.14
C GLY C 362 -23.38 37.15 2.97
N THR C 363 -24.15 38.18 3.28
CA THR C 363 -25.32 38.11 4.13
C THR C 363 -26.59 38.36 3.34
N PRO C 364 -27.75 37.96 3.85
CA PRO C 364 -29.02 38.30 3.18
C PRO C 364 -29.33 39.78 3.21
N ALA C 365 -28.55 40.59 3.94
CA ALA C 365 -28.85 42.00 4.14
C ALA C 365 -27.99 42.94 3.32
N TYR C 366 -26.87 42.46 2.75
CA TYR C 366 -25.93 43.32 2.06
C TYR C 366 -25.90 43.01 0.57
N PRO C 367 -25.97 44.03 -0.31
CA PRO C 367 -26.14 45.46 -0.02
C PRO C 367 -27.57 45.82 0.38
N ASP C 368 -28.53 44.91 0.17
CA ASP C 368 -29.87 45.10 0.70
C ASP C 368 -30.48 43.72 0.96
N TYR C 369 -31.74 43.71 1.40
CA TYR C 369 -32.44 42.47 1.68
C TYR C 369 -33.05 41.83 0.44
N GLY C 370 -32.53 42.16 -0.74
CA GLY C 370 -32.90 41.48 -1.96
C GLY C 370 -31.72 40.72 -2.54
N ARG C 371 -30.72 40.44 -1.70
CA ARG C 371 -29.52 39.77 -2.18
C ARG C 371 -29.81 38.33 -2.58
N PHE C 372 -30.45 37.56 -1.70
CA PHE C 372 -30.84 36.19 -2.04
C PHE C 372 -31.60 36.16 -3.34
N TRP C 373 -32.59 37.03 -3.48
CA TRP C 373 -33.48 36.98 -4.63
C TRP C 373 -32.78 37.45 -5.89
N GLN C 374 -31.94 38.48 -5.76
CA GLN C 374 -31.11 38.90 -6.88
C GLN C 374 -30.21 37.76 -7.35
N ILE C 375 -29.72 36.95 -6.42
CA ILE C 375 -28.91 35.79 -6.78
C ILE C 375 -29.77 34.75 -7.49
N VAL C 376 -30.90 34.39 -6.88
CA VAL C 376 -31.78 33.38 -7.48
C VAL C 376 -32.16 33.79 -8.90
N GLU C 377 -32.54 35.05 -9.09
CA GLU C 377 -32.87 35.53 -10.43
C GLU C 377 -31.66 35.50 -11.33
N LYS C 378 -30.49 35.88 -10.81
CA LYS C 378 -29.28 35.96 -11.62
C LYS C 378 -28.95 34.61 -12.24
N HIS C 379 -29.02 33.53 -11.46
CA HIS C 379 -28.55 32.23 -11.87
C HIS C 379 -29.68 31.23 -12.13
N LYS C 380 -30.93 31.68 -12.16
CA LYS C 380 -32.08 30.81 -12.44
C LYS C 380 -32.08 29.60 -11.51
N ALA C 381 -31.87 29.86 -10.22
CA ALA C 381 -31.81 28.78 -9.24
C ALA C 381 -33.17 28.10 -9.12
N THR C 382 -33.16 26.77 -9.19
CA THR C 382 -34.39 25.99 -9.10
C THR C 382 -34.68 25.48 -7.69
N HIS C 383 -33.68 25.49 -6.80
CA HIS C 383 -33.82 24.99 -5.45
C HIS C 383 -33.19 25.98 -4.49
N PHE C 384 -33.88 26.27 -3.38
CA PHE C 384 -33.40 27.20 -2.36
C PHE C 384 -33.53 26.52 -1.00
N TYR C 385 -32.52 26.69 -0.16
CA TYR C 385 -32.39 25.96 1.10
C TYR C 385 -31.83 26.92 2.14
N VAL C 386 -32.61 27.15 3.21
CA VAL C 386 -32.27 28.20 4.18
C VAL C 386 -32.87 27.84 5.53
N ALA C 387 -32.40 28.52 6.58
CA ALA C 387 -32.89 28.32 7.94
C ALA C 387 -34.00 29.32 8.27
N PRO C 388 -35.01 28.90 9.03
CA PRO C 388 -36.09 29.84 9.38
C PRO C 388 -35.61 31.14 10.01
N THR C 389 -34.41 31.17 10.60
CA THR C 389 -33.91 32.43 11.17
C THR C 389 -33.81 33.50 10.10
N ALA C 390 -33.31 33.14 8.91
CA ALA C 390 -33.24 34.09 7.82
C ALA C 390 -34.63 34.48 7.33
N LEU C 391 -35.58 33.55 7.36
CA LEU C 391 -36.95 33.87 6.98
C LEU C 391 -37.54 34.93 7.91
N ARG C 392 -37.34 34.76 9.22
CA ARG C 392 -37.83 35.76 10.17
C ARG C 392 -37.17 37.11 9.94
N LEU C 393 -35.87 37.12 9.61
CA LEU C 393 -35.19 38.37 9.34
C LEU C 393 -35.76 39.06 8.11
N LEU C 394 -35.95 38.31 7.03
CA LEU C 394 -36.45 38.91 5.80
C LEU C 394 -37.91 39.32 5.93
N ARG C 395 -38.71 38.54 6.65
CA ARG C 395 -40.09 38.95 6.91
C ARG C 395 -40.15 40.28 7.63
N LYS C 396 -39.30 40.46 8.65
CA LYS C 396 -39.28 41.71 9.40
C LYS C 396 -38.80 42.87 8.53
N ALA C 397 -37.76 42.66 7.75
CA ALA C 397 -37.02 43.76 7.15
C ALA C 397 -37.06 43.81 5.63
N GLY C 398 -37.19 42.68 4.94
CA GLY C 398 -37.00 42.67 3.50
C GLY C 398 -38.14 42.05 2.72
N GLU C 399 -39.38 42.23 3.17
CA GLU C 399 -40.50 41.61 2.49
C GLU C 399 -40.80 42.32 1.17
N GLN C 400 -40.68 43.65 1.14
CA GLN C 400 -41.01 44.39 -0.08
C GLN C 400 -40.01 44.12 -1.21
N GLU C 401 -38.78 43.70 -0.88
CA GLU C 401 -37.77 43.48 -1.91
C GLU C 401 -38.06 42.25 -2.75
N ILE C 402 -38.84 41.29 -2.23
CA ILE C 402 -39.03 40.03 -2.93
C ILE C 402 -39.69 40.25 -4.28
N ALA C 403 -40.62 41.19 -4.35
CA ALA C 403 -41.36 41.40 -5.59
C ALA C 403 -40.50 42.01 -6.69
N LYS C 404 -39.35 42.60 -6.34
CA LYS C 404 -38.49 43.24 -7.33
C LYS C 404 -37.75 42.24 -8.20
N TYR C 405 -37.75 40.95 -7.84
CA TYR C 405 -36.93 39.96 -8.52
C TYR C 405 -37.79 38.80 -9.02
N ASP C 406 -37.38 38.24 -10.15
CA ASP C 406 -38.07 37.08 -10.73
C ASP C 406 -37.60 35.82 -10.02
N LEU C 407 -38.50 35.19 -9.27
CA LEU C 407 -38.23 33.95 -8.56
C LEU C 407 -39.00 32.77 -9.16
N SER C 408 -39.31 32.85 -10.45
CA SER C 408 -40.13 31.84 -11.11
C SER C 408 -39.36 30.57 -11.47
N SER C 409 -38.04 30.56 -11.29
CA SER C 409 -37.26 29.36 -11.58
C SER C 409 -37.31 28.34 -10.44
N LEU C 410 -37.63 28.77 -9.23
CA LEU C 410 -37.66 27.87 -8.09
C LEU C 410 -38.81 26.88 -8.20
N ARG C 411 -38.65 25.73 -7.52
CA ARG C 411 -39.77 24.81 -7.37
C ARG C 411 -39.66 23.99 -6.07
N THR C 412 -38.52 24.07 -5.39
CA THR C 412 -38.33 23.41 -4.11
C THR C 412 -37.71 24.40 -3.14
N LEU C 413 -38.39 24.63 -2.01
CA LEU C 413 -37.96 25.58 -0.99
C LEU C 413 -37.74 24.81 0.30
N GLY C 414 -36.49 24.73 0.74
CA GLY C 414 -36.13 23.92 1.90
C GLY C 414 -35.93 24.74 3.15
N SER C 415 -36.29 24.14 4.29
CA SER C 415 -36.07 24.71 5.61
C SER C 415 -35.26 23.71 6.41
N VAL C 416 -34.41 24.22 7.30
CA VAL C 416 -33.44 23.36 7.98
C VAL C 416 -32.98 24.02 9.27
N GLY C 417 -32.58 23.19 10.24
CA GLY C 417 -31.83 23.63 11.39
C GLY C 417 -32.65 23.95 12.62
N GLU C 418 -33.96 24.07 12.49
CA GLU C 418 -34.81 24.49 13.59
C GLU C 418 -36.25 24.32 13.18
N PRO C 419 -37.17 24.24 14.14
CA PRO C 419 -38.59 24.13 13.77
C PRO C 419 -39.05 25.35 12.99
N ILE C 420 -39.93 25.10 12.02
CA ILE C 420 -40.51 26.16 11.20
C ILE C 420 -41.97 26.30 11.62
N SER C 421 -42.31 27.43 12.24
CA SER C 421 -43.67 27.62 12.70
C SER C 421 -44.62 27.69 11.50
N PRO C 422 -45.87 27.26 11.67
CA PRO C 422 -46.84 27.37 10.56
C PRO C 422 -46.91 28.75 9.96
N ASP C 423 -46.73 29.80 10.75
CA ASP C 423 -46.75 31.16 10.21
C ASP C 423 -45.62 31.35 9.21
N ILE C 424 -44.37 31.14 9.65
CA ILE C 424 -43.23 31.31 8.75
C ILE C 424 -43.37 30.41 7.54
N TRP C 425 -43.93 29.21 7.72
CA TRP C 425 -44.19 28.32 6.60
C TRP C 425 -45.07 29.00 5.55
N GLU C 426 -46.20 29.56 5.98
CA GLU C 426 -47.09 30.25 5.06
C GLU C 426 -46.41 31.45 4.41
N TRP C 427 -45.66 32.21 5.19
CA TRP C 427 -44.92 33.34 4.64
C TRP C 427 -43.92 32.85 3.59
N TYR C 428 -43.11 31.86 3.97
CA TYR C 428 -42.18 31.23 3.03
C TYR C 428 -42.92 30.73 1.79
N ASN C 429 -44.13 30.21 1.97
CA ASN C 429 -44.85 29.58 0.87
C ASN C 429 -45.40 30.61 -0.12
N GLU C 430 -45.89 31.74 0.39
CA GLU C 430 -46.60 32.69 -0.47
C GLU C 430 -45.66 33.71 -1.09
N PHE C 431 -44.80 34.35 -0.29
CA PHE C 431 -44.02 35.48 -0.80
C PHE C 431 -42.80 35.01 -1.58
N VAL C 432 -42.17 33.92 -1.16
CA VAL C 432 -41.02 33.39 -1.90
C VAL C 432 -41.46 32.35 -2.93
N GLY C 433 -42.34 31.44 -2.53
CA GLY C 433 -42.76 30.36 -3.42
C GLY C 433 -43.92 30.73 -4.31
N LYS C 434 -44.61 31.83 -3.98
CA LYS C 434 -45.74 32.30 -4.78
C LYS C 434 -46.85 31.25 -4.84
N ASN C 435 -46.99 30.47 -3.77
CA ASN C 435 -47.99 29.39 -3.72
C ASN C 435 -47.87 28.48 -4.94
N GLN C 436 -46.64 28.30 -5.42
CA GLN C 436 -46.36 27.46 -6.59
C GLN C 436 -45.22 26.48 -6.36
N CYS C 437 -44.65 26.44 -5.16
CA CYS C 437 -43.50 25.59 -4.88
C CYS C 437 -43.83 24.59 -3.79
N HIS C 438 -42.98 23.58 -3.70
CA HIS C 438 -43.02 22.59 -2.62
C HIS C 438 -42.07 23.03 -1.52
N ILE C 439 -42.46 22.75 -0.27
CA ILE C 439 -41.67 23.12 0.90
C ILE C 439 -41.26 21.84 1.61
N SER C 440 -39.95 21.66 1.81
CA SER C 440 -39.38 20.47 2.45
C SER C 440 -38.79 20.90 3.79
N ASP C 441 -39.54 20.69 4.86
CA ASP C 441 -39.04 20.93 6.23
C ASP C 441 -38.18 19.73 6.62
N THR C 442 -36.87 19.87 6.44
CA THR C 442 -35.94 18.77 6.70
C THR C 442 -35.49 18.80 8.15
N TYR C 443 -35.56 17.65 8.80
CA TYR C 443 -35.06 17.47 10.16
C TYR C 443 -33.89 16.49 10.12
N TRP C 444 -32.78 16.88 10.73
CA TRP C 444 -31.59 16.03 10.81
C TRP C 444 -30.58 16.71 11.73
N GLN C 445 -29.48 16.04 11.98
CA GLN C 445 -28.44 16.53 12.88
C GLN C 445 -27.07 16.43 12.20
N THR C 446 -26.08 17.04 12.85
CA THR C 446 -24.70 16.82 12.44
C THR C 446 -24.35 15.33 12.48
N GLU C 447 -24.88 14.62 13.48
CA GLU C 447 -24.52 13.22 13.67
C GLU C 447 -25.23 12.29 12.71
N SER C 448 -26.28 12.75 12.04
CA SER C 448 -26.97 11.91 11.06
C SER C 448 -26.39 12.05 9.65
N GLY C 449 -25.61 13.10 9.40
CA GLY C 449 -24.96 13.26 8.12
C GLY C 449 -25.87 13.85 7.06
N SER C 450 -27.12 13.38 7.00
CA SER C 450 -28.08 13.83 6.00
C SER C 450 -29.48 13.75 6.60
N HIS C 451 -30.47 14.03 5.76
CA HIS C 451 -31.85 14.17 6.23
C HIS C 451 -32.32 12.90 6.93
N LEU C 452 -33.08 13.09 8.02
CA LEU C 452 -33.74 11.99 8.72
C LEU C 452 -35.24 11.96 8.46
N ILE C 453 -35.90 13.12 8.53
CA ILE C 453 -37.34 13.25 8.29
C ILE C 453 -37.56 14.48 7.43
N ALA C 454 -38.29 14.32 6.32
CA ALA C 454 -38.52 15.44 5.43
C ALA C 454 -39.61 15.12 4.41
N PRO C 455 -40.37 16.12 3.94
CA PRO C 455 -41.35 15.88 2.87
C PRO C 455 -40.67 15.85 1.52
N LEU C 456 -40.68 14.67 0.88
CA LEU C 456 -40.09 14.55 -0.44
C LEU C 456 -40.79 15.48 -1.43
N ALA C 457 -39.98 16.16 -2.25
CA ALA C 457 -40.52 17.14 -3.18
C ALA C 457 -41.38 16.46 -4.23
N GLY C 458 -42.62 16.94 -4.39
CA GLY C 458 -43.52 16.37 -5.37
C GLY C 458 -44.06 14.99 -5.02
N VAL C 459 -43.97 14.59 -3.75
CA VAL C 459 -44.37 13.26 -3.35
C VAL C 459 -45.22 13.32 -2.08
N VAL C 460 -44.71 13.97 -1.05
CA VAL C 460 -45.32 13.98 0.27
C VAL C 460 -46.11 15.27 0.44
N PRO C 461 -47.43 15.22 0.66
CA PRO C 461 -48.15 16.44 1.00
C PRO C 461 -47.69 16.99 2.34
N ASN C 462 -47.79 18.31 2.49
CA ASN C 462 -47.24 18.99 3.65
C ASN C 462 -48.29 19.26 4.71
N LYS C 463 -47.85 19.21 5.96
CA LYS C 463 -48.59 19.77 7.08
C LYS C 463 -47.70 20.85 7.68
N PRO C 464 -48.03 22.14 7.55
CA PRO C 464 -47.11 23.18 8.01
C PRO C 464 -46.65 22.96 9.44
N GLY C 465 -45.34 22.94 9.63
CA GLY C 465 -44.72 22.68 10.92
C GLY C 465 -44.25 21.26 11.12
N SER C 466 -44.56 20.35 10.20
CA SER C 466 -44.23 18.94 10.33
C SER C 466 -43.24 18.54 9.25
N ALA C 467 -42.22 17.77 9.66
CA ALA C 467 -41.30 17.17 8.71
C ALA C 467 -41.88 15.94 8.04
N SER C 468 -43.02 15.42 8.54
CA SER C 468 -43.72 14.31 7.93
C SER C 468 -43.01 12.99 8.17
N TYR C 469 -42.65 12.26 7.09
CA TYR C 469 -42.25 10.87 7.20
C TYR C 469 -40.73 10.73 7.31
N PRO C 470 -40.25 9.64 7.89
CA PRO C 470 -38.81 9.37 7.89
C PRO C 470 -38.34 9.04 6.48
N PHE C 471 -37.03 9.20 6.27
CA PHE C 471 -36.41 8.96 4.99
C PHE C 471 -35.88 7.53 4.92
N PHE C 472 -35.47 7.11 3.71
CA PHE C 472 -34.94 5.79 3.48
C PHE C 472 -33.95 5.40 4.57
N GLY C 473 -34.06 4.17 5.05
CA GLY C 473 -33.16 3.64 6.05
C GLY C 473 -33.31 4.22 7.44
N ILE C 474 -34.24 5.15 7.64
CA ILE C 474 -34.46 5.78 8.94
C ILE C 474 -35.72 5.17 9.52
N ASP C 475 -35.56 4.24 10.45
CA ASP C 475 -36.67 3.61 11.16
C ASP C 475 -36.95 4.44 12.41
N ALA C 476 -37.87 5.38 12.30
CA ALA C 476 -38.16 6.27 13.40
C ALA C 476 -39.07 5.60 14.43
N ALA C 477 -38.97 6.08 15.67
CA ALA C 477 -39.78 5.55 16.76
C ALA C 477 -39.82 6.57 17.87
N LEU C 478 -40.84 6.44 18.73
CA LEU C 478 -40.96 7.25 19.93
C LEU C 478 -40.82 6.37 21.15
N ILE C 479 -40.03 6.81 22.13
CA ILE C 479 -39.78 6.08 23.35
C ILE C 479 -40.40 6.85 24.51
N ASP C 480 -40.99 6.14 25.44
CA ASP C 480 -41.51 6.74 26.66
C ASP C 480 -40.34 7.11 27.56
N PRO C 481 -40.07 8.39 27.82
CA PRO C 481 -38.86 8.74 28.57
C PRO C 481 -38.81 8.13 29.96
N VAL C 482 -39.97 7.84 30.56
CA VAL C 482 -40.00 7.35 31.93
C VAL C 482 -39.70 5.85 31.98
N THR C 483 -40.25 5.09 31.03
CA THR C 483 -40.17 3.64 31.07
C THR C 483 -39.12 3.07 30.11
N GLY C 484 -38.62 3.87 29.18
CA GLY C 484 -37.64 3.39 28.22
C GLY C 484 -38.18 2.36 27.26
N VAL C 485 -39.48 2.41 26.96
CA VAL C 485 -40.13 1.45 26.07
C VAL C 485 -40.67 2.18 24.86
N GLU C 486 -40.49 1.57 23.69
CA GLU C 486 -40.99 2.15 22.45
C GLU C 486 -42.51 2.21 22.47
N ILE C 487 -43.04 3.32 21.95
CA ILE C 487 -44.46 3.62 22.02
C ILE C 487 -45.13 3.12 20.74
N GLU C 488 -45.90 2.04 20.84
CA GLU C 488 -46.67 1.56 19.71
C GLU C 488 -47.86 2.48 19.45
N GLY C 489 -48.36 2.43 18.21
CA GLY C 489 -49.53 3.20 17.85
C GLY C 489 -49.25 4.68 17.69
N ASN C 490 -50.17 5.39 17.03
CA ASN C 490 -49.98 6.79 16.69
C ASN C 490 -50.72 7.69 17.70
N ASP C 491 -50.67 9.00 17.44
CA ASP C 491 -51.11 10.01 18.39
C ASP C 491 -50.32 9.87 19.70
N ALA C 492 -49.02 10.07 19.59
CA ALA C 492 -48.09 9.79 20.67
C ALA C 492 -47.05 10.89 20.78
N GLU C 493 -46.44 10.97 21.96
CA GLU C 493 -45.33 11.89 22.22
C GLU C 493 -44.25 11.14 22.97
N GLY C 494 -43.02 11.60 22.81
CA GLY C 494 -41.91 11.03 23.56
C GLY C 494 -40.58 11.35 22.90
N VAL C 495 -39.54 10.71 23.42
CA VAL C 495 -38.20 10.87 22.87
C VAL C 495 -38.15 10.26 21.48
N LEU C 496 -37.54 10.98 20.54
CA LEU C 496 -37.37 10.49 19.19
C LEU C 496 -36.10 9.65 19.08
N ALA C 497 -36.23 8.46 18.53
CA ALA C 497 -35.11 7.53 18.40
C ALA C 497 -35.24 6.77 17.10
N ILE C 498 -34.12 6.21 16.66
CA ILE C 498 -34.06 5.37 15.45
C ILE C 498 -33.67 3.96 15.89
N LYS C 499 -34.26 2.97 15.24
CA LYS C 499 -34.15 1.58 15.67
C LYS C 499 -33.03 0.81 14.98
N ASP C 500 -32.24 1.46 14.13
CA ASP C 500 -31.16 0.82 13.42
C ASP C 500 -30.34 1.92 12.76
N HIS C 501 -29.07 1.64 12.51
CA HIS C 501 -28.20 2.65 11.94
C HIS C 501 -28.41 2.74 10.42
N TRP C 502 -27.93 3.83 9.85
CA TRP C 502 -28.15 4.19 8.46
C TRP C 502 -26.82 4.61 7.84
N PRO C 503 -26.73 4.60 6.51
CA PRO C 503 -25.40 4.76 5.87
C PRO C 503 -24.62 6.00 6.32
N SER C 504 -25.26 7.16 6.37
CA SER C 504 -24.56 8.41 6.67
C SER C 504 -24.48 8.72 8.16
N MET C 505 -24.71 7.72 9.01
CA MET C 505 -24.65 7.94 10.45
C MET C 505 -23.21 8.12 10.90
N ALA C 506 -22.98 9.12 11.75
CA ALA C 506 -21.64 9.31 12.30
C ALA C 506 -21.19 8.05 13.01
N ARG C 507 -19.88 7.79 12.97
CA ARG C 507 -19.32 6.53 13.43
C ARG C 507 -18.61 6.60 14.78
N THR C 508 -18.20 7.79 15.22
CA THR C 508 -17.50 7.92 16.49
C THR C 508 -17.35 9.41 16.80
N VAL C 509 -16.92 9.68 18.03
CA VAL C 509 -16.35 10.96 18.42
C VAL C 509 -14.84 10.79 18.48
N TYR C 510 -14.11 11.68 17.82
CA TYR C 510 -12.68 11.45 17.55
C TYR C 510 -11.92 11.12 18.83
N LYS C 511 -11.28 9.94 18.82
CA LYS C 511 -10.49 9.46 19.95
C LYS C 511 -11.28 9.49 21.26
N ASN C 512 -12.60 9.37 21.16
CA ASN C 512 -13.46 9.35 22.35
C ASN C 512 -14.74 8.58 22.05
N HIS C 513 -14.59 7.35 21.56
CA HIS C 513 -15.75 6.52 21.23
C HIS C 513 -16.65 6.31 22.44
N THR C 514 -16.12 6.48 23.65
CA THR C 514 -16.98 6.33 24.83
C THR C 514 -17.98 7.46 24.94
N LYS C 515 -17.54 8.71 24.70
CA LYS C 515 -18.47 9.82 24.66
C LYS C 515 -19.54 9.59 23.61
N TYR C 516 -19.18 8.93 22.51
CA TYR C 516 -20.14 8.61 21.45
C TYR C 516 -21.15 7.58 21.93
N MET C 517 -20.69 6.50 22.57
CA MET C 517 -21.60 5.49 23.07
C MET C 517 -22.52 6.07 24.14
N ASP C 518 -21.95 6.86 25.06
CA ASP C 518 -22.77 7.41 26.13
C ASP C 518 -23.83 8.36 25.58
N THR C 519 -23.47 9.14 24.56
CA THR C 519 -24.38 10.17 24.07
C THR C 519 -25.52 9.58 23.23
N TYR C 520 -25.20 8.65 22.34
CA TYR C 520 -26.15 8.21 21.31
C TYR C 520 -26.69 6.81 21.53
N MET C 521 -25.84 5.83 21.88
CA MET C 521 -26.23 4.43 21.85
C MET C 521 -26.67 3.87 23.19
N ASN C 522 -26.16 4.41 24.31
CA ASN C 522 -26.39 3.81 25.61
C ASN C 522 -27.69 4.26 26.29
N PRO C 523 -28.16 5.51 26.10
CA PRO C 523 -29.36 5.94 26.82
C PRO C 523 -30.54 4.98 26.67
N TYR C 524 -30.79 4.51 25.46
CA TYR C 524 -31.85 3.55 25.17
C TYR C 524 -31.23 2.45 24.34
N PRO C 525 -30.62 1.46 24.98
CA PRO C 525 -29.87 0.43 24.24
C PRO C 525 -30.70 -0.19 23.12
N GLY C 526 -30.07 -0.33 21.96
CA GLY C 526 -30.75 -0.80 20.77
C GLY C 526 -31.28 0.30 19.88
N TYR C 527 -31.27 1.55 20.35
CA TYR C 527 -31.76 2.68 19.59
C TYR C 527 -30.65 3.73 19.44
N TYR C 528 -30.88 4.65 18.51
CA TYR C 528 -30.11 5.88 18.41
C TYR C 528 -30.91 7.01 19.04
N PHE C 529 -30.27 7.74 19.95
CA PHE C 529 -30.92 8.81 20.71
C PHE C 529 -30.62 10.14 20.03
N THR C 530 -31.67 10.75 19.44
CA THR C 530 -31.52 12.01 18.72
C THR C 530 -31.34 13.20 19.65
N GLY C 531 -31.56 13.05 20.94
CA GLY C 531 -31.58 14.18 21.84
C GLY C 531 -32.83 15.03 21.75
N ASP C 532 -33.75 14.69 20.86
CA ASP C 532 -34.96 15.47 20.61
C ASP C 532 -36.19 14.70 21.08
N GLY C 533 -37.23 15.45 21.41
CA GLY C 533 -38.56 14.90 21.60
C GLY C 533 -39.42 15.22 20.39
N ALA C 534 -40.38 14.34 20.12
CA ALA C 534 -41.24 14.51 18.95
C ALA C 534 -42.59 13.88 19.22
N ALA C 535 -43.50 14.10 18.29
CA ALA C 535 -44.85 13.53 18.34
C ALA C 535 -45.20 12.95 16.98
N ARG C 536 -46.00 11.88 17.00
CA ARG C 536 -46.43 11.20 15.79
C ARG C 536 -47.95 11.17 15.79
N ASP C 537 -48.54 11.67 14.71
CA ASP C 537 -49.99 11.79 14.60
C ASP C 537 -50.58 10.59 13.87
N HIS C 538 -51.91 10.62 13.70
CA HIS C 538 -52.60 9.45 13.16
C HIS C 538 -52.17 9.11 11.75
N ASP C 539 -51.66 10.09 10.99
CA ASP C 539 -51.17 9.84 9.65
C ASP C 539 -49.71 9.46 9.61
N GLY C 540 -49.06 9.35 10.77
CA GLY C 540 -47.64 9.02 10.82
C GLY C 540 -46.71 10.20 10.64
N TYR C 541 -47.23 11.40 10.39
CA TYR C 541 -46.39 12.59 10.31
C TYR C 541 -45.74 12.86 11.66
N TYR C 542 -44.46 13.17 11.65
CA TYR C 542 -43.70 13.46 12.86
C TYR C 542 -43.64 14.97 13.08
N TRP C 543 -43.84 15.39 14.33
CA TRP C 543 -43.78 16.78 14.74
C TRP C 543 -42.64 16.95 15.74
N ILE C 544 -41.58 17.63 15.33
CA ILE C 544 -40.42 17.81 16.18
C ILE C 544 -40.74 18.82 17.28
N ARG C 545 -40.45 18.45 18.53
CA ARG C 545 -40.81 19.27 19.69
C ARG C 545 -39.59 19.85 20.40
N GLY C 546 -38.43 19.83 19.77
CA GLY C 546 -37.25 20.44 20.35
C GLY C 546 -36.44 19.49 21.22
N ARG C 547 -35.34 20.02 21.72
CA ARG C 547 -34.40 19.21 22.50
C ARG C 547 -34.96 18.87 23.87
N VAL C 548 -34.54 17.72 24.38
CA VAL C 548 -34.90 17.29 25.73
C VAL C 548 -33.66 17.40 26.61
C1 YHT D . 11.82 -30.78 13.85
C2 YHT D . 12.08 -32.16 14.46
C3 YHT D . 11.09 -32.14 15.64
C4 YHT D . 8.62 -31.97 15.13
C5 YHT D . 8.07 -34.01 14.91
C6 YHT D . 9.43 -34.01 15.18
C12 YHT D . 7.08 -28.41 15.57
C13 YHT D . 6.40 -29.13 14.92
C10 YHT D . 10.97 -28.61 14.92
C11 YHT D . 7.96 -27.55 16.35
C7 YHT D . 9.53 -36.20 15.07
C8 YHT D . 7.45 -35.26 14.70
C9 YHT D . 11.67 -29.93 15.12
N1 YHT D . 9.78 -32.68 15.33
N2 YHT D . 7.57 -32.72 14.88
N3 YHT D . 10.22 -35.09 15.27
N4 YHT D . 8.23 -36.37 14.79
N5 YHT D . 6.16 -35.41 14.43
O1 YHT D . 12.87 -30.31 13.01
O2 YHT D . 10.92 -30.78 16.01
O3 YHT D . 13.40 -32.19 14.97
O4 YHT D . 11.01 -27.85 16.15
O5 YHT D . 10.98 -25.66 14.96
O6 YHT D . 8.86 -26.83 15.51
O7 YHT D . 10.17 -25.80 17.39
P1 YHT D . 10.30 -26.42 16.05
C1 GOL E . -14.76 -14.31 -1.64
O1 GOL E . -13.96 -15.37 -1.13
C2 GOL E . -14.61 -13.11 -0.73
O2 GOL E . -14.89 -11.93 -1.46
C3 GOL E . -15.53 -13.26 0.47
O3 GOL E . -15.20 -12.26 1.41
C1 GOL F . -7.67 -45.46 6.24
O1 GOL F . -6.93 -46.40 6.98
C2 GOL F . -8.97 -46.07 5.75
O2 GOL F . -9.84 -45.04 5.34
C3 GOL F . -8.69 -47.06 4.62
O3 GOL F . -9.94 -47.56 4.16
C1 GOL G . 11.24 -16.73 -11.65
O1 GOL G . 12.47 -16.61 -10.95
C2 GOL G . 10.71 -18.16 -11.57
O2 GOL G . 9.91 -18.44 -12.71
C3 GOL G . 11.86 -19.17 -11.45
O3 GOL G . 11.40 -20.44 -11.85
C1 GOL H . -12.11 -8.77 28.21
O1 GOL H . -11.23 -8.21 29.16
C2 GOL H . -11.34 -9.72 27.32
O2 GOL H . -11.98 -10.97 27.28
C3 GOL H . -11.17 -9.13 25.92
O3 GOL H . -10.10 -8.19 25.98
C1 PGE I . 6.90 -38.04 -5.52
O1 PGE I . 6.35 -37.50 -6.71
C2 PGE I . 6.09 -39.24 -5.08
O2 PGE I . 6.63 -39.78 -3.89
C3 PGE I . 5.92 -39.60 -2.68
C4 PGE I . 4.53 -40.20 -2.71
O4 PGE I . 1.03 -41.66 -1.22
C6 PGE I . 1.81 -41.02 -2.20
C5 PGE I . 2.52 -39.83 -1.55
O3 PGE I . 3.90 -40.09 -1.45
C1 PGE J . 2.31 -24.45 30.61
O1 PGE J . 3.37 -24.40 31.52
C2 PGE J . 1.50 -23.18 30.71
O2 PGE J . 2.30 -22.05 30.43
C3 PGE J . 1.64 -20.81 30.33
C4 PGE J . 2.49 -19.59 30.62
O4 PGE J . 6.37 -18.98 32.39
C6 PGE J . 5.15 -18.74 31.73
C5 PGE J . 4.83 -19.95 30.87
O3 PGE J . 3.76 -19.64 30.00
S SO4 K . 31.01 -29.80 16.82
O1 SO4 K . 31.99 -30.02 17.94
O2 SO4 K . 29.61 -29.92 17.31
O3 SO4 K . 31.27 -30.82 15.75
O4 SO4 K . 31.16 -28.42 16.25
S SO4 L . -2.71 1.12 -1.47
O1 SO4 L . -2.65 -0.32 -1.07
O2 SO4 L . -4.12 1.61 -1.30
O3 SO4 L . -1.82 1.94 -0.57
O4 SO4 L . -2.28 1.32 -2.90
S SO4 M . 34.80 -23.43 20.48
O1 SO4 M . 35.96 -23.58 21.42
O2 SO4 M . 33.58 -23.23 21.32
O3 SO4 M . 34.68 -24.63 19.58
O4 SO4 M . 35.00 -22.20 19.65
S SO4 N . 8.57 -44.35 25.92
O1 SO4 N . 7.13 -44.55 26.30
O2 SO4 N . 9.42 -44.65 27.12
O3 SO4 N . 8.82 -42.94 25.47
O4 SO4 N . 8.91 -45.34 24.84
S SO4 O . 7.28 -24.67 -11.65
O1 SO4 O . 7.25 -25.42 -10.34
O2 SO4 O . 6.90 -23.24 -11.41
O3 SO4 O . 8.66 -24.71 -12.26
O4 SO4 O . 6.30 -25.31 -12.59
S SO4 P . -13.73 -21.61 4.21
O1 SO4 P . -13.85 -22.78 5.13
O2 SO4 P . -14.60 -20.49 4.70
O3 SO4 P . -14.10 -22.01 2.81
O4 SO4 P . -12.29 -21.13 4.20
C1 YHT Q . 16.30 18.60 -29.73
C2 YHT Q . 17.10 19.04 -30.95
C3 YHT Q . 18.26 18.05 -30.90
C4 YHT Q . 17.61 15.60 -31.12
C5 YHT Q . 17.71 15.31 -33.22
C6 YHT Q . 18.05 16.63 -33.00
C12 YHT Q . 17.72 13.67 -27.51
C13 YHT Q . 17.25 13.04 -28.39
C10 YHT Q . 17.08 17.50 -27.55
C11 YHT Q . 18.38 14.41 -26.43
C7 YHT Q . 18.35 17.00 -35.15
C8 YHT Q . 17.69 14.85 -34.55
C9 YHT Q . 17.44 18.35 -28.73
N1 YHT Q . 17.98 16.81 -31.64
N2 YHT Q . 17.42 14.67 -32.02
N3 YHT Q . 18.39 17.53 -33.93
N4 YHT Q . 18.02 15.75 -35.51
N5 YHT Q . 17.38 13.61 -34.91
O1 YHT Q . 15.37 19.56 -29.23
O2 YHT Q . 18.45 17.70 -29.53
O3 YHT Q . 17.61 20.34 -30.76
O4 YHT Q . 18.20 17.46 -26.61
O5 YHT Q . 19.19 16.51 -24.49
O6 YHT Q . 17.45 15.26 -25.77
O7 YHT Q . 16.76 17.36 -24.56
P1 YHT Q . 17.91 16.70 -25.23
C1 GOL R . -1.37 -9.64 -17.30
O1 GOL R . -0.64 -8.98 -18.31
C2 GOL R . -1.05 -9.03 -15.94
O2 GOL R . -2.14 -9.30 -15.08
C3 GOL R . 0.22 -9.62 -15.33
O3 GOL R . 0.99 -10.22 -16.34
C1 GOL S . 10.79 1.14 -47.18
O1 GOL S . 11.94 1.75 -47.69
C2 GOL S . 10.20 0.19 -48.22
O2 GOL S . 11.25 -0.54 -48.81
C3 GOL S . 9.19 -0.72 -47.57
O3 GOL S . 8.41 -1.30 -48.59
C1 PGE T . 0.62 14.38 -41.77
O1 PGE T . -0.62 14.27 -41.08
C2 PGE T . 1.63 13.46 -41.14
O2 PGE T . 1.59 12.22 -41.81
C3 PGE T . 2.35 11.17 -41.25
C4 PGE T . 2.12 9.84 -41.91
O4 PGE T . 1.87 10.34 -45.74
C6 PGE T . 2.18 8.99 -45.49
C5 PGE T . 2.52 8.85 -44.01
O3 PGE T . 2.06 9.97 -43.32
CL CL U . 6.74 53.71 -22.47
CL CL V . 16.14 29.89 -15.41
S SO4 W . 29.42 16.62 -40.44
O1 SO4 W . 28.64 17.85 -40.83
O2 SO4 W . 28.58 15.80 -39.50
O3 SO4 W . 30.67 17.04 -39.73
O4 SO4 W . 29.76 15.84 -41.68
S SO4 X . -9.87 14.11 -28.07
O1 SO4 X . -10.64 13.18 -28.96
O2 SO4 X . -10.15 13.79 -26.63
O3 SO4 X . -10.27 15.53 -28.36
O4 SO4 X . -8.40 13.95 -28.32
S SO4 Y . -9.67 -4.84 -8.87
O1 SO4 Y . -9.10 -5.63 -7.72
O2 SO4 Y . -10.62 -3.81 -8.33
O3 SO4 Y . -10.40 -5.80 -9.77
O4 SO4 Y . -8.56 -4.20 -9.66
S SO4 Z . 24.58 22.78 -14.86
O1 SO4 Z . 24.83 22.27 -13.47
O2 SO4 Z . 23.50 21.98 -15.50
O3 SO4 Z . 25.84 22.65 -15.68
O4 SO4 Z . 24.16 24.21 -14.78
C1 YHT AA . -31.85 18.89 15.87
C2 YHT AA . -33.06 19.69 16.37
C3 YHT AA . -32.90 20.96 15.54
C4 YHT AA . -32.87 20.67 13.02
C5 YHT AA . -34.95 20.78 12.55
C6 YHT AA . -34.85 20.93 13.92
C12 YHT AA . -29.21 20.59 11.30
C13 YHT AA . -30.07 20.23 10.58
C10 YHT AA . -29.56 19.71 15.01
C11 YHT AA . -28.19 21.17 12.17
C7 YHT AA . -37.04 21.13 14.13
C8 YHT AA . -36.23 20.82 11.98
C9 YHT AA . -30.79 19.99 15.86
N1 YHT AA . -33.51 20.86 14.21
N2 YHT AA . -33.68 20.61 11.99
N3 YHT AA . -35.87 21.11 14.78
N4 YHT AA . -37.27 21.00 12.81
N5 YHT AA . -36.46 20.69 10.67
O1 YHT AA . -31.49 17.81 16.73
O2 YHT AA . -31.49 21.15 15.36
O3 YHT AA . -32.89 20.01 17.74
O4 YHT AA . -28.60 20.78 15.17
O5 YHT AA . -26.43 21.83 14.45
O6 YHT AA . -27.57 20.18 13.00
O7 YHT AA . -26.57 19.35 15.14
P1 YHT AA . -27.17 20.54 14.50
C1 GOL BA . -47.67 15.69 -3.28
O1 GOL BA . -48.34 16.41 -2.28
C2 GOL BA . -48.67 15.02 -4.19
O2 GOL BA . -49.84 15.81 -4.28
C3 GOL BA . -48.06 14.80 -5.57
O3 GOL BA . -49.01 14.14 -6.37
C1 GOL CA . -16.46 5.61 -13.29
O1 GOL CA . -15.05 5.44 -13.25
C2 GOL CA . -17.13 4.26 -13.32
O2 GOL CA . -16.93 3.59 -12.09
C3 GOL CA . -18.62 4.40 -13.58
O3 GOL CA . -19.19 4.74 -12.34
S SO4 DA . -16.51 26.21 21.79
O1 SO4 DA . -17.72 25.40 21.43
O2 SO4 DA . -16.53 26.51 23.26
O3 SO4 DA . -15.25 25.46 21.44
O4 SO4 DA . -16.53 27.50 21.01
S SO4 EA . -43.18 33.01 14.61
O1 SO4 EA . -43.75 33.24 15.98
O2 SO4 EA . -44.29 32.65 13.67
O3 SO4 EA . -42.16 31.91 14.68
O4 SO4 EA . -42.51 34.27 14.13
S SO4 FA . -29.55 -6.43 8.50
O1 SO4 FA . -29.18 -7.50 9.48
O2 SO4 FA . -30.24 -5.31 9.22
O3 SO4 FA . -28.30 -5.89 7.84
O4 SO4 FA . -30.44 -7.01 7.45
#